data_1W07
#
_entry.id   1W07
#
_cell.length_a   85.201
_cell.length_b   117.001
_cell.length_c   131.047
_cell.angle_alpha   90.00
_cell.angle_beta   90.00
_cell.angle_gamma   90.00
#
_symmetry.space_group_name_H-M   'P 21 21 21'
#
loop_
_entity.id
_entity.type
_entity.pdbx_description
1 polymer 'ACYL-COA OXIDASE'
2 non-polymer 'FLAVIN-ADENINE DINUCLEOTIDE'
3 non-polymer 'CALCIUM ION'
4 non-polymer 'CHLORIDE ION'
5 non-polymer 'PLATINUM (II) ION'
6 water water
#
_entity_poly.entity_id   1
_entity_poly.type   'polypeptide(L)'
_entity_poly.pdbx_seq_one_letter_code
;MEGIDHLADERNKAEFDVEDMKIVWAGSRHAFEVSDRIARLVASDPVFEKSNRARLSRKELFKSTLRKCAHAFKRIIELR
LNEEEAGRLRHFIDQPAYVDLHWGMFVPAIKGQGTEEQQKKWLSLANKMQIIGCYAQTELGHGSNVQGLETTATLDPKTD
EFVIHTPTQTASKWWPGGLGKVSTHAVVYARLITNGKDYGIHGFIVQLRSLEDHSPLPNITVGDIGTKMGNGAYNSMDNG
FLMFDHVRIPRDQMLMRLSKVTREGEYVPSDVPKQLVYGTMVYVRQTIVADASNALSRAVCIATRYSAVRRQFGAHNGGI
ETQVIDYKTQQNRLFPLLASAYAFRFVGEWLKWLYTDVTERLAASDFATLPEAHACTAGLKSLTTTATADGIEECRKLCG
GHGYLWCSGLPELFAVYVPACTYEGDNVVLQLQVARFLMKTVAQLGSGKVPVGTTAYMGRAAHLLQCRSGVQKAEDWLNP
DVVLEAFEARALRMAVTCAKNLSKFENQEQGFQELLADLVEAAIAHCQLIVVSKFIAKLEQDIGGKGVKKQLNNLCYIYA
LYLLHKHLGDFLSTNCITPKQASLANDQLRSLYTQVRPNAVALVDAFNYTDHYLNSVLGRYDGNVYPKLFEEALKDPLND
SVVPDGYQEYLRPVLQQQL
;
_entity_poly.pdbx_strand_id   A,B
#
# COMPACT_ATOMS: atom_id res chain seq x y z
N GLU A 2 -13.16 17.88 26.01
N GLU A 2 -13.71 17.55 26.65
CA GLU A 2 -14.30 18.82 26.26
CA GLU A 2 -14.33 18.85 26.26
C GLU A 2 -15.40 18.59 25.23
C GLU A 2 -15.41 18.64 25.21
N GLY A 3 -15.01 18.20 24.04
CA GLY A 3 -15.98 17.97 22.97
C GLY A 3 -16.23 19.19 22.10
N ILE A 4 -15.59 20.32 22.39
CA ILE A 4 -15.80 21.51 21.57
C ILE A 4 -15.33 21.24 20.13
N ASP A 5 -16.12 21.63 19.17
CA ASP A 5 -15.78 21.39 17.78
C ASP A 5 -14.81 22.41 17.22
N HIS A 6 -13.53 22.04 17.11
CA HIS A 6 -12.50 22.93 16.58
C HIS A 6 -12.44 22.98 15.07
N LEU A 7 -13.37 22.32 14.41
CA LEU A 7 -13.45 22.36 12.96
C LEU A 7 -14.72 23.11 12.56
N ALA A 8 -15.35 23.77 13.54
CA ALA A 8 -16.58 24.54 13.28
C ALA A 8 -16.36 25.62 12.23
N ASP A 9 -15.18 26.23 12.23
CA ASP A 9 -14.87 27.27 11.25
C ASP A 9 -14.76 26.68 9.83
N GLU A 10 -14.35 25.42 9.75
CA GLU A 10 -14.25 24.77 8.45
C GLU A 10 -15.65 24.42 7.97
N ARG A 11 -16.45 23.87 8.86
CA ARG A 11 -17.82 23.49 8.53
C ARG A 11 -18.72 24.66 8.15
N ASN A 12 -18.43 25.83 8.71
CA ASN A 12 -19.23 27.01 8.41
C ASN A 12 -18.99 27.49 6.98
N LYS A 13 -17.93 27.01 6.34
CA LYS A 13 -17.63 27.37 4.97
C LYS A 13 -18.52 26.63 3.96
N ALA A 14 -19.16 25.55 4.40
CA ALA A 14 -20.01 24.74 3.51
C ALA A 14 -21.02 25.59 2.75
N GLU A 15 -21.11 25.36 1.44
CA GLU A 15 -22.04 26.10 0.61
C GLU A 15 -23.27 25.25 0.34
N PHE A 16 -23.55 24.34 1.25
CA PHE A 16 -24.70 23.45 1.13
C PHE A 16 -25.02 22.92 2.52
N ASP A 17 -26.24 22.44 2.72
CA ASP A 17 -26.66 21.89 4.01
C ASP A 17 -26.15 20.46 4.11
N VAL A 18 -25.20 20.21 5.00
CA VAL A 18 -24.64 18.88 5.16
C VAL A 18 -25.73 17.85 5.37
N GLU A 19 -26.80 18.24 6.07
CA GLU A 19 -27.90 17.32 6.34
C GLU A 19 -28.52 16.76 5.06
N ASP A 20 -28.61 17.59 4.02
CA ASP A 20 -29.18 17.14 2.76
C ASP A 20 -28.23 16.15 2.08
N MET A 21 -26.93 16.43 2.17
CA MET A 21 -25.93 15.57 1.55
C MET A 21 -25.87 14.22 2.27
N LYS A 22 -26.25 14.21 3.55
CA LYS A 22 -26.26 12.95 4.29
C LYS A 22 -27.28 11.99 3.68
N ILE A 23 -28.41 12.52 3.22
CA ILE A 23 -29.47 11.72 2.61
C ILE A 23 -28.99 11.20 1.27
N VAL A 24 -28.32 12.05 0.49
CA VAL A 24 -27.81 11.62 -0.81
C VAL A 24 -26.83 10.45 -0.59
N TRP A 25 -25.91 10.61 0.35
CA TRP A 25 -24.93 9.55 0.61
C TRP A 25 -25.60 8.27 1.08
N ALA A 26 -26.55 8.40 2.01
CA ALA A 26 -27.26 7.25 2.55
C ALA A 26 -28.07 6.57 1.46
N GLY A 27 -28.60 7.37 0.54
CA GLY A 27 -29.41 6.82 -0.54
C GLY A 27 -30.89 7.12 -0.40
N SER A 28 -31.32 7.30 0.84
CA SER A 28 -32.71 7.62 1.16
C SER A 28 -32.79 8.04 2.60
N ARG A 29 -33.91 8.65 2.99
CA ARG A 29 -34.08 9.08 4.37
C ARG A 29 -34.20 7.87 5.31
N HIS A 30 -34.89 6.83 4.84
CA HIS A 30 -35.06 5.62 5.63
C HIS A 30 -33.70 4.95 5.89
N ALA A 31 -32.88 4.84 4.86
CA ALA A 31 -31.56 4.23 4.99
C ALA A 31 -30.69 5.03 5.97
N PHE A 32 -30.79 6.35 5.89
CA PHE A 32 -30.04 7.24 6.77
C PHE A 32 -30.45 7.10 8.22
N GLU A 33 -31.76 7.13 8.47
N GLU A 33 -31.75 7.14 8.47
CA GLU A 33 -32.29 7.02 9.83
CA GLU A 33 -32.28 7.03 9.83
C GLU A 33 -31.93 5.70 10.49
C GLU A 33 -31.94 5.69 10.49
N VAL A 34 -32.09 4.61 9.74
CA VAL A 34 -31.79 3.28 10.26
C VAL A 34 -30.30 3.13 10.60
N SER A 35 -29.45 3.52 9.66
CA SER A 35 -28.02 3.41 9.85
C SER A 35 -27.55 4.30 11.00
N ASP A 36 -28.04 5.54 11.03
CA ASP A 36 -27.65 6.49 12.06
C ASP A 36 -28.03 6.01 13.45
N ARG A 37 -29.20 5.38 13.56
CA ARG A 37 -29.69 4.86 14.85
C ARG A 37 -28.86 3.66 15.32
N ILE A 38 -28.70 2.67 14.45
CA ILE A 38 -27.91 1.48 14.78
C ILE A 38 -26.44 1.85 15.08
N ALA A 39 -25.93 2.83 14.34
CA ALA A 39 -24.55 3.28 14.54
C ALA A 39 -24.37 3.80 15.96
N ARG A 40 -25.28 4.68 16.39
CA ARG A 40 -25.22 5.24 17.74
C ARG A 40 -25.37 4.12 18.75
N LEU A 41 -26.23 3.17 18.43
CA LEU A 41 -26.45 2.03 19.32
C LEU A 41 -25.16 1.27 19.57
N VAL A 42 -24.43 0.97 18.49
CA VAL A 42 -23.17 0.22 18.60
C VAL A 42 -22.11 1.02 19.34
N ALA A 43 -21.97 2.30 18.98
CA ALA A 43 -20.99 3.18 19.61
C ALA A 43 -21.20 3.33 21.12
N SER A 44 -22.45 3.30 21.55
CA SER A 44 -22.73 3.45 22.97
C SER A 44 -22.63 2.15 23.75
N ASP A 45 -22.27 1.05 23.10
CA ASP A 45 -22.16 -0.23 23.80
C ASP A 45 -20.69 -0.56 24.07
N PRO A 46 -20.31 -0.63 25.36
CA PRO A 46 -18.95 -0.94 25.78
C PRO A 46 -18.36 -2.23 25.17
N VAL A 47 -19.18 -3.25 25.06
CA VAL A 47 -18.74 -4.51 24.51
C VAL A 47 -18.18 -4.36 23.09
N PHE A 48 -18.67 -3.36 22.37
CA PHE A 48 -18.22 -3.15 21.00
C PHE A 48 -17.03 -2.19 20.86
N GLU A 49 -16.33 -1.89 21.94
CA GLU A 49 -15.18 -0.99 21.84
C GLU A 49 -14.09 -1.69 21.04
N LYS A 50 -13.26 -0.92 20.35
CA LYS A 50 -12.19 -1.52 19.54
C LYS A 50 -10.97 -0.62 19.41
N SER A 51 -10.79 0.28 20.37
CA SER A 51 -9.64 1.20 20.33
C SER A 51 -8.39 0.53 20.90
N ASN A 52 -8.56 -0.63 21.54
CA ASN A 52 -7.44 -1.37 22.12
C ASN A 52 -7.25 -2.71 21.39
N ARG A 53 -7.85 -2.81 20.21
CA ARG A 53 -7.79 -4.01 19.39
C ARG A 53 -6.35 -4.38 18.98
N ALA A 54 -5.45 -3.40 19.01
CA ALA A 54 -4.05 -3.66 18.64
C ALA A 54 -3.14 -3.91 19.86
N ARG A 55 -3.76 -4.09 21.03
CA ARG A 55 -2.98 -4.35 22.26
C ARG A 55 -3.27 -5.75 22.83
N LEU A 56 -4.01 -6.56 22.07
CA LEU A 56 -4.37 -7.90 22.51
C LEU A 56 -3.66 -8.96 21.66
N SER A 57 -3.45 -10.14 22.23
CA SER A 57 -2.81 -11.23 21.52
C SER A 57 -3.82 -11.86 20.56
N ARG A 58 -3.34 -12.69 19.63
CA ARG A 58 -4.19 -13.40 18.67
C ARG A 58 -5.33 -14.09 19.41
N LYS A 59 -4.98 -14.93 20.40
CA LYS A 59 -5.98 -15.66 21.19
C LYS A 59 -7.01 -14.76 21.84
N GLU A 60 -6.52 -13.68 22.48
CA GLU A 60 -7.40 -12.73 23.15
C GLU A 60 -8.26 -11.99 22.16
N LEU A 61 -7.67 -11.61 21.02
CA LEU A 61 -8.44 -10.91 19.98
C LEU A 61 -9.55 -11.81 19.46
N PHE A 62 -9.23 -13.08 19.20
CA PHE A 62 -10.23 -14.01 18.70
C PHE A 62 -11.38 -14.21 19.70
N LYS A 63 -11.03 -14.49 20.95
CA LYS A 63 -12.02 -14.68 22.00
C LYS A 63 -12.91 -13.43 22.15
N SER A 64 -12.28 -12.25 22.12
CA SER A 64 -13.05 -11.01 22.22
C SER A 64 -14.03 -10.91 21.07
N THR A 65 -13.62 -11.40 19.90
CA THR A 65 -14.48 -11.40 18.73
C THR A 65 -15.68 -12.31 18.95
N LEU A 66 -15.45 -13.49 19.52
CA LEU A 66 -16.55 -14.42 19.78
C LEU A 66 -17.55 -13.76 20.73
N ARG A 67 -17.03 -13.05 21.72
CA ARG A 67 -17.87 -12.35 22.69
C ARG A 67 -18.73 -11.28 22.01
N LYS A 68 -18.13 -10.46 21.16
CA LYS A 68 -18.90 -9.43 20.48
C LYS A 68 -20.00 -10.06 19.65
N CYS A 69 -19.69 -11.17 18.97
CA CYS A 69 -20.67 -11.87 18.14
C CYS A 69 -21.85 -12.40 18.96
N ALA A 70 -21.54 -13.04 20.09
CA ALA A 70 -22.56 -13.58 21.00
C ALA A 70 -23.42 -12.43 21.52
N HIS A 71 -22.76 -11.34 21.91
CA HIS A 71 -23.46 -10.18 22.43
C HIS A 71 -24.36 -9.60 21.34
N ALA A 72 -23.85 -9.52 20.11
CA ALA A 72 -24.63 -9.00 18.98
C ALA A 72 -25.91 -9.82 18.78
N PHE A 73 -25.78 -11.15 18.81
CA PHE A 73 -26.91 -12.05 18.64
C PHE A 73 -27.95 -11.76 19.72
N LYS A 74 -27.49 -11.65 20.96
CA LYS A 74 -28.37 -11.38 22.08
C LYS A 74 -29.11 -10.05 21.91
N ARG A 75 -28.39 -9.02 21.51
CA ARG A 75 -29.01 -7.70 21.35
C ARG A 75 -30.05 -7.72 20.25
N ILE A 76 -29.76 -8.45 19.18
CA ILE A 76 -30.69 -8.56 18.06
C ILE A 76 -32.02 -9.12 18.55
N ILE A 77 -31.96 -10.14 19.39
CA ILE A 77 -33.17 -10.76 19.93
C ILE A 77 -33.87 -9.87 20.95
N GLU A 78 -33.11 -9.40 21.94
CA GLU A 78 -33.67 -8.56 22.98
C GLU A 78 -34.29 -7.28 22.43
N LEU A 79 -33.69 -6.73 21.37
CA LEU A 79 -34.18 -5.51 20.75
C LEU A 79 -35.11 -5.81 19.57
N ARG A 80 -35.20 -7.08 19.22
CA ARG A 80 -36.06 -7.51 18.12
C ARG A 80 -35.74 -6.74 16.85
N LEU A 81 -34.46 -6.68 16.52
CA LEU A 81 -34.01 -5.99 15.33
C LEU A 81 -34.34 -6.80 14.08
N ASN A 82 -34.79 -6.11 13.04
CA ASN A 82 -35.11 -6.77 11.78
C ASN A 82 -33.83 -7.07 11.03
N GLU A 83 -33.96 -7.67 9.85
CA GLU A 83 -32.82 -8.04 9.04
C GLU A 83 -31.93 -6.85 8.71
N GLU A 84 -32.56 -5.75 8.31
CA GLU A 84 -31.84 -4.53 7.96
C GLU A 84 -31.03 -4.02 9.14
N GLU A 85 -31.69 -3.84 10.29
CA GLU A 85 -31.04 -3.35 11.49
C GLU A 85 -29.91 -4.27 11.94
N ALA A 86 -30.15 -5.59 11.83
CA ALA A 86 -29.16 -6.60 12.22
C ALA A 86 -27.94 -6.48 11.33
N GLY A 87 -28.18 -6.25 10.05
CA GLY A 87 -27.08 -6.10 9.11
C GLY A 87 -26.29 -4.84 9.41
N ARG A 88 -26.97 -3.77 9.79
CA ARG A 88 -26.28 -2.53 10.11
C ARG A 88 -25.53 -2.67 11.43
N LEU A 89 -26.07 -3.48 12.34
CA LEU A 89 -25.42 -3.69 13.62
C LEU A 89 -24.07 -4.34 13.41
N ARG A 90 -24.04 -5.39 12.58
CA ARG A 90 -22.78 -6.09 12.32
C ARG A 90 -21.81 -5.17 11.58
N HIS A 91 -22.35 -4.36 10.67
CA HIS A 91 -21.54 -3.43 9.92
C HIS A 91 -20.78 -2.46 10.83
N PHE A 92 -21.48 -1.89 11.81
CA PHE A 92 -20.83 -0.95 12.70
C PHE A 92 -19.95 -1.57 13.78
N ILE A 93 -20.16 -2.85 14.07
CA ILE A 93 -19.31 -3.55 15.03
C ILE A 93 -17.91 -3.50 14.39
N ASP A 94 -17.92 -3.52 13.05
CA ASP A 94 -16.71 -3.40 12.22
C ASP A 94 -15.57 -4.32 12.60
N GLN A 95 -15.87 -5.62 12.74
CA GLN A 95 -14.84 -6.57 13.09
C GLN A 95 -15.06 -7.91 12.41
N PRO A 96 -14.20 -8.24 11.42
CA PRO A 96 -14.29 -9.48 10.66
C PRO A 96 -14.45 -10.70 11.58
N ALA A 97 -15.52 -11.45 11.36
CA ALA A 97 -15.84 -12.60 12.20
C ALA A 97 -16.52 -13.69 11.37
N TYR A 98 -16.58 -14.89 11.92
CA TYR A 98 -17.20 -16.03 11.26
C TYR A 98 -18.62 -15.74 10.79
N VAL A 99 -19.32 -14.86 11.51
CA VAL A 99 -20.70 -14.51 11.20
C VAL A 99 -20.86 -13.88 9.81
N ASP A 100 -19.86 -13.15 9.35
CA ASP A 100 -19.93 -12.52 8.04
C ASP A 100 -20.05 -13.56 6.91
N LEU A 101 -19.37 -14.69 7.07
CA LEU A 101 -19.41 -15.73 6.05
C LEU A 101 -20.60 -16.67 6.21
N HIS A 102 -21.05 -16.85 7.44
CA HIS A 102 -22.20 -17.68 7.73
C HIS A 102 -23.40 -17.08 6.97
N TRP A 103 -23.64 -15.80 7.19
CA TRP A 103 -24.73 -15.09 6.54
C TRP A 103 -24.41 -14.66 5.11
N GLY A 104 -23.14 -14.37 4.87
CA GLY A 104 -22.75 -13.87 3.56
C GLY A 104 -22.42 -14.84 2.45
N MET A 105 -22.17 -16.11 2.80
N MET A 105 -22.17 -16.10 2.80
CA MET A 105 -21.83 -17.11 1.80
CA MET A 105 -21.81 -17.11 1.81
C MET A 105 -22.46 -18.48 2.08
C MET A 105 -22.46 -18.48 2.08
N PHE A 106 -22.38 -18.95 3.32
CA PHE A 106 -22.95 -20.24 3.69
C PHE A 106 -24.46 -20.29 3.36
N VAL A 107 -25.22 -19.38 3.97
CA VAL A 107 -26.66 -19.34 3.73
C VAL A 107 -27.02 -19.13 2.27
N PRO A 108 -26.47 -18.09 1.63
CA PRO A 108 -26.74 -17.81 0.22
C PRO A 108 -26.43 -19.00 -0.70
N ALA A 109 -25.35 -19.72 -0.40
CA ALA A 109 -24.98 -20.89 -1.19
C ALA A 109 -26.05 -21.97 -1.09
N ILE A 110 -26.63 -22.12 0.10
CA ILE A 110 -27.67 -23.12 0.31
C ILE A 110 -28.99 -22.70 -0.33
N LYS A 111 -29.28 -21.40 -0.28
CA LYS A 111 -30.51 -20.89 -0.88
C LYS A 111 -30.54 -21.05 -2.40
N GLY A 112 -29.45 -20.73 -3.06
CA GLY A 112 -29.40 -20.82 -4.51
C GLY A 112 -29.04 -22.15 -5.12
N GLN A 113 -28.35 -22.99 -4.35
CA GLN A 113 -27.92 -24.29 -4.86
C GLN A 113 -28.63 -25.49 -4.24
N GLY A 114 -29.40 -25.24 -3.19
CA GLY A 114 -30.09 -26.34 -2.54
C GLY A 114 -31.54 -26.51 -2.94
N THR A 115 -32.02 -27.74 -2.92
CA THR A 115 -33.40 -28.01 -3.26
C THR A 115 -34.29 -27.39 -2.18
N GLU A 116 -35.60 -27.38 -2.42
CA GLU A 116 -36.54 -26.80 -1.47
C GLU A 116 -36.48 -27.53 -0.13
N GLU A 117 -36.46 -28.86 -0.18
CA GLU A 117 -36.39 -29.65 1.03
C GLU A 117 -35.08 -29.38 1.77
N GLN A 118 -33.97 -29.40 1.05
CA GLN A 118 -32.67 -29.12 1.67
C GLN A 118 -32.67 -27.73 2.30
N GLN A 119 -33.28 -26.78 1.61
CA GLN A 119 -33.35 -25.43 2.15
C GLN A 119 -34.17 -25.42 3.43
N LYS A 120 -35.31 -26.11 3.40
CA LYS A 120 -36.19 -26.15 4.57
C LYS A 120 -35.45 -26.64 5.80
N LYS A 121 -34.64 -27.68 5.61
CA LYS A 121 -33.88 -28.28 6.70
C LYS A 121 -32.65 -27.46 7.12
N TRP A 122 -31.71 -27.24 6.20
CA TRP A 122 -30.50 -26.52 6.51
C TRP A 122 -30.63 -25.03 6.79
N LEU A 123 -31.50 -24.35 6.05
CA LEU A 123 -31.71 -22.93 6.28
C LEU A 123 -32.38 -22.69 7.62
N SER A 124 -33.19 -23.66 8.05
CA SER A 124 -33.88 -23.55 9.33
C SER A 124 -32.86 -23.61 10.45
N LEU A 125 -31.89 -24.52 10.32
CA LEU A 125 -30.83 -24.66 11.32
C LEU A 125 -29.89 -23.44 11.29
N ALA A 126 -29.52 -23.02 10.08
CA ALA A 126 -28.62 -21.89 9.90
C ALA A 126 -29.19 -20.56 10.38
N ASN A 127 -30.44 -20.27 10.03
CA ASN A 127 -31.05 -19.01 10.42
C ASN A 127 -31.20 -18.86 11.93
N LYS A 128 -31.35 -19.98 12.63
CA LYS A 128 -31.51 -19.92 14.08
C LYS A 128 -30.20 -20.21 14.79
N MET A 129 -29.12 -20.18 14.02
CA MET A 129 -27.77 -20.41 14.54
C MET A 129 -27.63 -21.78 15.18
N GLN A 130 -28.53 -22.70 14.81
CA GLN A 130 -28.48 -24.04 15.36
C GLN A 130 -27.20 -24.71 14.87
N ILE A 131 -26.66 -24.17 13.78
CA ILE A 131 -25.40 -24.63 13.21
C ILE A 131 -24.67 -23.38 12.71
N ILE A 132 -23.35 -23.50 12.51
CA ILE A 132 -22.54 -22.39 12.00
C ILE A 132 -21.76 -22.91 10.78
N GLY A 133 -22.00 -22.29 9.64
CA GLY A 133 -21.35 -22.76 8.43
C GLY A 133 -20.44 -21.77 7.75
N CYS A 134 -19.55 -22.29 6.92
CA CYS A 134 -18.60 -21.47 6.18
C CYS A 134 -18.61 -21.87 4.70
N TYR A 135 -17.88 -21.13 3.87
CA TYR A 135 -17.81 -21.41 2.43
C TYR A 135 -16.42 -21.98 2.10
N ALA A 136 -16.27 -23.30 2.10
CA ALA A 136 -14.99 -23.94 1.82
C ALA A 136 -14.78 -24.26 0.35
N GLN A 137 -14.27 -23.30 -0.41
CA GLN A 137 -14.04 -23.51 -1.84
C GLN A 137 -12.55 -23.51 -2.19
N THR A 138 -11.89 -22.41 -1.89
CA THR A 138 -10.47 -22.23 -2.19
C THR A 138 -9.57 -23.27 -1.51
N GLU A 139 -8.50 -23.64 -2.21
CA GLU A 139 -7.55 -24.61 -1.69
C GLU A 139 -6.17 -24.01 -1.81
N LEU A 140 -5.19 -24.68 -1.22
CA LEU A 140 -3.81 -24.22 -1.26
C LEU A 140 -3.35 -23.93 -2.69
N GLY A 141 -3.68 -24.85 -3.60
CA GLY A 141 -3.25 -24.70 -4.99
C GLY A 141 -4.21 -24.06 -5.97
N HIS A 142 -5.42 -23.76 -5.52
CA HIS A 142 -6.41 -23.15 -6.41
C HIS A 142 -7.36 -22.19 -5.72
N GLY A 143 -7.38 -20.96 -6.22
CA GLY A 143 -8.25 -19.93 -5.68
C GLY A 143 -9.11 -19.34 -6.80
N SER A 144 -8.46 -18.63 -7.72
CA SER A 144 -9.13 -18.01 -8.86
C SER A 144 -9.69 -19.03 -9.86
N ASN A 145 -8.90 -20.08 -10.11
CA ASN A 145 -9.33 -21.12 -11.05
C ASN A 145 -10.06 -22.23 -10.32
N VAL A 146 -11.32 -21.97 -10.00
CA VAL A 146 -12.17 -22.92 -9.28
C VAL A 146 -12.34 -24.22 -10.04
N GLN A 147 -12.29 -24.15 -11.37
CA GLN A 147 -12.44 -25.36 -12.16
C GLN A 147 -11.29 -26.34 -11.92
N GLY A 148 -10.20 -25.84 -11.35
CA GLY A 148 -9.06 -26.70 -11.08
C GLY A 148 -8.98 -27.29 -9.68
N LEU A 149 -10.06 -27.18 -8.89
CA LEU A 149 -10.05 -27.72 -7.53
C LEU A 149 -9.67 -29.21 -7.52
N GLU A 150 -8.94 -29.64 -6.50
CA GLU A 150 -8.49 -31.03 -6.39
C GLU A 150 -9.32 -31.90 -5.46
N THR A 151 -10.07 -31.27 -4.54
CA THR A 151 -10.89 -32.02 -3.60
C THR A 151 -11.92 -32.84 -4.39
N THR A 152 -12.12 -34.09 -3.98
CA THR A 152 -13.04 -34.94 -4.70
C THR A 152 -14.19 -35.46 -3.83
N ALA A 153 -15.32 -35.71 -4.49
CA ALA A 153 -16.51 -36.26 -3.84
C ALA A 153 -16.97 -37.43 -4.72
N THR A 154 -16.68 -38.64 -4.28
CA THR A 154 -17.05 -39.86 -5.02
C THR A 154 -18.21 -40.60 -4.35
N LEU A 155 -19.25 -40.86 -5.13
CA LEU A 155 -20.41 -41.58 -4.60
C LEU A 155 -20.09 -43.03 -4.30
N ASP A 156 -20.72 -43.57 -3.26
CA ASP A 156 -20.54 -44.97 -2.86
C ASP A 156 -21.90 -45.65 -2.98
N PRO A 157 -22.20 -46.27 -4.13
CA PRO A 157 -23.46 -46.97 -4.40
C PRO A 157 -23.90 -47.94 -3.31
N LYS A 158 -22.92 -48.58 -2.67
CA LYS A 158 -23.21 -49.55 -1.62
C LYS A 158 -23.75 -48.94 -0.33
N THR A 159 -23.32 -47.72 0.00
CA THR A 159 -23.76 -47.07 1.21
C THR A 159 -24.61 -45.82 0.96
N ASP A 160 -24.75 -45.45 -0.31
CA ASP A 160 -25.51 -44.28 -0.70
C ASP A 160 -24.93 -43.04 0.00
N GLU A 161 -23.60 -42.97 0.02
CA GLU A 161 -22.88 -41.87 0.65
C GLU A 161 -21.81 -41.31 -0.29
N PHE A 162 -21.41 -40.07 -0.05
CA PHE A 162 -20.37 -39.45 -0.85
C PHE A 162 -19.07 -39.51 -0.05
N VAL A 163 -17.99 -39.88 -0.73
CA VAL A 163 -16.70 -39.94 -0.08
C VAL A 163 -15.88 -38.69 -0.43
N ILE A 164 -15.74 -37.80 0.54
CA ILE A 164 -15.00 -36.57 0.36
C ILE A 164 -13.52 -36.81 0.68
N HIS A 165 -12.65 -36.55 -0.28
CA HIS A 165 -11.23 -36.79 -0.05
C HIS A 165 -10.31 -35.66 -0.53
N THR A 166 -9.19 -35.51 0.16
CA THR A 166 -8.18 -34.50 -0.18
C THR A 166 -6.99 -35.30 -0.73
N PRO A 167 -6.96 -35.53 -2.06
CA PRO A 167 -5.89 -36.30 -2.74
C PRO A 167 -4.46 -35.93 -2.34
N THR A 168 -4.16 -34.64 -2.34
CA THR A 168 -2.82 -34.17 -2.02
C THR A 168 -2.90 -33.03 -1.02
N GLN A 169 -1.74 -32.56 -0.57
CA GLN A 169 -1.71 -31.45 0.36
C GLN A 169 -2.22 -30.17 -0.30
N THR A 170 -1.97 -30.02 -1.60
CA THR A 170 -2.41 -28.84 -2.33
C THR A 170 -3.92 -28.80 -2.51
N ALA A 171 -4.58 -29.92 -2.25
CA ALA A 171 -6.04 -30.03 -2.35
C ALA A 171 -6.71 -29.54 -1.07
N SER A 172 -5.90 -29.30 -0.04
CA SER A 172 -6.43 -28.83 1.23
C SER A 172 -7.16 -27.48 1.10
N LYS A 173 -8.31 -27.36 1.73
CA LYS A 173 -9.04 -26.09 1.70
C LYS A 173 -8.13 -25.10 2.45
N TRP A 174 -8.13 -23.85 2.00
CA TRP A 174 -7.24 -22.84 2.56
C TRP A 174 -7.82 -21.43 2.30
N TRP A 175 -8.04 -20.69 3.38
CA TRP A 175 -8.57 -19.33 3.41
C TRP A 175 -10.01 -19.14 3.93
N PRO A 176 -10.89 -20.17 3.83
CA PRO A 176 -12.27 -19.99 4.30
C PRO A 176 -12.44 -19.35 5.67
N GLY A 177 -13.18 -18.24 5.71
CA GLY A 177 -13.40 -17.57 6.96
C GLY A 177 -14.37 -18.32 7.83
N GLY A 178 -14.09 -18.36 9.14
CA GLY A 178 -14.97 -19.04 10.07
C GLY A 178 -14.77 -20.54 10.07
N LEU A 179 -13.82 -21.00 9.27
CA LEU A 179 -13.53 -22.43 9.15
C LEU A 179 -12.49 -22.91 10.18
N GLY A 180 -11.54 -22.04 10.49
CA GLY A 180 -10.49 -22.40 11.43
C GLY A 180 -10.87 -22.99 12.76
N LYS A 181 -11.82 -22.35 13.44
CA LYS A 181 -12.21 -22.80 14.79
C LYS A 181 -13.71 -22.78 15.10
N VAL A 182 -14.49 -21.98 14.35
CA VAL A 182 -15.92 -21.84 14.64
C VAL A 182 -16.91 -22.77 13.95
N SER A 183 -16.99 -22.70 12.63
CA SER A 183 -17.95 -23.50 11.90
C SER A 183 -18.10 -24.97 12.28
N THR A 184 -19.35 -25.39 12.42
CA THR A 184 -19.64 -26.80 12.74
C THR A 184 -19.91 -27.52 11.42
N HIS A 185 -20.28 -26.74 10.39
CA HIS A 185 -20.59 -27.29 9.07
C HIS A 185 -20.03 -26.39 7.99
N ALA A 186 -20.09 -26.87 6.75
CA ALA A 186 -19.60 -26.09 5.65
C ALA A 186 -20.07 -26.60 4.31
N VAL A 187 -20.16 -25.69 3.34
CA VAL A 187 -20.51 -26.10 2.00
C VAL A 187 -19.17 -26.31 1.31
N VAL A 188 -18.81 -27.58 1.12
CA VAL A 188 -17.54 -27.93 0.48
C VAL A 188 -17.69 -28.13 -1.04
N TYR A 189 -16.82 -27.50 -1.82
CA TYR A 189 -16.88 -27.66 -3.26
C TYR A 189 -15.78 -28.63 -3.70
N ALA A 190 -16.15 -29.60 -4.52
CA ALA A 190 -15.22 -30.60 -4.98
C ALA A 190 -15.63 -31.18 -6.33
N ARG A 191 -14.74 -31.99 -6.90
CA ARG A 191 -15.00 -32.59 -8.18
C ARG A 191 -15.99 -33.74 -7.96
N LEU A 192 -17.13 -33.69 -8.64
CA LEU A 192 -18.15 -34.72 -8.49
C LEU A 192 -17.74 -35.92 -9.33
N ILE A 193 -17.62 -37.08 -8.69
CA ILE A 193 -17.25 -38.31 -9.37
C ILE A 193 -18.26 -39.41 -9.12
N THR A 194 -18.85 -39.92 -10.19
CA THR A 194 -19.81 -41.00 -10.10
C THR A 194 -19.76 -41.80 -11.39
N ASN A 195 -19.92 -43.12 -11.30
CA ASN A 195 -19.86 -44.01 -12.46
C ASN A 195 -18.53 -43.86 -13.19
N GLY A 196 -17.48 -43.58 -12.41
CA GLY A 196 -16.16 -43.42 -12.99
C GLY A 196 -16.02 -42.18 -13.86
N LYS A 197 -16.92 -41.22 -13.67
CA LYS A 197 -16.87 -39.98 -14.45
C LYS A 197 -16.84 -38.74 -13.57
N ASP A 198 -16.06 -37.75 -14.01
CA ASP A 198 -15.91 -36.48 -13.30
C ASP A 198 -16.86 -35.45 -13.89
N TYR A 199 -17.83 -34.99 -13.12
CA TYR A 199 -18.77 -34.01 -13.66
C TYR A 199 -18.53 -32.56 -13.23
N GLY A 200 -17.30 -32.24 -12.85
CA GLY A 200 -17.01 -30.88 -12.45
C GLY A 200 -17.23 -30.54 -10.99
N ILE A 201 -17.17 -29.25 -10.69
CA ILE A 201 -17.31 -28.73 -9.34
C ILE A 201 -18.75 -28.61 -8.84
N HIS A 202 -19.01 -29.15 -7.66
CA HIS A 202 -20.32 -29.09 -7.04
C HIS A 202 -20.16 -28.82 -5.55
N GLY A 203 -21.24 -28.35 -4.92
CA GLY A 203 -21.21 -28.05 -3.50
C GLY A 203 -21.82 -29.15 -2.66
N PHE A 204 -21.13 -29.51 -1.57
CA PHE A 204 -21.59 -30.57 -0.67
C PHE A 204 -21.60 -30.09 0.78
N ILE A 205 -22.69 -30.32 1.48
CA ILE A 205 -22.77 -29.94 2.89
C ILE A 205 -22.02 -30.99 3.69
N VAL A 206 -21.16 -30.56 4.59
CA VAL A 206 -20.39 -31.51 5.38
C VAL A 206 -20.25 -31.01 6.81
N GLN A 207 -20.50 -31.88 7.78
CA GLN A 207 -20.36 -31.51 9.18
C GLN A 207 -18.89 -31.67 9.50
N LEU A 208 -18.32 -30.65 10.13
CA LEU A 208 -16.90 -30.67 10.47
C LEU A 208 -16.67 -30.99 11.94
N ARG A 209 -17.52 -30.46 12.79
CA ARG A 209 -17.37 -30.64 14.23
C ARG A 209 -18.66 -31.14 14.88
N SER A 210 -18.50 -31.82 16.01
CA SER A 210 -19.63 -32.34 16.78
C SER A 210 -20.40 -31.19 17.41
N LEU A 211 -21.72 -31.29 17.46
CA LEU A 211 -22.54 -30.25 18.05
C LEU A 211 -22.65 -30.44 19.57
N GLU A 212 -21.88 -31.38 20.10
CA GLU A 212 -21.88 -31.65 21.53
C GLU A 212 -20.65 -31.10 22.24
N ASP A 213 -19.47 -31.35 21.66
CA ASP A 213 -18.23 -30.86 22.26
C ASP A 213 -17.38 -30.05 21.29
N HIS A 214 -17.89 -29.82 20.08
CA HIS A 214 -17.17 -29.03 19.08
C HIS A 214 -15.89 -29.70 18.57
N SER A 215 -15.71 -30.97 18.93
CA SER A 215 -14.54 -31.70 18.50
C SER A 215 -14.67 -32.07 17.01
N PRO A 216 -13.55 -32.05 16.28
CA PRO A 216 -13.56 -32.38 14.86
C PRO A 216 -14.04 -33.81 14.64
N LEU A 217 -14.95 -34.00 13.68
CA LEU A 217 -15.47 -35.33 13.37
C LEU A 217 -14.33 -36.20 12.81
N PRO A 218 -14.51 -37.53 12.82
CA PRO A 218 -13.50 -38.47 12.32
C PRO A 218 -12.97 -38.13 10.93
N ASN A 219 -11.66 -38.25 10.78
CA ASN A 219 -10.94 -37.99 9.53
C ASN A 219 -10.98 -36.55 9.05
N ILE A 220 -11.36 -35.65 9.93
CA ILE A 220 -11.41 -34.23 9.60
C ILE A 220 -10.22 -33.53 10.22
N THR A 221 -9.42 -32.86 9.39
CA THR A 221 -8.27 -32.09 9.84
C THR A 221 -8.65 -30.61 9.59
N VAL A 222 -8.66 -29.79 10.65
CA VAL A 222 -9.03 -28.37 10.55
C VAL A 222 -8.22 -27.45 11.48
N GLY A 223 -7.96 -26.22 11.04
CA GLY A 223 -7.21 -25.29 11.85
C GLY A 223 -7.12 -23.92 11.19
N ASP A 224 -6.48 -22.99 11.89
CA ASP A 224 -6.31 -21.64 11.39
C ASP A 224 -5.04 -21.55 10.53
N ILE A 225 -5.09 -20.75 9.47
CA ILE A 225 -3.94 -20.65 8.57
C ILE A 225 -2.83 -19.72 9.00
N GLY A 226 -3.05 -18.99 10.10
CA GLY A 226 -2.00 -18.12 10.57
C GLY A 226 -2.31 -16.63 10.57
N THR A 227 -1.35 -15.87 11.08
CA THR A 227 -1.47 -14.42 11.19
C THR A 227 -1.49 -13.75 9.83
N LYS A 228 -2.32 -12.74 9.69
CA LYS A 228 -2.43 -12.03 8.42
C LYS A 228 -1.97 -10.58 8.55
N MET A 229 -1.83 -9.91 7.43
CA MET A 229 -1.40 -8.52 7.38
C MET A 229 -2.18 -7.56 8.30
N GLY A 230 -1.44 -6.69 8.97
CA GLY A 230 -2.06 -5.69 9.84
C GLY A 230 -2.35 -6.00 11.29
N ASN A 231 -2.40 -4.96 12.11
CA ASN A 231 -2.70 -5.12 13.53
C ASN A 231 -4.22 -5.16 13.68
N GLY A 232 -4.74 -6.28 14.16
CA GLY A 232 -6.18 -6.43 14.26
C GLY A 232 -6.64 -6.90 12.89
N ALA A 233 -7.41 -6.07 12.18
CA ALA A 233 -7.92 -6.39 10.85
C ALA A 233 -8.57 -7.75 10.75
N TYR A 234 -8.09 -8.60 9.85
CA TYR A 234 -8.66 -9.93 9.69
C TYR A 234 -8.17 -10.94 10.72
N ASN A 235 -7.22 -10.55 11.56
CA ASN A 235 -6.73 -11.50 12.56
C ASN A 235 -7.81 -11.91 13.58
N SER A 236 -8.95 -11.24 13.53
CA SER A 236 -10.07 -11.57 14.39
C SER A 236 -10.86 -12.69 13.73
N MET A 237 -10.58 -12.90 12.44
CA MET A 237 -11.26 -13.94 11.67
C MET A 237 -10.47 -15.23 11.68
N ASP A 238 -11.16 -16.36 11.82
CA ASP A 238 -10.47 -17.64 11.83
C ASP A 238 -10.41 -18.22 10.41
N ASN A 239 -9.57 -17.64 9.55
CA ASN A 239 -9.44 -18.17 8.21
C ASN A 239 -8.77 -19.53 8.41
N GLY A 240 -9.29 -20.56 7.76
CA GLY A 240 -8.71 -21.86 8.00
C GLY A 240 -8.39 -22.78 6.85
N PHE A 241 -7.93 -23.96 7.23
CA PHE A 241 -7.63 -24.98 6.27
C PHE A 241 -8.47 -26.16 6.69
N LEU A 242 -8.66 -27.10 5.78
CA LEU A 242 -9.48 -28.28 6.03
C LEU A 242 -9.08 -29.38 5.07
N MET A 243 -8.85 -30.57 5.62
CA MET A 243 -8.47 -31.75 4.83
C MET A 243 -9.39 -32.91 5.18
N PHE A 244 -9.70 -33.73 4.19
CA PHE A 244 -10.57 -34.86 4.40
C PHE A 244 -9.85 -36.17 4.13
N ASP A 245 -10.02 -37.14 5.02
CA ASP A 245 -9.40 -38.44 4.84
C ASP A 245 -10.54 -39.41 4.59
N HIS A 246 -11.04 -39.41 3.36
CA HIS A 246 -12.16 -40.26 2.95
C HIS A 246 -13.36 -40.06 3.86
N VAL A 247 -13.71 -38.80 4.11
CA VAL A 247 -14.84 -38.46 4.96
C VAL A 247 -16.13 -38.82 4.23
N ARG A 248 -17.09 -39.39 4.95
CA ARG A 248 -18.34 -39.79 4.33
C ARG A 248 -19.52 -38.94 4.74
N ILE A 249 -20.36 -38.63 3.75
CA ILE A 249 -21.54 -37.82 3.99
C ILE A 249 -22.69 -38.45 3.19
N PRO A 250 -23.94 -38.25 3.66
CA PRO A 250 -25.09 -38.82 2.95
C PRO A 250 -25.14 -38.23 1.54
N ARG A 251 -25.69 -38.98 0.60
CA ARG A 251 -25.83 -38.53 -0.79
C ARG A 251 -26.70 -37.27 -0.86
N ASP A 252 -27.78 -37.27 -0.09
CA ASP A 252 -28.71 -36.15 -0.08
C ASP A 252 -28.13 -34.88 0.53
N GLN A 253 -26.84 -34.92 0.85
CA GLN A 253 -26.17 -33.78 1.43
C GLN A 253 -25.52 -32.97 0.32
N MET A 254 -25.70 -33.42 -0.91
CA MET A 254 -25.17 -32.71 -2.08
C MET A 254 -26.23 -31.70 -2.50
N LEU A 255 -25.83 -30.46 -2.72
CA LEU A 255 -26.79 -29.45 -3.16
C LEU A 255 -27.26 -29.91 -4.52
N MET A 256 -28.55 -30.20 -4.67
CA MET A 256 -29.07 -30.69 -5.94
C MET A 256 -30.19 -29.88 -6.58
N ARG A 257 -30.03 -28.57 -6.64
CA ARG A 257 -31.05 -27.72 -7.23
C ARG A 257 -30.77 -27.57 -8.71
N LEU A 258 -29.49 -27.50 -9.06
CA LEU A 258 -29.06 -27.33 -10.45
C LEU A 258 -28.80 -28.68 -11.13
N SER A 259 -28.42 -29.65 -10.32
CA SER A 259 -28.15 -31.00 -10.81
C SER A 259 -28.24 -31.96 -9.64
N LYS A 260 -28.56 -33.22 -9.93
CA LYS A 260 -28.67 -34.20 -8.86
C LYS A 260 -28.03 -35.53 -9.20
N VAL A 261 -27.86 -36.35 -8.17
CA VAL A 261 -27.27 -37.67 -8.33
C VAL A 261 -28.20 -38.66 -7.65
N THR A 262 -28.93 -39.43 -8.46
CA THR A 262 -29.86 -40.42 -7.95
C THR A 262 -29.17 -41.53 -7.16
N ARG A 263 -29.96 -42.38 -6.51
CA ARG A 263 -29.43 -43.51 -5.74
C ARG A 263 -28.69 -44.45 -6.67
N GLU A 264 -29.09 -44.46 -7.93
CA GLU A 264 -28.47 -45.32 -8.93
C GLU A 264 -27.07 -44.81 -9.28
N GLY A 265 -26.80 -43.56 -8.91
CA GLY A 265 -25.50 -42.98 -9.18
C GLY A 265 -25.41 -42.22 -10.48
N GLU A 266 -26.55 -41.97 -11.11
CA GLU A 266 -26.54 -41.24 -12.38
C GLU A 266 -26.58 -39.73 -12.16
N TYR A 267 -25.78 -39.01 -12.93
CA TYR A 267 -25.74 -37.55 -12.85
C TYR A 267 -26.86 -37.02 -13.72
N VAL A 268 -27.67 -36.12 -13.17
CA VAL A 268 -28.79 -35.58 -13.91
C VAL A 268 -28.91 -34.06 -13.78
N PRO A 269 -28.51 -33.32 -14.82
CA PRO A 269 -28.59 -31.87 -14.80
C PRO A 269 -30.05 -31.41 -14.74
N SER A 270 -30.43 -30.72 -13.65
CA SER A 270 -31.80 -30.25 -13.45
C SER A 270 -32.26 -29.36 -14.60
N ASP A 271 -33.56 -29.16 -14.71
CA ASP A 271 -34.12 -28.34 -15.78
C ASP A 271 -34.10 -26.86 -15.43
N VAL A 272 -33.50 -26.53 -14.29
CA VAL A 272 -33.43 -25.13 -13.88
C VAL A 272 -32.37 -24.37 -14.66
N PRO A 273 -32.70 -23.14 -15.08
CA PRO A 273 -31.78 -22.28 -15.85
C PRO A 273 -30.58 -21.88 -15.00
N LYS A 274 -29.40 -22.41 -15.34
CA LYS A 274 -28.18 -22.10 -14.61
C LYS A 274 -27.83 -20.62 -14.74
N GLN A 275 -28.46 -19.94 -15.70
CA GLN A 275 -28.23 -18.53 -15.94
C GLN A 275 -28.75 -17.68 -14.79
N LEU A 276 -29.42 -18.34 -13.84
CA LEU A 276 -29.97 -17.65 -12.68
C LEU A 276 -28.98 -17.69 -11.52
N VAL A 277 -27.72 -18.02 -11.83
CA VAL A 277 -26.67 -18.10 -10.83
C VAL A 277 -26.07 -16.71 -10.60
N TYR A 278 -26.81 -15.68 -11.00
CA TYR A 278 -26.36 -14.30 -10.83
C TYR A 278 -26.45 -13.88 -9.37
N GLY A 279 -26.79 -14.82 -8.49
CA GLY A 279 -26.89 -14.51 -7.08
C GLY A 279 -25.52 -14.56 -6.44
N THR A 280 -24.50 -14.91 -7.23
CA THR A 280 -23.15 -15.00 -6.73
C THR A 280 -22.20 -14.11 -7.53
N MET A 281 -22.74 -13.35 -8.48
CA MET A 281 -21.89 -12.49 -9.29
C MET A 281 -22.50 -11.20 -9.81
N VAL A 282 -23.64 -10.78 -9.28
CA VAL A 282 -24.26 -9.54 -9.74
C VAL A 282 -24.61 -8.68 -8.53
N TYR A 283 -25.37 -9.29 -7.62
CA TYR A 283 -25.79 -8.64 -6.39
C TYR A 283 -24.59 -8.60 -5.45
N VAL A 284 -23.86 -9.72 -5.38
CA VAL A 284 -22.70 -9.84 -4.53
C VAL A 284 -21.65 -8.80 -4.86
N ARG A 285 -21.38 -8.62 -6.15
CA ARG A 285 -20.38 -7.65 -6.58
C ARG A 285 -20.90 -6.24 -6.39
N GLN A 286 -22.22 -6.08 -6.33
CA GLN A 286 -22.76 -4.75 -6.14
C GLN A 286 -22.48 -4.35 -4.71
N THR A 287 -22.49 -5.32 -3.79
CA THR A 287 -22.24 -5.04 -2.38
C THR A 287 -20.75 -4.74 -2.23
N ILE A 288 -19.93 -5.42 -3.03
CA ILE A 288 -18.49 -5.20 -2.99
C ILE A 288 -18.18 -3.78 -3.46
N VAL A 289 -18.85 -3.34 -4.53
CA VAL A 289 -18.67 -2.01 -5.05
C VAL A 289 -19.15 -1.00 -4.02
N ALA A 290 -20.23 -1.35 -3.31
CA ALA A 290 -20.77 -0.48 -2.28
C ALA A 290 -19.80 -0.42 -1.12
N ASP A 291 -19.17 -1.56 -0.81
CA ASP A 291 -18.21 -1.60 0.29
C ASP A 291 -17.00 -0.73 -0.04
N ALA A 292 -16.66 -0.64 -1.32
CA ALA A 292 -15.52 0.18 -1.71
C ALA A 292 -15.77 1.66 -1.37
N SER A 293 -16.96 2.15 -1.69
CA SER A 293 -17.31 3.54 -1.40
C SER A 293 -17.26 3.78 0.12
N ASN A 294 -17.73 2.80 0.88
CA ASN A 294 -17.73 2.89 2.34
C ASN A 294 -16.30 2.97 2.87
N ALA A 295 -15.44 2.06 2.42
CA ALA A 295 -14.04 2.03 2.87
C ALA A 295 -13.27 3.27 2.45
N LEU A 296 -13.44 3.68 1.20
CA LEU A 296 -12.73 4.84 0.71
C LEU A 296 -13.18 6.11 1.44
N SER A 297 -14.49 6.24 1.68
CA SER A 297 -15.05 7.40 2.37
C SER A 297 -14.50 7.51 3.79
N ARG A 298 -14.30 6.38 4.47
CA ARG A 298 -13.76 6.43 5.82
C ARG A 298 -12.34 7.00 5.78
N ALA A 299 -11.52 6.51 4.85
CA ALA A 299 -10.15 6.97 4.72
C ALA A 299 -10.08 8.45 4.35
N VAL A 300 -10.90 8.86 3.38
CA VAL A 300 -10.93 10.27 2.94
C VAL A 300 -11.42 11.18 4.08
N CYS A 301 -12.41 10.70 4.83
CA CYS A 301 -12.92 11.48 5.95
C CYS A 301 -11.80 11.79 6.93
N ILE A 302 -11.00 10.77 7.28
CA ILE A 302 -9.90 10.95 8.20
C ILE A 302 -8.84 11.89 7.63
N ALA A 303 -8.43 11.66 6.37
CA ALA A 303 -7.40 12.51 5.76
C ALA A 303 -7.84 13.95 5.53
N THR A 304 -9.13 14.15 5.27
CA THR A 304 -9.64 15.50 5.05
C THR A 304 -9.63 16.27 6.36
N ARG A 305 -10.15 15.69 7.41
CA ARG A 305 -10.16 16.38 8.68
C ARG A 305 -8.75 16.69 9.19
N TYR A 306 -7.87 15.69 9.14
CA TYR A 306 -6.51 15.91 9.61
C TYR A 306 -5.79 16.95 8.76
N SER A 307 -6.09 17.00 7.46
CA SER A 307 -5.45 17.98 6.59
C SER A 307 -5.88 19.41 6.91
N ALA A 308 -7.06 19.55 7.51
CA ALA A 308 -7.59 20.87 7.88
C ALA A 308 -7.07 21.25 9.28
N VAL A 309 -6.59 20.24 10.02
CA VAL A 309 -6.06 20.47 11.36
C VAL A 309 -4.54 20.71 11.30
N ARG A 310 -3.83 19.84 10.59
CA ARG A 310 -2.39 19.91 10.47
C ARG A 310 -1.90 21.15 9.71
N ARG A 311 -1.01 21.91 10.32
CA ARG A 311 -0.43 23.09 9.67
C ARG A 311 1.08 22.86 9.53
N GLN A 312 1.63 23.21 8.37
CA GLN A 312 3.06 23.03 8.15
C GLN A 312 3.54 23.96 7.01
N PHE A 313 4.52 24.81 7.33
CA PHE A 313 5.11 25.77 6.39
C PHE A 313 4.11 26.89 6.07
N GLY A 314 4.52 27.81 5.20
CA GLY A 314 3.66 28.91 4.78
C GLY A 314 3.28 29.88 5.88
N ALA A 315 4.27 30.29 6.66
CA ALA A 315 4.01 31.22 7.76
C ALA A 315 4.34 32.65 7.37
N GLY A 319 3.63 34.13 11.11
CA GLY A 319 3.15 33.56 12.35
C GLY A 319 2.58 32.16 12.16
N ILE A 320 1.26 32.06 12.16
CA ILE A 320 0.60 30.78 11.99
C ILE A 320 0.89 30.15 10.62
N GLU A 321 1.08 28.84 10.60
CA GLU A 321 1.36 28.14 9.35
C GLU A 321 0.09 27.75 8.59
N THR A 322 0.27 27.42 7.32
CA THR A 322 -0.84 27.07 6.45
C THR A 322 -1.37 25.66 6.69
N GLN A 323 -2.69 25.50 6.63
CA GLN A 323 -3.32 24.19 6.76
C GLN A 323 -2.88 23.41 5.54
N VAL A 324 -2.38 22.19 5.71
CA VAL A 324 -1.92 21.42 4.56
C VAL A 324 -2.98 21.23 3.49
N ILE A 325 -4.25 21.23 3.88
CA ILE A 325 -5.34 21.05 2.92
C ILE A 325 -5.41 22.22 1.91
N ASP A 326 -4.75 23.35 2.25
CA ASP A 326 -4.70 24.53 1.38
C ASP A 326 -3.67 24.34 0.23
N TYR A 327 -2.76 23.37 0.37
CA TYR A 327 -1.74 23.10 -0.65
C TYR A 327 -2.34 22.33 -1.83
N LYS A 328 -2.10 22.82 -3.04
CA LYS A 328 -2.62 22.20 -4.25
C LYS A 328 -2.18 20.76 -4.45
N THR A 329 -1.02 20.40 -3.90
CA THR A 329 -0.56 19.02 -4.00
C THR A 329 -1.43 18.15 -3.10
N GLN A 330 -1.78 18.65 -1.92
CA GLN A 330 -2.61 17.90 -0.98
C GLN A 330 -3.98 17.69 -1.60
N GLN A 331 -4.49 18.74 -2.25
CA GLN A 331 -5.79 18.68 -2.91
C GLN A 331 -5.76 17.73 -4.11
N ASN A 332 -4.70 17.81 -4.92
CA ASN A 332 -4.59 16.95 -6.10
C ASN A 332 -4.45 15.48 -5.72
N ARG A 333 -4.10 15.23 -4.45
CA ARG A 333 -3.95 13.86 -3.96
C ARG A 333 -5.20 13.39 -3.23
N LEU A 334 -5.80 14.29 -2.44
CA LEU A 334 -7.00 13.99 -1.65
C LEU A 334 -8.34 14.17 -2.34
N PHE A 335 -8.52 15.30 -3.02
CA PHE A 335 -9.80 15.56 -3.64
C PHE A 335 -10.27 14.56 -4.68
N PRO A 336 -9.34 13.97 -5.44
CA PRO A 336 -9.79 12.97 -6.43
C PRO A 336 -10.35 11.75 -5.69
N LEU A 337 -9.83 11.46 -4.50
CA LEU A 337 -10.31 10.34 -3.71
C LEU A 337 -11.69 10.63 -3.13
N LEU A 338 -11.93 11.88 -2.75
CA LEU A 338 -13.23 12.30 -2.24
C LEU A 338 -14.24 12.18 -3.39
N ALA A 339 -13.83 12.59 -4.58
CA ALA A 339 -14.70 12.48 -5.77
C ALA A 339 -14.96 11.02 -6.13
N SER A 340 -13.94 10.18 -5.96
CA SER A 340 -14.07 8.75 -6.27
C SER A 340 -15.02 8.06 -5.28
N ALA A 341 -14.97 8.48 -4.01
CA ALA A 341 -15.85 7.87 -3.02
C ALA A 341 -17.30 8.09 -3.42
N TYR A 342 -17.63 9.30 -3.87
CA TYR A 342 -18.98 9.59 -4.29
C TYR A 342 -19.26 8.90 -5.63
N ALA A 343 -18.27 8.92 -6.51
CA ALA A 343 -18.42 8.26 -7.81
C ALA A 343 -18.73 6.77 -7.66
N PHE A 344 -18.05 6.11 -6.72
CA PHE A 344 -18.27 4.69 -6.52
C PHE A 344 -19.62 4.44 -5.85
N ARG A 345 -20.00 5.37 -4.97
CA ARG A 345 -21.27 5.28 -4.29
C ARG A 345 -22.40 5.26 -5.34
N PHE A 346 -22.36 6.22 -6.26
CA PHE A 346 -23.39 6.31 -7.30
C PHE A 346 -23.35 5.14 -8.28
N VAL A 347 -22.15 4.70 -8.64
CA VAL A 347 -22.03 3.58 -9.57
C VAL A 347 -22.58 2.35 -8.86
N GLY A 348 -22.51 2.37 -7.54
CA GLY A 348 -23.03 1.27 -6.74
C GLY A 348 -24.54 1.26 -6.76
N GLU A 349 -25.16 2.43 -6.92
CA GLU A 349 -26.62 2.52 -6.96
C GLU A 349 -27.09 1.99 -8.32
N TRP A 350 -26.40 2.39 -9.37
CA TRP A 350 -26.75 1.96 -10.71
C TRP A 350 -26.68 0.44 -10.79
N LEU A 351 -25.75 -0.14 -10.06
CA LEU A 351 -25.60 -1.59 -10.06
C LEU A 351 -26.80 -2.24 -9.39
N LYS A 352 -27.50 -1.47 -8.56
CA LYS A 352 -28.69 -1.99 -7.88
C LYS A 352 -29.82 -2.06 -8.89
N TRP A 353 -29.81 -1.11 -9.83
CA TRP A 353 -30.81 -1.07 -10.89
C TRP A 353 -30.54 -2.23 -11.86
N LEU A 354 -29.27 -2.44 -12.19
CA LEU A 354 -28.89 -3.49 -13.11
C LEU A 354 -29.36 -4.85 -12.58
N TYR A 355 -29.23 -5.05 -11.27
CA TYR A 355 -29.67 -6.30 -10.66
C TYR A 355 -31.16 -6.48 -10.87
N THR A 356 -31.92 -5.41 -10.62
CA THR A 356 -33.37 -5.42 -10.78
C THR A 356 -33.71 -5.65 -12.26
N ASP A 357 -32.77 -5.32 -13.13
CA ASP A 357 -32.98 -5.49 -14.56
C ASP A 357 -32.62 -6.94 -14.94
N VAL A 358 -31.43 -7.38 -14.57
CA VAL A 358 -30.98 -8.73 -14.86
C VAL A 358 -31.94 -9.76 -14.28
N THR A 359 -32.54 -9.43 -13.14
CA THR A 359 -33.52 -10.31 -12.51
C THR A 359 -34.78 -10.26 -13.37
N GLU A 360 -35.07 -9.08 -13.88
CA GLU A 360 -36.23 -8.83 -14.73
C GLU A 360 -35.97 -9.58 -16.04
N ARG A 361 -34.70 -9.77 -16.35
CA ARG A 361 -34.25 -10.46 -17.56
C ARG A 361 -34.41 -11.97 -17.51
N LEU A 362 -34.07 -12.57 -16.36
CA LEU A 362 -34.18 -14.01 -16.18
C LEU A 362 -35.63 -14.44 -15.96
N ALA A 363 -36.55 -13.55 -16.30
CA ALA A 363 -37.98 -13.82 -16.17
C ALA A 363 -38.53 -14.19 -17.54
N ALA A 364 -38.53 -13.21 -18.44
CA ALA A 364 -39.02 -13.42 -19.81
C ALA A 364 -38.06 -14.31 -20.60
N SER A 365 -37.28 -15.10 -19.89
CA SER A 365 -36.32 -16.01 -20.52
C SER A 365 -35.39 -15.26 -21.47
N ASP A 366 -35.04 -14.04 -21.08
CA ASP A 366 -34.15 -13.21 -21.88
C ASP A 366 -32.76 -13.21 -21.26
N PHE A 367 -31.80 -13.81 -21.96
CA PHE A 367 -30.43 -13.89 -21.49
C PHE A 367 -29.50 -13.12 -22.43
N ALA A 368 -30.10 -12.20 -23.19
CA ALA A 368 -29.37 -11.41 -24.17
C ALA A 368 -28.44 -10.32 -23.60
N THR A 369 -28.65 -9.91 -22.37
CA THR A 369 -27.81 -8.88 -21.77
C THR A 369 -26.95 -9.43 -20.64
N LEU A 370 -26.98 -10.75 -20.46
CA LEU A 370 -26.21 -11.38 -19.41
C LEU A 370 -24.70 -11.19 -19.62
N PRO A 371 -24.21 -11.39 -20.86
CA PRO A 371 -22.78 -11.23 -21.16
C PRO A 371 -22.23 -9.87 -20.76
N GLU A 372 -23.01 -8.82 -21.00
CA GLU A 372 -22.60 -7.47 -20.66
C GLU A 372 -22.67 -7.25 -19.15
N ALA A 373 -23.74 -7.74 -18.53
CA ALA A 373 -23.93 -7.60 -17.10
C ALA A 373 -22.82 -8.30 -16.33
N HIS A 374 -22.27 -9.36 -16.91
CA HIS A 374 -21.20 -10.10 -16.25
C HIS A 374 -19.87 -9.36 -16.28
N ALA A 375 -19.47 -8.92 -17.47
CA ALA A 375 -18.20 -8.19 -17.65
C ALA A 375 -18.27 -6.81 -16.97
N CYS A 376 -19.39 -6.13 -17.14
CA CYS A 376 -19.58 -4.81 -16.56
C CYS A 376 -19.39 -4.85 -15.04
N THR A 377 -20.10 -5.76 -14.38
CA THR A 377 -20.01 -5.88 -12.94
C THR A 377 -18.64 -6.38 -12.49
N ALA A 378 -18.05 -7.29 -13.26
CA ALA A 378 -16.74 -7.83 -12.93
C ALA A 378 -15.68 -6.72 -13.03
N GLY A 379 -15.76 -5.92 -14.08
CA GLY A 379 -14.80 -4.83 -14.28
C GLY A 379 -14.95 -3.75 -13.24
N LEU A 380 -16.18 -3.48 -12.82
CA LEU A 380 -16.44 -2.45 -11.83
C LEU A 380 -15.86 -2.89 -10.47
N LYS A 381 -16.07 -4.16 -10.12
CA LYS A 381 -15.55 -4.70 -8.86
C LYS A 381 -14.03 -4.55 -8.84
N SER A 382 -13.39 -4.86 -9.95
CA SER A 382 -11.93 -4.75 -10.05
C SER A 382 -11.46 -3.30 -9.98
N LEU A 383 -12.12 -2.43 -10.75
CA LEU A 383 -11.75 -1.02 -10.79
C LEU A 383 -11.89 -0.29 -9.46
N THR A 384 -13.02 -0.47 -8.81
CA THR A 384 -13.30 0.20 -7.55
C THR A 384 -12.47 -0.29 -6.39
N THR A 385 -12.26 -1.62 -6.30
CA THR A 385 -11.48 -2.19 -5.20
C THR A 385 -10.02 -1.77 -5.34
N THR A 386 -9.52 -1.74 -6.58
CA THR A 386 -8.14 -1.33 -6.82
C THR A 386 -7.97 0.14 -6.45
N ALA A 387 -8.86 0.98 -6.97
CA ALA A 387 -8.79 2.42 -6.70
C ALA A 387 -8.96 2.69 -5.21
N THR A 388 -9.85 1.95 -4.57
CA THR A 388 -10.11 2.14 -3.15
C THR A 388 -8.93 1.74 -2.27
N ALA A 389 -8.33 0.60 -2.58
CA ALA A 389 -7.16 0.09 -1.84
C ALA A 389 -6.02 1.12 -1.93
N ASP A 390 -5.71 1.58 -3.14
CA ASP A 390 -4.64 2.56 -3.33
C ASP A 390 -4.95 3.88 -2.61
N GLY A 391 -6.22 4.30 -2.69
CA GLY A 391 -6.65 5.54 -2.04
C GLY A 391 -6.54 5.52 -0.53
N ILE A 392 -6.82 4.38 0.08
CA ILE A 392 -6.72 4.29 1.54
C ILE A 392 -5.25 4.46 1.97
N GLU A 393 -4.33 3.83 1.23
CA GLU A 393 -2.91 3.93 1.58
C GLU A 393 -2.42 5.36 1.32
N GLU A 394 -2.92 5.97 0.25
CA GLU A 394 -2.55 7.34 -0.07
C GLU A 394 -3.04 8.29 1.03
N CYS A 395 -4.21 8.01 1.60
CA CYS A 395 -4.76 8.84 2.67
C CYS A 395 -3.84 8.76 3.89
N ARG A 396 -3.21 7.61 4.09
CA ARG A 396 -2.29 7.44 5.22
C ARG A 396 -1.06 8.30 5.01
N LYS A 397 -0.56 8.32 3.78
CA LYS A 397 0.61 9.15 3.46
C LYS A 397 0.27 10.63 3.58
N LEU A 398 -0.97 10.99 3.25
CA LEU A 398 -1.41 12.40 3.32
C LEU A 398 -1.44 12.90 4.75
N CYS A 399 -1.32 11.98 5.71
CA CYS A 399 -1.33 12.36 7.11
C CYS A 399 0.08 12.46 7.67
N GLY A 400 1.08 12.33 6.79
CA GLY A 400 2.46 12.45 7.24
C GLY A 400 2.88 11.40 8.24
N GLY A 401 3.84 11.72 9.10
CA GLY A 401 4.30 10.76 10.09
C GLY A 401 3.27 10.20 11.04
N HIS A 402 2.37 11.02 11.56
CA HIS A 402 1.38 10.53 12.51
C HIS A 402 0.46 9.46 11.91
N GLY A 403 0.31 9.45 10.59
CA GLY A 403 -0.52 8.44 9.98
C GLY A 403 0.08 7.04 10.14
N TYR A 404 1.34 6.95 10.52
CA TYR A 404 1.99 5.66 10.68
C TYR A 404 1.58 4.97 12.00
N LEU A 405 0.97 5.74 12.90
CA LEU A 405 0.50 5.22 14.18
C LEU A 405 -0.80 4.45 13.97
N TRP A 406 -0.92 3.30 14.60
CA TRP A 406 -2.12 2.49 14.49
C TRP A 406 -3.38 3.28 14.86
N CYS A 407 -3.29 4.08 15.93
CA CYS A 407 -4.43 4.86 16.40
C CYS A 407 -4.90 5.88 15.40
N SER A 408 -4.18 6.02 14.28
CA SER A 408 -4.61 6.97 13.25
C SER A 408 -5.81 6.40 12.53
N GLY A 409 -5.99 5.08 12.63
CA GLY A 409 -7.10 4.41 11.99
C GLY A 409 -6.88 4.04 10.55
N LEU A 410 -5.80 4.53 9.97
CA LEU A 410 -5.54 4.26 8.56
C LEU A 410 -4.79 2.95 8.27
N PRO A 411 -3.75 2.62 9.05
CA PRO A 411 -3.01 1.36 8.85
C PRO A 411 -3.93 0.14 8.87
N GLU A 412 -4.80 0.03 9.88
CA GLU A 412 -5.71 -1.11 9.95
C GLU A 412 -6.80 -1.11 8.87
N LEU A 413 -7.24 0.08 8.46
CA LEU A 413 -8.26 0.18 7.42
C LEU A 413 -7.72 -0.42 6.11
N PHE A 414 -6.47 -0.09 5.77
CA PHE A 414 -5.87 -0.60 4.54
C PHE A 414 -5.73 -2.11 4.60
N ALA A 415 -5.19 -2.59 5.71
CA ALA A 415 -4.98 -4.03 5.89
C ALA A 415 -6.28 -4.82 5.84
N VAL A 416 -7.30 -4.32 6.50
CA VAL A 416 -8.56 -5.03 6.53
C VAL A 416 -9.30 -4.98 5.19
N TYR A 417 -9.07 -3.94 4.40
CA TYR A 417 -9.77 -3.80 3.12
C TYR A 417 -9.13 -4.48 1.91
N VAL A 418 -7.81 -4.46 1.86
CA VAL A 418 -7.04 -5.00 0.75
C VAL A 418 -7.46 -6.37 0.22
N PRO A 419 -7.99 -7.25 1.09
CA PRO A 419 -8.40 -8.56 0.59
C PRO A 419 -9.47 -8.42 -0.50
N ALA A 420 -10.18 -7.29 -0.53
CA ALA A 420 -11.23 -7.09 -1.53
C ALA A 420 -10.68 -7.23 -2.96
N CYS A 421 -9.39 -6.99 -3.13
CA CYS A 421 -8.75 -7.06 -4.44
C CYS A 421 -8.47 -8.49 -4.90
N THR A 422 -8.61 -9.46 -3.99
CA THR A 422 -8.35 -10.85 -4.36
C THR A 422 -9.54 -11.78 -4.21
N TYR A 423 -10.21 -11.73 -3.06
CA TYR A 423 -11.34 -12.62 -2.88
C TYR A 423 -12.47 -12.33 -3.84
N GLU A 424 -13.21 -13.39 -4.17
CA GLU A 424 -14.32 -13.32 -5.11
C GLU A 424 -13.78 -13.04 -6.52
N GLY A 425 -12.50 -13.31 -6.74
CA GLY A 425 -11.91 -13.08 -8.05
C GLY A 425 -10.76 -12.08 -8.07
N ASP A 426 -9.58 -12.54 -8.50
CA ASP A 426 -8.39 -11.67 -8.59
C ASP A 426 -8.72 -10.50 -9.51
N ASN A 427 -8.41 -9.28 -9.07
CA ASN A 427 -8.71 -8.09 -9.86
C ASN A 427 -8.22 -8.10 -11.30
N VAL A 428 -7.04 -8.65 -11.55
CA VAL A 428 -6.50 -8.69 -12.90
C VAL A 428 -7.27 -9.71 -13.74
N VAL A 429 -7.51 -10.88 -13.15
CA VAL A 429 -8.23 -11.94 -13.84
C VAL A 429 -9.61 -11.44 -14.26
N LEU A 430 -10.29 -10.72 -13.34
CA LEU A 430 -11.61 -10.17 -13.62
C LEU A 430 -11.61 -9.19 -14.79
N GLN A 431 -10.58 -8.36 -14.88
CA GLN A 431 -10.48 -7.38 -15.96
C GLN A 431 -10.15 -8.04 -17.29
N LEU A 432 -9.59 -9.24 -17.24
CA LEU A 432 -9.27 -9.97 -18.47
C LEU A 432 -10.58 -10.49 -19.06
N GLN A 433 -11.55 -10.73 -18.19
CA GLN A 433 -12.86 -11.19 -18.63
C GLN A 433 -13.56 -10.06 -19.39
N VAL A 434 -13.33 -8.83 -18.92
CA VAL A 434 -13.93 -7.66 -19.56
C VAL A 434 -13.25 -7.47 -20.91
N ALA A 435 -11.95 -7.72 -20.96
CA ALA A 435 -11.18 -7.59 -22.18
C ALA A 435 -11.70 -8.56 -23.23
N ARG A 436 -12.06 -9.77 -22.81
CA ARG A 436 -12.58 -10.77 -23.73
C ARG A 436 -13.93 -10.30 -24.27
N PHE A 437 -14.74 -9.73 -23.39
CA PHE A 437 -16.05 -9.21 -23.77
C PHE A 437 -15.89 -8.07 -24.78
N LEU A 438 -14.95 -7.17 -24.51
CA LEU A 438 -14.72 -6.03 -25.41
C LEU A 438 -14.19 -6.46 -26.78
N MET A 439 -13.38 -7.51 -26.82
CA MET A 439 -12.85 -8.00 -28.09
C MET A 439 -13.96 -8.65 -28.92
N LYS A 440 -14.84 -9.39 -28.24
CA LYS A 440 -15.95 -10.06 -28.92
C LYS A 440 -16.90 -8.99 -29.45
N THR A 441 -16.99 -7.88 -28.73
CA THR A 441 -17.86 -6.77 -29.13
C THR A 441 -17.29 -6.04 -30.33
N VAL A 442 -16.01 -5.70 -30.25
CA VAL A 442 -15.35 -5.00 -31.35
C VAL A 442 -15.36 -5.86 -32.61
N ALA A 443 -15.40 -7.19 -32.42
CA ALA A 443 -15.41 -8.11 -33.54
C ALA A 443 -16.71 -7.96 -34.32
N GLN A 444 -17.66 -7.24 -33.73
CA GLN A 444 -18.96 -7.00 -34.35
C GLN A 444 -18.98 -5.63 -35.04
N LEU A 445 -17.94 -4.82 -34.87
CA LEU A 445 -17.91 -3.51 -35.52
C LEU A 445 -17.95 -3.69 -37.04
N GLY A 446 -18.98 -3.14 -37.68
CA GLY A 446 -19.09 -3.25 -39.12
C GLY A 446 -19.87 -4.49 -39.57
N SER A 447 -20.36 -5.27 -38.63
CA SER A 447 -21.10 -6.48 -38.97
C SER A 447 -22.56 -6.12 -39.21
N GLY A 448 -22.99 -5.00 -38.62
CA GLY A 448 -24.35 -4.55 -38.76
C GLY A 448 -25.13 -4.69 -37.46
N LYS A 449 -24.54 -5.38 -36.48
CA LYS A 449 -25.20 -5.55 -35.19
C LYS A 449 -25.14 -4.25 -34.42
N VAL A 450 -26.24 -3.91 -33.75
CA VAL A 450 -26.32 -2.68 -32.98
C VAL A 450 -26.02 -2.97 -31.51
N PRO A 451 -24.82 -2.58 -31.04
CA PRO A 451 -24.46 -2.81 -29.64
C PRO A 451 -25.30 -1.94 -28.71
N VAL A 452 -25.65 -2.49 -27.56
CA VAL A 452 -26.46 -1.76 -26.58
C VAL A 452 -25.81 -1.82 -25.19
N GLY A 453 -26.38 -1.05 -24.26
CA GLY A 453 -25.86 -1.03 -22.91
C GLY A 453 -24.64 -0.16 -22.78
N THR A 454 -23.70 -0.60 -21.95
CA THR A 454 -22.46 0.13 -21.71
C THR A 454 -21.56 0.16 -22.93
N THR A 455 -21.89 -0.66 -23.94
CA THR A 455 -21.10 -0.69 -25.17
C THR A 455 -21.85 0.00 -26.31
N ALA A 456 -23.00 0.58 -26.01
CA ALA A 456 -23.79 1.27 -27.02
C ALA A 456 -22.96 2.34 -27.74
N TYR A 457 -22.02 2.96 -27.04
CA TYR A 457 -21.19 4.00 -27.65
C TYR A 457 -20.33 3.46 -28.80
N MET A 458 -20.27 2.14 -28.91
CA MET A 458 -19.48 1.53 -29.98
C MET A 458 -20.19 1.62 -31.33
N GLY A 459 -21.46 2.00 -31.30
CA GLY A 459 -22.22 2.14 -32.52
C GLY A 459 -21.80 3.42 -33.23
N ARG A 460 -21.31 4.39 -32.46
CA ARG A 460 -20.86 5.66 -32.98
C ARG A 460 -19.36 5.61 -33.28
N ALA A 461 -18.87 4.40 -33.53
CA ALA A 461 -17.46 4.18 -33.82
C ALA A 461 -16.95 5.00 -34.99
N ALA A 462 -17.84 5.26 -35.95
CA ALA A 462 -17.49 6.03 -37.14
C ALA A 462 -16.99 7.40 -36.76
N HIS A 463 -17.76 8.08 -35.92
CA HIS A 463 -17.41 9.42 -35.46
C HIS A 463 -16.31 9.40 -34.40
N LEU A 464 -16.48 8.54 -33.39
CA LEU A 464 -15.52 8.42 -32.29
C LEU A 464 -14.09 8.08 -32.71
N LEU A 465 -13.95 7.34 -33.81
CA LEU A 465 -12.63 6.96 -34.29
C LEU A 465 -11.91 8.04 -35.08
N GLN A 466 -12.64 9.08 -35.45
CA GLN A 466 -12.04 10.17 -36.23
C GLN A 466 -12.39 11.53 -35.63
N CYS A 467 -12.83 11.55 -34.37
CA CYS A 467 -13.20 12.81 -33.76
C CYS A 467 -12.09 13.75 -33.36
N ARG A 468 -12.50 14.98 -33.12
CA ARG A 468 -11.63 16.06 -32.69
C ARG A 468 -12.49 16.82 -31.70
N SER A 469 -11.98 17.01 -30.49
CA SER A 469 -12.72 17.71 -29.44
C SER A 469 -12.93 19.18 -29.79
N GLY A 470 -14.10 19.71 -29.48
CA GLY A 470 -14.39 21.10 -29.75
C GLY A 470 -13.98 22.02 -28.61
N VAL A 471 -13.27 21.47 -27.63
CA VAL A 471 -12.83 22.26 -26.49
C VAL A 471 -11.94 23.43 -26.92
N GLN A 472 -12.32 24.64 -26.50
CA GLN A 472 -11.53 25.83 -26.82
C GLN A 472 -11.17 26.57 -25.54
N LYS A 473 -11.92 26.31 -24.47
CA LYS A 473 -11.65 26.96 -23.19
C LYS A 473 -11.83 25.98 -22.03
N ALA A 474 -11.22 26.29 -20.90
CA ALA A 474 -11.30 25.43 -19.72
C ALA A 474 -12.71 25.01 -19.31
N GLU A 475 -13.65 25.95 -19.32
CA GLU A 475 -15.04 25.69 -18.92
C GLU A 475 -15.74 24.65 -19.80
N ASP A 476 -15.26 24.46 -21.03
CA ASP A 476 -15.87 23.48 -21.92
C ASP A 476 -15.75 22.06 -21.38
N TRP A 477 -14.80 21.82 -20.50
CA TRP A 477 -14.61 20.49 -19.92
C TRP A 477 -15.66 20.17 -18.85
N LEU A 478 -16.58 21.11 -18.61
CA LEU A 478 -17.66 20.89 -17.64
C LEU A 478 -18.90 20.40 -18.38
N ASN A 479 -18.79 20.34 -19.69
CA ASN A 479 -19.90 19.88 -20.54
C ASN A 479 -19.86 18.35 -20.59
N PRO A 480 -20.92 17.70 -20.10
CA PRO A 480 -21.02 16.22 -20.08
C PRO A 480 -20.78 15.56 -21.42
N ASP A 481 -21.26 16.19 -22.50
CA ASP A 481 -21.09 15.64 -23.85
C ASP A 481 -19.63 15.67 -24.27
N VAL A 482 -18.91 16.73 -23.86
CA VAL A 482 -17.50 16.85 -24.19
C VAL A 482 -16.70 15.78 -23.44
N VAL A 483 -16.98 15.62 -22.16
CA VAL A 483 -16.28 14.63 -21.32
C VAL A 483 -16.59 13.22 -21.79
N LEU A 484 -17.87 12.94 -22.04
CA LEU A 484 -18.27 11.61 -22.50
C LEU A 484 -17.65 11.24 -23.83
N GLU A 485 -17.61 12.18 -24.77
CA GLU A 485 -17.03 11.90 -26.08
C GLU A 485 -15.56 11.57 -25.92
N ALA A 486 -14.89 12.30 -25.04
CA ALA A 486 -13.48 12.07 -24.79
C ALA A 486 -13.20 10.66 -24.27
N PHE A 487 -13.94 10.25 -23.26
CA PHE A 487 -13.76 8.92 -22.65
C PHE A 487 -14.17 7.76 -23.55
N GLU A 488 -15.22 7.96 -24.33
CA GLU A 488 -15.70 6.94 -25.26
C GLU A 488 -14.68 6.75 -26.37
N ALA A 489 -14.21 7.85 -26.94
CA ALA A 489 -13.23 7.79 -28.03
C ALA A 489 -11.98 7.09 -27.53
N ARG A 490 -11.55 7.46 -26.33
CA ARG A 490 -10.36 6.86 -25.74
C ARG A 490 -10.49 5.35 -25.59
N ALA A 491 -11.59 4.93 -24.97
CA ALA A 491 -11.85 3.52 -24.73
C ALA A 491 -11.95 2.76 -26.04
N LEU A 492 -12.72 3.29 -26.99
CA LEU A 492 -12.89 2.64 -28.29
C LEU A 492 -11.56 2.44 -29.01
N ARG A 493 -10.80 3.53 -29.15
CA ARG A 493 -9.50 3.51 -29.81
C ARG A 493 -8.62 2.41 -29.22
N MET A 494 -8.57 2.37 -27.89
CA MET A 494 -7.76 1.37 -27.21
C MET A 494 -8.23 -0.05 -27.52
N ALA A 495 -9.55 -0.27 -27.48
CA ALA A 495 -10.09 -1.59 -27.75
C ALA A 495 -9.91 -2.02 -29.21
N VAL A 496 -10.09 -1.07 -30.13
CA VAL A 496 -9.92 -1.37 -31.55
C VAL A 496 -8.46 -1.65 -31.86
N THR A 497 -7.55 -0.93 -31.21
CA THR A 497 -6.13 -1.15 -31.44
C THR A 497 -5.74 -2.55 -30.98
N CYS A 498 -6.29 -3.00 -29.87
CA CYS A 498 -6.01 -4.34 -29.37
C CYS A 498 -6.52 -5.39 -30.35
N ALA A 499 -7.76 -5.21 -30.82
CA ALA A 499 -8.37 -6.16 -31.74
C ALA A 499 -7.56 -6.28 -33.03
N LYS A 500 -7.11 -5.14 -33.54
CA LYS A 500 -6.31 -5.11 -34.74
C LYS A 500 -4.97 -5.82 -34.56
N ASN A 501 -4.36 -5.69 -33.39
CA ASN A 501 -3.08 -6.36 -33.14
C ASN A 501 -3.33 -7.83 -32.84
N LEU A 502 -4.53 -8.14 -32.33
CA LEU A 502 -4.88 -9.51 -32.02
C LEU A 502 -5.05 -10.36 -33.29
N SER A 503 -5.28 -9.69 -34.41
CA SER A 503 -5.45 -10.39 -35.69
C SER A 503 -4.12 -10.43 -36.42
N LYS A 504 -3.06 -10.01 -35.72
CA LYS A 504 -1.72 -10.03 -36.30
C LYS A 504 -0.97 -11.28 -35.87
N PHE A 505 -1.64 -12.14 -35.13
CA PHE A 505 -1.06 -13.39 -34.66
C PHE A 505 -1.81 -14.55 -35.28
N GLU A 506 -1.13 -15.67 -35.47
CA GLU A 506 -1.77 -16.85 -36.04
C GLU A 506 -2.79 -17.45 -35.09
N ASN A 507 -2.36 -17.79 -33.87
CA ASN A 507 -3.25 -18.38 -32.86
C ASN A 507 -3.95 -17.26 -32.10
N GLN A 508 -5.27 -17.31 -32.08
CA GLN A 508 -6.06 -16.27 -31.42
C GLN A 508 -5.79 -16.18 -29.92
N GLU A 509 -5.87 -17.32 -29.22
CA GLU A 509 -5.63 -17.34 -27.78
C GLU A 509 -4.18 -16.99 -27.46
N GLN A 510 -3.30 -17.15 -28.44
CA GLN A 510 -1.89 -16.84 -28.25
C GLN A 510 -1.68 -15.32 -28.29
N GLY A 511 -2.23 -14.67 -29.31
CA GLY A 511 -2.11 -13.23 -29.42
C GLY A 511 -2.75 -12.54 -28.22
N PHE A 512 -3.84 -13.13 -27.74
CA PHE A 512 -4.53 -12.55 -26.60
C PHE A 512 -3.56 -12.52 -25.41
N GLN A 513 -2.90 -13.65 -25.16
CA GLN A 513 -1.96 -13.77 -24.05
C GLN A 513 -0.78 -12.84 -24.25
N GLU A 514 -0.32 -12.70 -25.49
CA GLU A 514 0.80 -11.83 -25.77
C GLU A 514 0.46 -10.37 -25.48
N LEU A 515 -0.81 -10.02 -25.58
CA LEU A 515 -1.25 -8.64 -25.39
C LEU A 515 -2.05 -8.39 -24.12
N LEU A 516 -2.04 -9.35 -23.21
CA LEU A 516 -2.78 -9.25 -21.95
C LEU A 516 -2.68 -7.89 -21.27
N ALA A 517 -1.47 -7.31 -21.26
CA ALA A 517 -1.28 -6.02 -20.59
C ALA A 517 -2.06 -4.91 -21.29
N ASP A 518 -2.02 -4.89 -22.62
CA ASP A 518 -2.74 -3.86 -23.37
C ASP A 518 -4.25 -4.08 -23.23
N LEU A 519 -4.66 -5.34 -23.17
CA LEU A 519 -6.06 -5.72 -23.05
C LEU A 519 -6.66 -5.26 -21.71
N VAL A 520 -5.88 -5.41 -20.65
CA VAL A 520 -6.32 -4.99 -19.32
C VAL A 520 -6.52 -3.45 -19.27
N GLU A 521 -5.61 -2.71 -19.90
CA GLU A 521 -5.73 -1.25 -19.89
C GLU A 521 -6.98 -0.82 -20.66
N ALA A 522 -7.24 -1.48 -21.78
CA ALA A 522 -8.42 -1.17 -22.60
C ALA A 522 -9.68 -1.42 -21.78
N ALA A 523 -9.65 -2.50 -21.01
CA ALA A 523 -10.78 -2.88 -20.16
C ALA A 523 -10.97 -1.84 -19.04
N ILE A 524 -9.88 -1.39 -18.44
CA ILE A 524 -9.94 -0.37 -17.39
C ILE A 524 -10.53 0.93 -17.97
N ALA A 525 -10.12 1.29 -19.18
CA ALA A 525 -10.61 2.53 -19.80
C ALA A 525 -12.12 2.43 -19.98
N HIS A 526 -12.59 1.26 -20.36
CA HIS A 526 -14.02 1.03 -20.53
C HIS A 526 -14.72 1.16 -19.17
N CYS A 527 -14.13 0.59 -18.12
CA CYS A 527 -14.74 0.66 -16.77
C CYS A 527 -14.80 2.08 -16.24
N GLN A 528 -13.75 2.86 -16.47
CA GLN A 528 -13.73 4.25 -16.01
C GLN A 528 -14.82 5.03 -16.76
N LEU A 529 -14.99 4.73 -18.05
CA LEU A 529 -16.01 5.41 -18.85
C LEU A 529 -17.35 5.17 -18.18
N ILE A 530 -17.61 3.93 -17.79
CA ILE A 530 -18.86 3.57 -17.12
C ILE A 530 -19.05 4.36 -15.82
N VAL A 531 -18.02 4.43 -14.98
CA VAL A 531 -18.15 5.18 -13.74
C VAL A 531 -18.43 6.66 -14.04
N VAL A 532 -17.68 7.24 -14.97
CA VAL A 532 -17.88 8.65 -15.34
C VAL A 532 -19.30 8.90 -15.86
N SER A 533 -19.79 8.00 -16.71
CA SER A 533 -21.15 8.15 -17.27
C SER A 533 -22.25 8.03 -16.21
N LYS A 534 -22.01 7.21 -15.19
CA LYS A 534 -23.01 7.04 -14.14
C LYS A 534 -23.01 8.20 -13.16
N PHE A 535 -21.88 8.88 -13.04
CA PHE A 535 -21.81 10.02 -12.14
C PHE A 535 -22.58 11.16 -12.85
N ILE A 536 -22.35 11.31 -14.15
CA ILE A 536 -23.04 12.32 -14.93
C ILE A 536 -24.54 12.05 -14.93
N ALA A 537 -24.91 10.78 -15.08
CA ALA A 537 -26.31 10.39 -15.11
C ALA A 537 -26.99 10.69 -13.78
N LYS A 538 -26.27 10.46 -12.69
CA LYS A 538 -26.82 10.73 -11.36
C LYS A 538 -27.16 12.20 -11.20
N LEU A 539 -26.38 13.07 -11.84
CA LEU A 539 -26.59 14.52 -11.76
C LEU A 539 -27.86 14.97 -12.50
N GLU A 540 -28.42 14.08 -13.33
CA GLU A 540 -29.62 14.41 -14.09
C GLU A 540 -30.87 14.20 -13.27
N GLN A 541 -30.73 13.45 -12.19
CA GLN A 541 -31.83 13.16 -11.28
C GLN A 541 -32.20 14.41 -10.49
N ASP A 542 -33.27 14.33 -9.71
CA ASP A 542 -33.71 15.45 -8.87
C ASP A 542 -33.12 15.29 -7.48
N ILE A 543 -32.05 16.02 -7.21
CA ILE A 543 -31.38 15.97 -5.92
C ILE A 543 -31.73 17.21 -5.14
N GLY A 544 -32.38 17.02 -4.00
CA GLY A 544 -32.79 18.15 -3.17
C GLY A 544 -31.69 18.70 -2.30
N GLY A 545 -31.80 19.97 -1.95
CA GLY A 545 -30.82 20.60 -1.10
C GLY A 545 -30.06 21.68 -1.84
N LYS A 546 -30.16 22.90 -1.34
CA LYS A 546 -29.47 24.04 -1.94
C LYS A 546 -27.97 23.80 -2.01
N GLY A 547 -27.40 23.99 -3.19
CA GLY A 547 -25.98 23.82 -3.38
C GLY A 547 -25.47 22.39 -3.39
N VAL A 548 -26.35 21.44 -3.07
CA VAL A 548 -25.96 20.03 -3.05
C VAL A 548 -25.53 19.53 -4.42
N LYS A 549 -26.40 19.68 -5.42
CA LYS A 549 -26.05 19.21 -6.76
C LYS A 549 -24.83 19.95 -7.33
N LYS A 550 -24.57 21.16 -6.85
CA LYS A 550 -23.42 21.93 -7.33
C LYS A 550 -22.11 21.28 -6.86
N GLN A 551 -22.07 20.80 -5.62
CA GLN A 551 -20.89 20.15 -5.12
C GLN A 551 -20.72 18.80 -5.80
N LEU A 552 -21.81 18.08 -6.00
CA LEU A 552 -21.74 16.77 -6.65
C LEU A 552 -21.25 16.96 -8.06
N ASN A 553 -21.61 18.09 -8.67
CA ASN A 553 -21.18 18.37 -10.03
C ASN A 553 -19.68 18.66 -10.02
N ASN A 554 -19.22 19.34 -8.98
CA ASN A 554 -17.80 19.64 -8.83
C ASN A 554 -17.01 18.33 -8.74
N LEU A 555 -17.50 17.40 -7.93
CA LEU A 555 -16.83 16.12 -7.72
C LEU A 555 -16.90 15.27 -8.98
N CYS A 556 -18.03 15.32 -9.69
CA CYS A 556 -18.19 14.56 -10.91
C CYS A 556 -17.07 14.87 -11.89
N TYR A 557 -16.83 16.16 -12.15
CA TYR A 557 -15.80 16.56 -13.12
C TYR A 557 -14.37 16.50 -12.57
N ILE A 558 -14.23 16.52 -11.24
CA ILE A 558 -12.90 16.37 -10.67
C ILE A 558 -12.52 14.93 -10.98
N TYR A 559 -13.43 13.99 -10.75
CA TYR A 559 -13.17 12.57 -11.02
C TYR A 559 -12.78 12.35 -12.49
N ALA A 560 -13.59 12.90 -13.39
CA ALA A 560 -13.36 12.77 -14.82
C ALA A 560 -12.08 13.44 -15.30
N LEU A 561 -11.85 14.69 -14.88
CA LEU A 561 -10.65 15.41 -15.31
C LEU A 561 -9.39 14.89 -14.64
N TYR A 562 -9.54 14.29 -13.46
CA TYR A 562 -8.39 13.71 -12.79
C TYR A 562 -7.91 12.48 -13.58
N LEU A 563 -8.85 11.62 -13.99
CA LEU A 563 -8.50 10.42 -14.73
C LEU A 563 -7.96 10.81 -16.11
N LEU A 564 -8.47 11.91 -16.64
CA LEU A 564 -8.01 12.38 -17.94
C LEU A 564 -6.51 12.69 -17.82
N HIS A 565 -6.15 13.44 -16.80
CA HIS A 565 -4.74 13.78 -16.57
C HIS A 565 -3.91 12.54 -16.26
N LYS A 566 -4.39 11.69 -15.37
CA LYS A 566 -3.66 10.47 -15.00
C LYS A 566 -3.38 9.57 -16.21
N HIS A 567 -4.34 9.49 -17.13
CA HIS A 567 -4.19 8.65 -18.32
C HIS A 567 -4.08 9.47 -19.61
N LEU A 568 -3.54 10.68 -19.49
CA LEU A 568 -3.40 11.59 -20.62
C LEU A 568 -2.88 10.92 -21.88
N GLY A 569 -1.89 10.05 -21.72
CA GLY A 569 -1.34 9.35 -22.86
C GLY A 569 -2.39 8.62 -23.70
N ASP A 570 -3.38 8.00 -23.05
CA ASP A 570 -4.40 7.28 -23.80
C ASP A 570 -5.20 8.26 -24.66
N PHE A 571 -5.60 9.38 -24.06
CA PHE A 571 -6.39 10.38 -24.79
C PHE A 571 -5.64 11.04 -25.93
N LEU A 572 -4.36 11.36 -25.70
CA LEU A 572 -3.56 11.99 -26.74
C LEU A 572 -3.23 11.06 -27.90
N SER A 573 -3.27 9.75 -27.64
CA SER A 573 -2.99 8.76 -28.68
C SER A 573 -4.13 8.72 -29.70
N THR A 574 -5.32 9.12 -29.28
CA THR A 574 -6.51 9.11 -30.13
C THR A 574 -6.62 10.33 -31.04
N ASN A 575 -5.85 11.37 -30.74
CA ASN A 575 -5.87 12.59 -31.52
C ASN A 575 -7.27 13.23 -31.68
N CYS A 576 -8.13 13.01 -30.70
CA CYS A 576 -9.46 13.62 -30.68
C CYS A 576 -9.38 14.63 -29.52
N ILE A 577 -8.17 14.71 -28.94
CA ILE A 577 -7.86 15.63 -27.85
C ILE A 577 -6.41 16.06 -28.02
N THR A 578 -6.19 17.38 -28.05
CA THR A 578 -4.85 17.91 -28.22
C THR A 578 -4.21 18.28 -26.87
N PRO A 579 -2.89 18.49 -26.85
CA PRO A 579 -2.23 18.86 -25.60
C PRO A 579 -2.75 20.19 -25.09
N LYS A 580 -3.06 21.13 -25.98
CA LYS A 580 -3.60 22.39 -25.52
C LYS A 580 -4.91 22.14 -24.75
N GLN A 581 -5.77 21.27 -25.28
CA GLN A 581 -7.05 20.97 -24.63
C GLN A 581 -6.83 20.26 -23.28
N ALA A 582 -5.78 19.45 -23.22
CA ALA A 582 -5.45 18.73 -22.00
C ALA A 582 -5.02 19.76 -20.96
N SER A 583 -4.25 20.74 -21.41
CA SER A 583 -3.80 21.79 -20.51
C SER A 583 -5.02 22.56 -19.97
N LEU A 584 -6.01 22.79 -20.81
CA LEU A 584 -7.22 23.48 -20.38
C LEU A 584 -7.99 22.64 -19.36
N ALA A 585 -7.96 21.33 -19.54
CA ALA A 585 -8.65 20.44 -18.61
C ALA A 585 -7.97 20.52 -17.24
N ASN A 586 -6.66 20.72 -17.25
CA ASN A 586 -5.88 20.81 -16.03
C ASN A 586 -6.16 22.13 -15.31
N ASP A 587 -6.44 23.18 -16.08
CA ASP A 587 -6.78 24.47 -15.48
C ASP A 587 -8.16 24.32 -14.83
N GLN A 588 -9.05 23.59 -15.48
CA GLN A 588 -10.38 23.42 -14.92
C GLN A 588 -10.33 22.61 -13.66
N LEU A 589 -9.48 21.57 -13.67
CA LEU A 589 -9.31 20.71 -12.52
C LEU A 589 -8.83 21.51 -11.34
N ARG A 590 -7.82 22.34 -11.55
CA ARG A 590 -7.31 23.18 -10.46
C ARG A 590 -8.39 24.10 -9.92
N SER A 591 -9.16 24.68 -10.84
CA SER A 591 -10.24 25.58 -10.44
C SER A 591 -11.29 24.80 -9.64
N LEU A 592 -11.54 23.54 -10.01
CA LEU A 592 -12.50 22.73 -9.25
C LEU A 592 -11.98 22.44 -7.83
N TYR A 593 -10.68 22.21 -7.67
CA TYR A 593 -10.09 21.96 -6.35
C TYR A 593 -10.34 23.17 -5.42
N THR A 594 -10.15 24.37 -5.96
CA THR A 594 -10.35 25.58 -5.18
C THR A 594 -11.82 25.75 -4.76
N GLN A 595 -12.75 25.39 -5.64
CA GLN A 595 -14.16 25.50 -5.31
C GLN A 595 -14.55 24.48 -4.25
N VAL A 596 -13.97 23.28 -4.32
CA VAL A 596 -14.29 22.23 -3.35
C VAL A 596 -13.62 22.45 -2.00
N ARG A 597 -12.44 23.05 -2.01
CA ARG A 597 -11.69 23.33 -0.77
C ARG A 597 -12.56 23.76 0.43
N PRO A 598 -13.37 24.81 0.29
CA PRO A 598 -14.21 25.22 1.44
C PRO A 598 -15.30 24.21 1.84
N ASN A 599 -15.69 23.37 0.88
CA ASN A 599 -16.72 22.38 1.13
C ASN A 599 -16.16 21.03 1.59
N ALA A 600 -14.83 20.89 1.55
CA ALA A 600 -14.17 19.63 1.90
C ALA A 600 -14.65 18.95 3.18
N VAL A 601 -14.52 19.63 4.31
CA VAL A 601 -14.93 19.02 5.57
C VAL A 601 -16.41 18.63 5.57
N ALA A 602 -17.29 19.52 5.15
CA ALA A 602 -18.71 19.18 5.13
C ALA A 602 -18.98 17.98 4.22
N LEU A 603 -18.21 17.83 3.15
CA LEU A 603 -18.43 16.70 2.23
C LEU A 603 -18.13 15.35 2.87
N VAL A 604 -17.24 15.31 3.85
CA VAL A 604 -16.93 14.04 4.51
C VAL A 604 -17.81 13.91 5.75
N ASP A 605 -18.36 15.02 6.22
CA ASP A 605 -19.26 14.96 7.37
C ASP A 605 -20.54 14.30 6.86
N ALA A 606 -20.84 14.47 5.57
CA ALA A 606 -22.03 13.88 4.98
C ALA A 606 -22.03 12.35 5.12
N PHE A 607 -20.85 11.76 5.38
CA PHE A 607 -20.71 10.30 5.55
C PHE A 607 -21.39 9.86 6.85
N ASN A 608 -21.57 10.82 7.75
CA ASN A 608 -22.22 10.60 9.04
C ASN A 608 -21.58 9.54 9.94
N TYR A 609 -20.26 9.41 9.84
CA TYR A 609 -19.52 8.44 10.64
C TYR A 609 -19.28 8.92 12.07
N THR A 610 -19.51 8.04 13.04
CA THR A 610 -19.27 8.37 14.44
C THR A 610 -17.77 8.16 14.72
N ASP A 611 -17.21 8.86 15.70
CA ASP A 611 -15.80 8.70 16.03
C ASP A 611 -15.50 7.24 16.36
N HIS A 612 -16.46 6.57 17.00
CA HIS A 612 -16.29 5.17 17.36
C HIS A 612 -16.01 4.32 16.10
N TYR A 613 -16.82 4.54 15.07
CA TYR A 613 -16.67 3.79 13.83
C TYR A 613 -15.36 4.13 13.11
N LEU A 614 -15.06 5.41 12.99
CA LEU A 614 -13.83 5.83 12.32
C LEU A 614 -12.64 5.32 13.08
N ASN A 615 -12.75 5.28 14.41
CA ASN A 615 -11.66 4.80 15.27
C ASN A 615 -10.34 5.50 14.88
N SER A 616 -10.38 6.82 14.73
CA SER A 616 -9.22 7.59 14.33
C SER A 616 -8.98 8.86 15.12
N VAL A 617 -7.80 8.97 15.73
CA VAL A 617 -7.47 10.17 16.50
C VAL A 617 -7.27 11.36 15.56
N LEU A 618 -6.72 11.09 14.37
CA LEU A 618 -6.47 12.15 13.41
C LEU A 618 -7.75 12.65 12.74
N GLY A 619 -8.72 11.74 12.60
CA GLY A 619 -9.97 12.10 11.95
C GLY A 619 -11.14 12.39 12.86
N ARG A 620 -10.84 12.67 14.14
CA ARG A 620 -11.87 12.99 15.12
C ARG A 620 -12.76 14.10 14.60
N TYR A 621 -14.05 13.97 14.86
CA TYR A 621 -15.01 14.99 14.45
C TYR A 621 -14.61 16.39 14.95
N ASP A 622 -14.25 16.50 16.23
CA ASP A 622 -13.92 17.81 16.82
C ASP A 622 -12.58 18.45 16.47
N GLY A 623 -11.74 17.71 15.75
CA GLY A 623 -10.45 18.27 15.38
C GLY A 623 -9.48 18.42 16.52
N ASN A 624 -9.77 17.76 17.65
CA ASN A 624 -8.88 17.81 18.81
C ASN A 624 -7.94 16.62 18.69
N VAL A 625 -6.95 16.74 17.81
CA VAL A 625 -6.00 15.66 17.54
C VAL A 625 -4.81 15.45 18.46
N TYR A 626 -3.91 16.43 18.51
CA TYR A 626 -2.70 16.32 19.30
C TYR A 626 -2.89 15.84 20.73
N PRO A 627 -3.84 16.43 21.46
CA PRO A 627 -4.05 15.99 22.84
C PRO A 627 -4.45 14.51 22.90
N LYS A 628 -5.23 14.07 21.91
CA LYS A 628 -5.68 12.70 21.87
C LYS A 628 -4.59 11.72 21.48
N LEU A 629 -3.58 12.20 20.72
CA LEU A 629 -2.46 11.33 20.33
C LEU A 629 -1.67 10.97 21.59
N PHE A 630 -1.43 11.97 22.43
CA PHE A 630 -0.68 11.78 23.67
C PHE A 630 -1.44 10.84 24.61
N GLU A 631 -2.74 11.06 24.69
CA GLU A 631 -3.60 10.24 25.55
C GLU A 631 -3.50 8.77 25.12
N GLU A 632 -3.58 8.51 23.81
CA GLU A 632 -3.49 7.13 23.33
C GLU A 632 -2.11 6.51 23.56
N ALA A 633 -1.06 7.31 23.39
CA ALA A 633 0.30 6.81 23.59
C ALA A 633 0.45 6.24 24.99
N LEU A 634 -0.02 6.98 25.99
CA LEU A 634 0.10 6.54 27.37
C LEU A 634 -0.54 5.18 27.62
N LYS A 635 -1.51 4.80 26.80
CA LYS A 635 -2.19 3.51 26.95
C LYS A 635 -1.39 2.32 26.42
N ASP A 636 -0.37 2.58 25.60
CA ASP A 636 0.41 1.49 25.04
C ASP A 636 1.05 0.66 26.13
N PRO A 637 1.04 -0.68 25.99
CA PRO A 637 1.62 -1.57 26.98
C PRO A 637 3.10 -1.32 27.27
N LEU A 638 3.81 -0.72 26.32
CA LEU A 638 5.23 -0.45 26.53
C LEU A 638 5.40 0.63 27.60
N ASN A 639 4.34 1.41 27.84
CA ASN A 639 4.38 2.44 28.87
C ASN A 639 3.88 1.91 30.22
N ASP A 640 3.72 0.60 30.33
CA ASP A 640 3.27 0.02 31.60
C ASP A 640 4.33 0.19 32.68
N SER A 641 5.58 0.39 32.27
CA SER A 641 6.68 0.58 33.21
C SER A 641 7.62 1.68 32.71
N VAL A 642 8.25 2.40 33.63
CA VAL A 642 9.17 3.47 33.27
C VAL A 642 10.46 2.86 32.72
N VAL A 643 10.95 1.82 33.39
CA VAL A 643 12.16 1.12 32.97
C VAL A 643 11.72 -0.15 32.24
N PRO A 644 12.10 -0.29 30.97
CA PRO A 644 11.72 -1.46 30.19
C PRO A 644 12.18 -2.80 30.74
N ASP A 645 11.35 -3.81 30.53
CA ASP A 645 11.67 -5.17 30.96
C ASP A 645 12.77 -5.66 30.03
N GLY A 646 13.93 -5.92 30.61
CA GLY A 646 15.07 -6.36 29.82
C GLY A 646 16.24 -5.42 30.04
N TYR A 647 16.00 -4.34 30.78
CA TYR A 647 17.04 -3.37 31.08
C TYR A 647 18.23 -4.00 31.82
N GLN A 648 17.93 -4.63 32.96
CA GLN A 648 18.98 -5.26 33.76
C GLN A 648 19.82 -6.27 32.99
N GLU A 649 19.20 -7.05 32.11
CA GLU A 649 19.95 -8.06 31.38
C GLU A 649 20.56 -7.64 30.06
N TYR A 650 19.92 -6.70 29.36
CA TYR A 650 20.41 -6.31 28.04
C TYR A 650 20.84 -4.87 27.80
N LEU A 651 20.70 -4.00 28.80
CA LEU A 651 21.09 -2.59 28.66
C LEU A 651 22.17 -2.16 29.65
N ARG A 652 21.90 -2.35 30.94
CA ARG A 652 22.87 -1.96 31.95
C ARG A 652 24.25 -2.60 31.71
N PRO A 653 24.29 -3.89 31.37
CA PRO A 653 25.58 -4.53 31.13
C PRO A 653 26.34 -3.83 29.99
N VAL A 654 25.60 -3.32 29.01
CA VAL A 654 26.21 -2.62 27.90
C VAL A 654 26.77 -1.28 28.38
N LEU A 655 25.89 -0.46 28.96
CA LEU A 655 26.27 0.86 29.46
C LEU A 655 27.40 0.79 30.49
N GLN A 656 27.32 -0.20 31.37
CA GLN A 656 28.31 -0.41 32.41
C GLN A 656 29.60 -1.06 31.93
N GLN A 657 29.69 -1.30 30.62
CA GLN A 657 30.87 -1.91 30.04
C GLN A 657 31.21 -3.25 30.68
N GLN A 658 30.28 -4.20 30.61
CA GLN A 658 30.47 -5.54 31.17
C GLN A 658 30.00 -6.56 30.13
N LEU A 659 30.20 -6.23 28.86
CA LEU A 659 29.81 -7.09 27.74
C LEU A 659 28.39 -6.77 27.29
N GLU B 2 12.22 -31.63 1.98
CA GLU B 2 13.60 -32.13 2.32
C GLU B 2 14.68 -31.27 1.68
N GLY B 3 15.23 -31.72 0.55
CA GLY B 3 16.28 -30.94 -0.07
C GLY B 3 16.16 -30.77 -1.57
N ILE B 4 14.95 -30.92 -2.10
CA ILE B 4 14.74 -30.78 -3.53
C ILE B 4 14.53 -29.32 -3.92
N ASP B 5 15.09 -28.92 -5.06
CA ASP B 5 14.95 -27.56 -5.57
C ASP B 5 13.87 -27.52 -6.66
N HIS B 6 12.65 -27.11 -6.29
CA HIS B 6 11.55 -27.05 -7.24
C HIS B 6 11.71 -26.00 -8.32
N LEU B 7 12.69 -25.13 -8.16
CA LEU B 7 12.94 -24.09 -9.15
C LEU B 7 14.19 -24.42 -9.97
N ALA B 8 14.66 -25.67 -9.84
CA ALA B 8 15.85 -26.10 -10.56
C ALA B 8 15.80 -25.83 -12.05
N ASP B 9 14.67 -26.16 -12.67
N ASP B 9 14.68 -26.16 -12.68
CA ASP B 9 14.51 -25.94 -14.10
CA ASP B 9 14.53 -25.94 -14.11
C ASP B 9 14.56 -24.45 -14.44
C ASP B 9 14.57 -24.44 -14.44
N GLU B 10 13.93 -23.62 -13.60
CA GLU B 10 13.93 -22.17 -13.83
C GLU B 10 15.36 -21.65 -13.83
N ARG B 11 16.15 -22.12 -12.87
CA ARG B 11 17.53 -21.70 -12.76
C ARG B 11 18.36 -22.18 -13.96
N ASN B 12 17.94 -23.27 -14.60
CA ASN B 12 18.67 -23.76 -15.75
C ASN B 12 18.29 -22.97 -17.00
N LYS B 13 17.23 -22.16 -16.91
CA LYS B 13 16.83 -21.35 -18.05
C LYS B 13 17.69 -20.10 -18.18
N ALA B 14 18.43 -19.77 -17.12
CA ALA B 14 19.28 -18.58 -17.11
C ALA B 14 20.20 -18.52 -18.31
N GLU B 15 20.28 -17.34 -18.91
CA GLU B 15 21.14 -17.11 -20.07
C GLU B 15 22.33 -16.24 -19.68
N PHE B 16 22.70 -16.30 -18.40
CA PHE B 16 23.83 -15.53 -17.89
C PHE B 16 24.30 -16.24 -16.62
N ASP B 17 25.56 -16.08 -16.23
CA ASP B 17 26.07 -16.73 -15.02
C ASP B 17 25.74 -15.90 -13.80
N VAL B 18 24.84 -16.45 -12.97
CA VAL B 18 24.36 -15.80 -11.76
C VAL B 18 25.46 -15.40 -10.78
N GLU B 19 26.48 -16.24 -10.64
CA GLU B 19 27.55 -15.94 -9.71
C GLU B 19 28.24 -14.61 -10.03
N ASP B 20 28.34 -14.27 -11.30
CA ASP B 20 28.95 -13.01 -11.73
C ASP B 20 27.98 -11.85 -11.50
N MET B 21 26.69 -12.08 -11.70
CA MET B 21 25.69 -11.05 -11.45
C MET B 21 25.66 -10.71 -9.96
N LYS B 22 25.96 -11.70 -9.12
CA LYS B 22 25.96 -11.48 -7.66
C LYS B 22 27.00 -10.43 -7.29
N ILE B 23 28.13 -10.44 -7.99
CA ILE B 23 29.20 -9.47 -7.73
C ILE B 23 28.75 -8.07 -8.15
N VAL B 24 28.02 -8.00 -9.26
CA VAL B 24 27.52 -6.72 -9.75
C VAL B 24 26.62 -6.08 -8.69
N TRP B 25 25.71 -6.88 -8.14
CA TRP B 25 24.75 -6.40 -7.14
C TRP B 25 25.45 -5.93 -5.86
N ALA B 26 26.46 -6.68 -5.43
CA ALA B 26 27.21 -6.36 -4.23
C ALA B 26 28.07 -5.13 -4.44
N GLY B 27 28.48 -4.90 -5.69
CA GLY B 27 29.30 -3.74 -5.98
C GLY B 27 30.77 -4.09 -6.16
N SER B 28 31.21 -5.18 -5.53
CA SER B 28 32.60 -5.65 -5.62
C SER B 28 32.68 -7.04 -5.01
N ARG B 29 33.82 -7.71 -5.18
CA ARG B 29 33.99 -9.05 -4.63
C ARG B 29 34.19 -8.97 -3.12
N HIS B 30 34.79 -7.87 -2.66
CA HIS B 30 35.03 -7.69 -1.24
C HIS B 30 33.69 -7.50 -0.54
N ALA B 31 32.87 -6.60 -1.07
CA ALA B 31 31.58 -6.34 -0.48
C ALA B 31 30.76 -7.64 -0.46
N PHE B 32 30.75 -8.34 -1.59
CA PHE B 32 29.99 -9.58 -1.70
C PHE B 32 30.43 -10.62 -0.67
N GLU B 33 31.75 -10.79 -0.55
CA GLU B 33 32.32 -11.77 0.37
C GLU B 33 32.00 -11.47 1.84
N VAL B 34 32.17 -10.23 2.23
CA VAL B 34 31.91 -9.83 3.61
C VAL B 34 30.43 -9.99 3.93
N SER B 35 29.57 -9.61 2.99
CA SER B 35 28.14 -9.71 3.21
C SER B 35 27.68 -11.16 3.27
N ASP B 36 28.22 -11.98 2.38
CA ASP B 36 27.84 -13.37 2.32
C ASP B 36 28.21 -14.08 3.63
N ARG B 37 29.39 -13.76 4.14
CA ARG B 37 29.87 -14.36 5.39
C ARG B 37 29.03 -13.96 6.59
N ILE B 38 28.83 -12.66 6.76
CA ILE B 38 28.05 -12.16 7.88
C ILE B 38 26.60 -12.62 7.78
N ALA B 39 26.08 -12.68 6.57
CA ALA B 39 24.70 -13.12 6.36
C ALA B 39 24.50 -14.52 6.91
N ARG B 40 25.43 -15.42 6.58
CA ARG B 40 25.33 -16.81 7.06
C ARG B 40 25.52 -16.86 8.57
N LEU B 41 26.38 -16.00 9.10
CA LEU B 41 26.63 -15.95 10.53
C LEU B 41 25.37 -15.58 11.31
N VAL B 42 24.57 -14.66 10.77
CA VAL B 42 23.34 -14.25 11.44
C VAL B 42 22.27 -15.33 11.32
N ALA B 43 22.11 -15.87 10.12
CA ALA B 43 21.10 -16.89 9.86
C ALA B 43 21.25 -18.12 10.74
N SER B 44 22.48 -18.51 11.01
CA SER B 44 22.77 -19.68 11.82
C SER B 44 22.64 -19.46 13.34
N ASP B 45 22.49 -18.22 13.78
CA ASP B 45 22.39 -17.93 15.22
C ASP B 45 20.94 -17.93 15.72
N PRO B 46 20.59 -18.83 16.64
CA PRO B 46 19.24 -18.94 17.19
C PRO B 46 18.70 -17.64 17.78
N VAL B 47 19.58 -16.85 18.39
CA VAL B 47 19.17 -15.58 19.00
C VAL B 47 18.58 -14.62 17.96
N PHE B 48 18.98 -14.79 16.70
CA PHE B 48 18.51 -13.89 15.64
C PHE B 48 17.30 -14.38 14.85
N GLU B 49 16.56 -15.31 15.43
CA GLU B 49 15.35 -15.83 14.81
C GLU B 49 14.36 -14.67 14.72
N LYS B 50 13.62 -14.60 13.63
CA LYS B 50 12.63 -13.53 13.49
C LYS B 50 11.35 -13.94 12.75
N SER B 51 11.19 -15.23 12.45
CA SER B 51 9.99 -15.69 11.76
C SER B 51 8.81 -15.81 12.73
N ASN B 52 9.09 -15.68 14.01
CA ASN B 52 8.06 -15.77 15.06
C ASN B 52 7.72 -14.38 15.60
N ARG B 53 8.32 -13.38 14.97
CA ARG B 53 8.16 -11.99 15.36
C ARG B 53 6.70 -11.53 15.49
N ALA B 54 5.84 -12.01 14.59
CA ALA B 54 4.43 -11.65 14.61
C ALA B 54 3.64 -12.36 15.72
N ARG B 55 4.26 -13.31 16.40
CA ARG B 55 3.57 -14.02 17.47
C ARG B 55 3.96 -13.47 18.86
N LEU B 56 4.66 -12.34 18.90
CA LEU B 56 5.10 -11.75 20.16
C LEU B 56 4.29 -10.53 20.53
N SER B 57 4.08 -10.30 21.83
CA SER B 57 3.34 -9.11 22.26
C SER B 57 4.32 -7.94 22.15
N ARG B 58 3.82 -6.71 22.27
CA ARG B 58 4.67 -5.53 22.20
C ARG B 58 5.83 -5.71 23.19
N LYS B 59 5.50 -5.98 24.45
CA LYS B 59 6.55 -6.15 25.46
C LYS B 59 7.58 -7.22 25.12
N GLU B 60 7.12 -8.40 24.74
CA GLU B 60 8.04 -9.49 24.40
C GLU B 60 8.89 -9.13 23.17
N LEU B 61 8.30 -8.42 22.22
CA LEU B 61 9.01 -8.03 20.99
C LEU B 61 10.10 -7.02 21.34
N PHE B 62 9.77 -6.09 22.24
CA PHE B 62 10.74 -5.08 22.62
C PHE B 62 11.89 -5.73 23.41
N LYS B 63 11.54 -6.58 24.36
CA LYS B 63 12.54 -7.26 25.17
C LYS B 63 13.46 -8.09 24.29
N SER B 64 12.86 -8.83 23.36
CA SER B 64 13.61 -9.67 22.43
C SER B 64 14.58 -8.80 21.63
N THR B 65 14.17 -7.57 21.33
CA THR B 65 14.99 -6.63 20.56
C THR B 65 16.21 -6.22 21.38
N LEU B 66 16.00 -5.96 22.67
CA LEU B 66 17.09 -5.56 23.53
C LEU B 66 18.08 -6.73 23.61
N ARG B 67 17.54 -7.95 23.70
CA ARG B 67 18.37 -9.14 23.74
C ARG B 67 19.22 -9.27 22.48
N LYS B 68 18.59 -9.14 21.32
CA LYS B 68 19.31 -9.26 20.05
C LYS B 68 20.41 -8.21 19.92
N CYS B 69 20.15 -7.00 20.40
CA CYS B 69 21.16 -5.96 20.29
C CYS B 69 22.34 -6.26 21.22
N ALA B 70 22.05 -6.76 22.41
CA ALA B 70 23.09 -7.09 23.38
C ALA B 70 23.93 -8.24 22.86
N HIS B 71 23.26 -9.22 22.25
CA HIS B 71 23.95 -10.37 21.70
C HIS B 71 24.85 -9.91 20.56
N ALA B 72 24.39 -8.91 19.82
CA ALA B 72 25.15 -8.35 18.69
C ALA B 72 26.45 -7.74 19.21
N PHE B 73 26.34 -6.94 20.27
CA PHE B 73 27.52 -6.31 20.88
C PHE B 73 28.51 -7.41 21.26
N LYS B 74 28.01 -8.47 21.89
CA LYS B 74 28.84 -9.59 22.31
C LYS B 74 29.54 -10.26 21.14
N ARG B 75 28.79 -10.54 20.08
CA ARG B 75 29.36 -11.19 18.90
C ARG B 75 30.42 -10.34 18.22
N ILE B 76 30.20 -9.04 18.16
CA ILE B 76 31.18 -8.16 17.53
C ILE B 76 32.50 -8.21 18.28
N ILE B 77 32.43 -8.30 19.60
CA ILE B 77 33.62 -8.35 20.44
C ILE B 77 34.29 -9.72 20.39
N GLU B 78 33.50 -10.79 20.48
CA GLU B 78 34.02 -12.14 20.46
C GLU B 78 34.56 -12.57 19.10
N LEU B 79 34.02 -11.98 18.05
CA LEU B 79 34.44 -12.31 16.70
C LEU B 79 35.43 -11.28 16.18
N ARG B 80 35.61 -10.21 16.93
CA ARG B 80 36.56 -9.15 16.57
C ARG B 80 36.23 -8.57 15.21
N LEU B 81 34.96 -8.28 14.98
CA LEU B 81 34.49 -7.73 13.71
C LEU B 81 34.83 -6.25 13.57
N ASN B 82 35.19 -5.83 12.36
CA ASN B 82 35.50 -4.43 12.12
C ASN B 82 34.20 -3.65 11.96
N GLU B 83 34.30 -2.35 11.66
CA GLU B 83 33.11 -1.53 11.52
C GLU B 83 32.22 -1.99 10.37
N GLU B 84 32.83 -2.36 9.25
CA GLU B 84 32.07 -2.81 8.08
C GLU B 84 31.26 -4.05 8.44
N GLU B 85 31.94 -5.05 9.01
CA GLU B 85 31.29 -6.30 9.38
C GLU B 85 30.16 -6.05 10.39
N ALA B 86 30.41 -5.18 11.36
CA ALA B 86 29.41 -4.87 12.36
C ALA B 86 28.14 -4.30 11.69
N GLY B 87 28.34 -3.43 10.71
CA GLY B 87 27.22 -2.85 9.98
C GLY B 87 26.45 -3.93 9.25
N ARG B 88 27.16 -4.85 8.59
CA ARG B 88 26.49 -5.93 7.89
C ARG B 88 25.76 -6.85 8.86
N LEU B 89 26.28 -6.98 10.07
CA LEU B 89 25.67 -7.81 11.09
C LEU B 89 24.29 -7.24 11.45
N ARG B 90 24.27 -5.96 11.79
CA ARG B 90 23.02 -5.32 12.15
C ARG B 90 22.05 -5.35 10.97
N HIS B 91 22.59 -5.21 9.76
CA HIS B 91 21.79 -5.24 8.54
C HIS B 91 21.03 -6.55 8.42
N PHE B 92 21.73 -7.68 8.59
CA PHE B 92 21.04 -8.96 8.47
C PHE B 92 20.18 -9.36 9.67
N ILE B 93 20.47 -8.81 10.85
CA ILE B 93 19.65 -9.09 12.03
C ILE B 93 18.23 -8.61 11.66
N ASP B 94 18.19 -7.58 10.79
CA ASP B 94 16.94 -7.05 10.25
C ASP B 94 15.86 -6.71 11.26
N GLN B 95 16.21 -5.94 12.30
CA GLN B 95 15.22 -5.60 13.29
C GLN B 95 15.38 -4.19 13.80
N PRO B 96 14.47 -3.28 13.41
CA PRO B 96 14.52 -1.88 13.82
C PRO B 96 14.74 -1.79 15.33
N ALA B 97 15.75 -1.03 15.74
CA ALA B 97 16.10 -0.92 17.14
C ALA B 97 16.85 0.37 17.41
N TYR B 98 16.90 0.76 18.68
CA TYR B 98 17.55 1.99 19.10
C TYR B 98 18.96 2.12 18.56
N VAL B 99 19.63 0.98 18.41
CA VAL B 99 20.98 0.95 17.91
C VAL B 99 21.10 1.65 16.55
N ASP B 100 20.07 1.57 15.73
CA ASP B 100 20.12 2.19 14.42
C ASP B 100 20.25 3.72 14.51
N LEU B 101 19.56 4.31 15.48
CA LEU B 101 19.60 5.76 15.64
C LEU B 101 20.86 6.21 16.35
N HIS B 102 21.36 5.39 17.28
CA HIS B 102 22.57 5.70 18.00
C HIS B 102 23.74 5.87 17.01
N TRP B 103 23.93 4.86 16.16
CA TRP B 103 25.01 4.87 15.16
C TRP B 103 24.67 5.67 13.91
N GLY B 104 23.39 5.70 13.54
CA GLY B 104 22.99 6.40 12.34
C GLY B 104 22.69 7.88 12.42
N MET B 105 22.35 8.37 13.61
CA MET B 105 22.02 9.78 13.78
C MET B 105 22.71 10.49 14.94
N PHE B 106 22.62 9.90 16.13
CA PHE B 106 23.23 10.50 17.31
C PHE B 106 24.71 10.75 17.10
N VAL B 107 25.45 9.71 16.68
CA VAL B 107 26.88 9.86 16.46
C VAL B 107 27.21 10.82 15.33
N PRO B 108 26.61 10.62 14.15
CA PRO B 108 26.85 11.52 13.01
C PRO B 108 26.58 12.99 13.35
N ALA B 109 25.62 13.23 14.23
CA ALA B 109 25.25 14.58 14.62
C ALA B 109 26.36 15.25 15.42
N ILE B 110 26.88 14.51 16.41
CA ILE B 110 27.95 15.02 17.25
C ILE B 110 29.23 15.24 16.44
N LYS B 111 29.49 14.35 15.46
CA LYS B 111 30.67 14.46 14.61
C LYS B 111 30.64 15.69 13.69
N GLY B 112 29.49 15.95 13.08
CA GLY B 112 29.40 17.08 12.18
C GLY B 112 29.04 18.41 12.81
N GLN B 113 28.48 18.39 14.01
CA GLN B 113 28.07 19.62 14.67
C GLN B 113 28.82 19.90 15.97
N GLY B 114 29.54 18.90 16.46
CA GLY B 114 30.29 19.08 17.68
C GLY B 114 31.68 19.64 17.46
N THR B 115 32.23 20.28 18.47
CA THR B 115 33.57 20.84 18.38
C THR B 115 34.58 19.70 18.58
N GLU B 116 35.83 19.95 18.20
CA GLU B 116 36.87 18.94 18.34
C GLU B 116 36.93 18.44 19.78
N GLU B 117 36.76 19.35 20.73
CA GLU B 117 36.80 19.00 22.14
C GLU B 117 35.53 18.27 22.57
N GLN B 118 34.41 18.59 21.91
CA GLN B 118 33.14 17.95 22.21
C GLN B 118 33.09 16.54 21.63
N GLN B 119 33.62 16.39 20.43
CA GLN B 119 33.63 15.09 19.77
C GLN B 119 34.42 14.01 20.52
N LYS B 120 35.64 14.33 20.93
CA LYS B 120 36.44 13.31 21.62
C LYS B 120 35.92 13.01 23.02
N LYS B 121 35.08 13.87 23.56
CA LYS B 121 34.53 13.62 24.89
C LYS B 121 33.25 12.78 24.80
N TRP B 122 32.34 13.16 23.92
CA TRP B 122 31.09 12.44 23.78
C TRP B 122 31.14 11.20 22.90
N LEU B 123 31.87 11.29 21.77
CA LEU B 123 32.00 10.15 20.87
C LEU B 123 32.75 9.02 21.55
N SER B 124 33.61 9.36 22.51
CA SER B 124 34.35 8.32 23.22
C SER B 124 33.34 7.50 24.03
N LEU B 125 32.37 8.20 24.61
CA LEU B 125 31.31 7.55 25.39
C LEU B 125 30.35 6.78 24.47
N ALA B 126 29.92 7.44 23.39
CA ALA B 126 28.99 6.84 22.43
C ALA B 126 29.58 5.64 21.71
N ASN B 127 30.83 5.77 21.28
CA ASN B 127 31.46 4.66 20.57
C ASN B 127 31.66 3.44 21.45
N LYS B 128 31.81 3.66 22.76
CA LYS B 128 31.98 2.55 23.69
C LYS B 128 30.63 2.15 24.25
N MET B 129 29.62 2.97 23.95
CA MET B 129 28.26 2.72 24.40
C MET B 129 28.09 2.92 25.92
N GLN B 130 28.89 3.81 26.50
CA GLN B 130 28.78 4.10 27.93
C GLN B 130 27.53 4.96 28.08
N ILE B 131 27.01 5.39 26.94
CA ILE B 131 25.78 6.16 26.85
C ILE B 131 25.08 5.72 25.55
N ILE B 132 23.77 5.90 25.50
CA ILE B 132 22.99 5.54 24.33
C ILE B 132 22.20 6.78 23.94
N GLY B 133 22.42 7.26 22.73
CA GLY B 133 21.74 8.47 22.29
C GLY B 133 20.77 8.30 21.16
N CYS B 134 19.91 9.31 21.01
CA CYS B 134 18.90 9.31 19.96
C CYS B 134 18.88 10.70 19.35
N TYR B 135 18.15 10.86 18.24
CA TYR B 135 18.04 12.13 17.51
C TYR B 135 16.66 12.73 17.79
N ALA B 136 16.57 13.67 18.73
CA ALA B 136 15.29 14.27 19.08
C ALA B 136 15.04 15.61 18.41
N GLN B 137 14.52 15.55 17.19
CA GLN B 137 14.25 16.79 16.47
C GLN B 137 12.73 17.00 16.33
N THR B 138 12.08 16.07 15.63
CA THR B 138 10.65 16.15 15.40
C THR B 138 9.80 16.31 16.66
N GLU B 139 8.72 17.09 16.52
CA GLU B 139 7.79 17.33 17.61
C GLU B 139 6.39 16.99 17.11
N LEU B 140 5.43 16.99 18.02
CA LEU B 140 4.05 16.72 17.68
C LEU B 140 3.58 17.64 16.56
N GLY B 141 3.87 18.92 16.71
CA GLY B 141 3.43 19.88 15.71
C GLY B 141 4.33 20.16 14.53
N HIS B 142 5.57 19.67 14.56
CA HIS B 142 6.51 19.94 13.46
C HIS B 142 7.48 18.81 13.12
N GLY B 143 7.45 18.42 11.85
CA GLY B 143 8.31 17.36 11.36
C GLY B 143 9.07 17.88 10.15
N SER B 144 8.39 18.04 9.02
CA SER B 144 9.03 18.52 7.81
C SER B 144 9.56 19.94 7.99
N ASN B 145 8.79 20.80 8.67
CA ASN B 145 9.21 22.18 8.89
C ASN B 145 10.03 22.34 10.16
N VAL B 146 11.30 21.95 10.08
CA VAL B 146 12.19 22.03 11.23
C VAL B 146 12.31 23.43 11.79
N GLN B 147 12.26 24.45 10.92
CA GLN B 147 12.38 25.82 11.38
C GLN B 147 11.21 26.25 12.26
N GLY B 148 10.19 25.40 12.31
CA GLY B 148 9.01 25.70 13.13
C GLY B 148 9.03 25.05 14.51
N LEU B 149 10.10 24.32 14.84
CA LEU B 149 10.21 23.68 16.16
C LEU B 149 9.90 24.70 17.25
N GLU B 150 9.20 24.26 18.29
CA GLU B 150 8.79 25.11 19.41
C GLU B 150 9.66 24.96 20.66
N THR B 151 10.36 23.84 20.79
CA THR B 151 11.20 23.64 21.96
C THR B 151 12.24 24.76 22.02
N THR B 152 12.45 25.30 23.21
CA THR B 152 13.41 26.39 23.36
C THR B 152 14.62 26.03 24.21
N ALA B 153 15.72 26.73 23.94
CA ALA B 153 16.96 26.54 24.68
C ALA B 153 17.47 27.96 25.01
N THR B 154 17.15 28.44 26.21
CA THR B 154 17.54 29.78 26.63
C THR B 154 18.73 29.76 27.58
N LEU B 155 19.77 30.52 27.26
CA LEU B 155 20.97 30.56 28.09
C LEU B 155 20.74 31.31 29.39
N ASP B 156 21.38 30.83 30.46
CA ASP B 156 21.30 31.45 31.78
C ASP B 156 22.73 31.82 32.18
N PRO B 157 23.16 33.04 31.85
CA PRO B 157 24.52 33.53 32.18
C PRO B 157 24.91 33.37 33.64
N LYS B 158 23.98 33.68 34.54
CA LYS B 158 24.25 33.57 35.97
C LYS B 158 24.59 32.16 36.44
N THR B 159 24.29 31.16 35.63
CA THR B 159 24.58 29.78 36.01
C THR B 159 25.38 29.07 34.91
N ASP B 160 25.54 29.75 33.77
CA ASP B 160 26.26 29.18 32.65
C ASP B 160 25.60 27.87 32.19
N GLU B 161 24.27 27.90 32.09
CA GLU B 161 23.51 26.74 31.66
C GLU B 161 22.45 27.09 30.61
N PHE B 162 22.02 26.09 29.87
CA PHE B 162 20.98 26.31 28.86
C PHE B 162 19.70 25.73 29.44
N VAL B 163 18.64 26.53 29.45
CA VAL B 163 17.36 26.06 29.96
C VAL B 163 16.51 25.53 28.80
N ILE B 164 16.39 24.21 28.71
CA ILE B 164 15.59 23.57 27.65
C ILE B 164 14.16 23.47 28.15
N HIS B 165 13.19 23.94 27.37
CA HIS B 165 11.80 23.89 27.80
C HIS B 165 10.81 23.57 26.68
N THR B 166 9.72 22.90 27.06
CA THR B 166 8.65 22.54 26.13
C THR B 166 7.49 23.50 26.38
N PRO B 167 7.42 24.59 25.60
CA PRO B 167 6.38 25.62 25.72
C PRO B 167 4.95 25.08 25.82
N THR B 168 4.56 24.27 24.84
CA THR B 168 3.22 23.69 24.80
C THR B 168 3.26 22.21 24.51
N GLN B 169 2.09 21.55 24.60
CA GLN B 169 2.03 20.11 24.37
C GLN B 169 2.52 19.76 22.96
N THR B 170 2.19 20.60 21.99
CA THR B 170 2.58 20.38 20.59
C THR B 170 4.09 20.55 20.39
N ALA B 171 4.77 21.08 21.40
CA ALA B 171 6.22 21.29 21.34
C ALA B 171 6.94 20.00 21.76
N SER B 172 6.18 19.06 22.32
N SER B 172 6.17 19.06 22.31
CA SER B 172 6.74 17.80 22.77
CA SER B 172 6.73 17.79 22.75
C SER B 172 7.44 17.04 21.63
C SER B 172 7.43 17.03 21.63
N LYS B 173 8.61 16.49 21.91
CA LYS B 173 9.35 15.72 20.90
C LYS B 173 8.47 14.50 20.66
N TRP B 174 8.42 14.04 19.41
CA TRP B 174 7.54 12.93 19.06
C TRP B 174 8.09 12.23 17.81
N TRP B 175 8.32 10.92 17.94
CA TRP B 175 8.85 10.01 16.91
C TRP B 175 10.28 9.50 17.06
N PRO B 176 11.16 10.25 17.76
CA PRO B 176 12.54 9.79 17.89
C PRO B 176 12.75 8.30 18.24
N GLY B 177 13.41 7.57 17.34
CA GLY B 177 13.68 6.16 17.59
C GLY B 177 14.69 6.01 18.71
N GLY B 178 14.45 5.05 19.61
CA GLY B 178 15.35 4.80 20.72
C GLY B 178 15.17 5.72 21.91
N LEU B 179 14.27 6.67 21.76
CA LEU B 179 13.97 7.64 22.81
C LEU B 179 12.96 7.08 23.81
N GLY B 180 12.02 6.30 23.33
CA GLY B 180 10.98 5.76 24.19
C GLY B 180 11.37 5.11 25.50
N LYS B 181 12.34 4.21 25.46
CA LYS B 181 12.73 3.52 26.68
C LYS B 181 14.23 3.27 26.83
N VAL B 182 14.99 3.40 25.75
CA VAL B 182 16.41 3.09 25.82
C VAL B 182 17.42 4.19 26.04
N SER B 183 17.42 5.19 25.15
CA SER B 183 18.40 6.26 25.22
C SER B 183 18.53 6.92 26.58
N THR B 184 19.78 7.15 26.98
CA THR B 184 20.07 7.80 28.25
C THR B 184 20.36 9.28 27.95
N HIS B 185 20.79 9.54 26.71
CA HIS B 185 21.13 10.87 26.27
C HIS B 185 20.52 11.13 24.89
N ALA B 186 20.57 12.39 24.46
CA ALA B 186 20.03 12.71 23.15
C ALA B 186 20.46 14.07 22.64
N VAL B 187 20.52 14.19 21.33
CA VAL B 187 20.83 15.47 20.74
C VAL B 187 19.47 16.13 20.52
N VAL B 188 19.17 17.15 21.31
CA VAL B 188 17.89 17.84 21.20
C VAL B 188 18.01 19.14 20.37
N TYR B 189 17.04 19.35 19.47
CA TYR B 189 17.04 20.54 18.63
C TYR B 189 15.96 21.51 19.12
N ALA B 190 16.36 22.75 19.34
CA ALA B 190 15.46 23.78 19.83
C ALA B 190 15.93 25.14 19.36
N ARG B 191 15.05 26.13 19.53
CA ARG B 191 15.36 27.50 19.16
C ARG B 191 16.39 28.04 20.13
N LEU B 192 17.53 28.48 19.63
CA LEU B 192 18.58 29.04 20.48
C LEU B 192 18.18 30.45 20.92
N ILE B 193 18.00 30.63 22.21
CA ILE B 193 17.62 31.92 22.75
C ILE B 193 18.70 32.47 23.68
N THR B 194 19.20 33.66 23.36
CA THR B 194 20.23 34.32 24.17
C THR B 194 20.20 35.81 23.87
N ASN B 195 20.45 36.61 24.89
CA ASN B 195 20.44 38.07 24.74
C ASN B 195 19.08 38.55 24.20
N GLY B 196 18.02 37.89 24.65
CA GLY B 196 16.68 38.26 24.23
C GLY B 196 16.41 38.12 22.74
N LYS B 197 17.17 37.23 22.09
CA LYS B 197 16.98 37.03 20.66
C LYS B 197 16.92 35.56 20.29
N ASP B 198 16.09 35.24 19.29
CA ASP B 198 15.93 33.87 18.79
C ASP B 198 16.90 33.71 17.62
N TYR B 199 17.89 32.83 17.77
CA TYR B 199 18.88 32.61 16.71
C TYR B 199 18.65 31.36 15.86
N GLY B 200 17.47 30.79 15.95
CA GLY B 200 17.17 29.61 15.15
C GLY B 200 17.43 28.26 15.81
N ILE B 201 17.19 27.21 15.05
CA ILE B 201 17.34 25.84 15.52
C ILE B 201 18.78 25.40 15.65
N HIS B 202 19.13 24.88 16.82
CA HIS B 202 20.47 24.38 17.11
C HIS B 202 20.38 23.05 17.85
N GLY B 203 21.49 22.32 17.87
CA GLY B 203 21.54 21.04 18.55
C GLY B 203 22.18 21.13 19.92
N PHE B 204 21.55 20.46 20.89
CA PHE B 204 22.01 20.46 22.28
C PHE B 204 22.01 19.04 22.84
N ILE B 205 23.07 18.67 23.54
CA ILE B 205 23.15 17.33 24.15
C ILE B 205 22.46 17.40 25.49
N VAL B 206 21.52 16.48 25.71
CA VAL B 206 20.78 16.43 26.98
C VAL B 206 20.69 15.01 27.52
N GLN B 207 20.95 14.86 28.81
CA GLN B 207 20.87 13.54 29.44
C GLN B 207 19.42 13.35 29.85
N LEU B 208 18.87 12.20 29.44
CA LEU B 208 17.47 11.87 29.70
C LEU B 208 17.28 10.94 30.90
N ARG B 209 18.16 9.96 31.01
CA ARG B 209 18.06 8.98 32.09
C ARG B 209 19.37 8.78 32.83
N SER B 210 19.25 8.40 34.09
CA SER B 210 20.40 8.14 34.94
C SER B 210 21.15 6.92 34.44
N LEU B 211 22.48 6.98 34.51
CA LEU B 211 23.29 5.86 34.08
C LEU B 211 23.44 4.81 35.20
N GLU B 212 22.74 4.98 36.30
CA GLU B 212 22.83 4.01 37.39
C GLU B 212 21.59 3.12 37.51
N ASP B 213 20.41 3.70 37.31
CA ASP B 213 19.18 2.92 37.39
C ASP B 213 18.18 3.21 36.26
N HIS B 214 18.63 3.92 35.22
CA HIS B 214 17.81 4.25 34.07
C HIS B 214 16.59 5.14 34.36
N SER B 215 16.49 5.65 35.58
CA SER B 215 15.37 6.50 35.93
C SER B 215 15.48 7.86 35.22
N PRO B 216 14.36 8.38 34.73
CA PRO B 216 14.33 9.66 34.04
C PRO B 216 14.86 10.77 34.94
N LEU B 217 15.73 11.64 34.42
CA LEU B 217 16.27 12.72 35.24
C LEU B 217 15.18 13.71 35.59
N PRO B 218 15.41 14.54 36.63
CA PRO B 218 14.45 15.55 37.07
C PRO B 218 13.90 16.42 35.93
N ASN B 219 12.58 16.62 35.93
CA ASN B 219 11.89 17.44 34.93
C ASN B 219 11.84 16.86 33.52
N ILE B 220 12.17 15.57 33.41
CA ILE B 220 12.14 14.90 32.13
C ILE B 220 10.93 13.98 32.04
N THR B 221 10.10 14.20 31.02
CA THR B 221 8.92 13.37 30.78
C THR B 221 9.20 12.65 29.46
N VAL B 222 9.35 11.33 29.52
CA VAL B 222 9.64 10.53 28.33
C VAL B 222 8.85 9.22 28.29
N GLY B 223 8.54 8.75 27.09
CA GLY B 223 7.79 7.52 26.95
C GLY B 223 7.68 7.11 25.50
N ASP B 224 6.98 6.01 25.25
CA ASP B 224 6.77 5.48 23.91
C ASP B 224 5.49 6.07 23.31
N ILE B 225 5.51 6.35 22.01
CA ILE B 225 4.34 6.96 21.37
C ILE B 225 3.23 6.00 20.96
N GLY B 226 3.46 4.70 21.08
CA GLY B 226 2.42 3.76 20.72
C GLY B 226 2.71 2.79 19.59
N THR B 227 1.78 1.86 19.38
CA THR B 227 1.91 0.83 18.37
C THR B 227 1.79 1.41 16.96
N LYS B 228 2.62 0.91 16.06
CA LYS B 228 2.64 1.39 14.70
C LYS B 228 2.15 0.35 13.70
N MET B 229 1.93 0.81 12.48
CA MET B 229 1.47 -0.02 11.39
C MET B 229 2.23 -1.34 11.24
N GLY B 230 1.47 -2.44 11.15
CA GLY B 230 2.04 -3.75 10.93
C GLY B 230 2.40 -4.60 12.13
N ASN B 231 2.38 -5.93 11.92
CA ASN B 231 2.76 -6.87 12.98
C ASN B 231 4.27 -6.97 12.98
N GLY B 232 4.91 -6.61 14.09
CA GLY B 232 6.35 -6.64 14.16
C GLY B 232 6.83 -5.31 13.58
N ALA B 233 7.58 -5.39 12.49
CA ALA B 233 8.09 -4.21 11.80
C ALA B 233 8.79 -3.20 12.72
N TYR B 234 8.31 -1.96 12.73
CA TYR B 234 8.94 -0.93 13.55
C TYR B 234 8.48 -0.98 15.01
N ASN B 235 7.65 -1.95 15.36
CA ASN B 235 7.19 -2.02 16.73
C ASN B 235 8.24 -2.51 17.71
N SER B 236 9.40 -2.91 17.18
CA SER B 236 10.51 -3.33 18.01
C SER B 236 11.29 -2.06 18.38
N MET B 237 10.99 -0.97 17.67
CA MET B 237 11.63 0.32 17.90
C MET B 237 10.84 1.10 18.92
N ASP B 238 11.54 1.70 19.88
CA ASP B 238 10.87 2.51 20.89
C ASP B 238 10.83 3.97 20.47
N ASN B 239 9.93 4.32 19.55
CA ASN B 239 9.79 5.70 19.12
C ASN B 239 9.10 6.40 20.28
N GLY B 240 9.63 7.55 20.68
CA GLY B 240 9.00 8.16 21.83
C GLY B 240 8.69 9.63 21.80
N PHE B 241 8.23 10.10 22.95
CA PHE B 241 7.93 11.51 23.09
C PHE B 241 8.83 12.01 24.20
N LEU B 242 8.99 13.32 24.29
CA LEU B 242 9.87 13.90 25.31
C LEU B 242 9.50 15.34 25.57
N MET B 243 9.32 15.68 26.84
CA MET B 243 8.97 17.04 27.22
C MET B 243 9.97 17.48 28.30
N PHE B 244 10.36 18.76 28.27
CA PHE B 244 11.28 19.28 29.25
C PHE B 244 10.59 20.37 30.07
N ASP B 245 10.67 20.27 31.39
CA ASP B 245 10.08 21.29 32.26
C ASP B 245 11.25 22.13 32.77
N HIS B 246 11.70 23.08 31.94
CA HIS B 246 12.81 23.94 32.29
C HIS B 246 14.05 23.13 32.70
N VAL B 247 14.43 22.17 31.87
CA VAL B 247 15.60 21.35 32.14
C VAL B 247 16.85 22.19 31.92
N ARG B 248 17.86 21.98 32.75
CA ARG B 248 19.10 22.72 32.67
C ARG B 248 20.30 21.88 32.27
N ILE B 249 21.10 22.41 31.35
CA ILE B 249 22.29 21.69 30.90
C ILE B 249 23.45 22.67 30.78
N PRO B 250 24.68 22.19 30.93
CA PRO B 250 25.87 23.04 30.83
C PRO B 250 25.93 23.74 29.47
N ARG B 251 26.37 25.00 29.46
CA ARG B 251 26.49 25.76 28.24
C ARG B 251 27.34 25.03 27.20
N ASP B 252 28.32 24.27 27.68
CA ASP B 252 29.21 23.56 26.77
C ASP B 252 28.57 22.32 26.15
N GLN B 253 27.32 22.03 26.51
CA GLN B 253 26.64 20.88 25.93
C GLN B 253 25.91 21.25 24.64
N MET B 254 26.11 22.48 24.21
CA MET B 254 25.53 22.96 22.97
C MET B 254 26.54 22.66 21.88
N LEU B 255 26.14 21.94 20.85
CA LEU B 255 27.05 21.62 19.75
C LEU B 255 27.51 22.94 19.17
N MET B 256 28.79 23.27 19.35
CA MET B 256 29.32 24.53 18.86
C MET B 256 30.45 24.44 17.84
N ARG B 257 30.19 23.78 16.71
CA ARG B 257 31.20 23.66 15.67
C ARG B 257 31.06 24.82 14.69
N LEU B 258 29.81 25.20 14.43
CA LEU B 258 29.52 26.29 13.50
C LEU B 258 28.94 27.51 14.18
N SER B 259 28.57 27.36 15.45
CA SER B 259 27.99 28.46 16.21
C SER B 259 28.38 28.36 17.68
N LYS B 260 28.91 29.45 18.21
CA LYS B 260 29.34 29.48 19.61
C LYS B 260 28.48 30.45 20.43
N VAL B 261 28.52 30.26 21.75
CA VAL B 261 27.79 31.10 22.69
C VAL B 261 28.73 31.31 23.87
N THR B 262 29.41 32.45 23.87
CA THR B 262 30.36 32.80 24.94
C THR B 262 29.75 32.74 26.32
N ARG B 263 30.59 32.84 27.33
CA ARG B 263 30.15 32.83 28.72
C ARG B 263 29.24 34.00 29.04
N GLU B 264 29.35 35.07 28.25
CA GLU B 264 28.51 36.25 28.46
C GLU B 264 27.23 36.21 27.62
N GLY B 265 26.95 35.07 27.01
CA GLY B 265 25.74 34.94 26.20
C GLY B 265 25.79 35.55 24.82
N GLU B 266 26.99 35.74 24.28
CA GLU B 266 27.15 36.30 22.96
C GLU B 266 27.12 35.22 21.89
N TYR B 267 26.28 35.39 20.89
CA TYR B 267 26.17 34.43 19.80
C TYR B 267 27.23 34.80 18.78
N VAL B 268 28.21 33.93 18.60
CA VAL B 268 29.28 34.19 17.66
C VAL B 268 29.54 33.04 16.68
N PRO B 269 29.25 33.26 15.37
CA PRO B 269 29.46 32.22 14.36
C PRO B 269 30.94 31.84 14.28
N SER B 270 31.21 30.55 14.09
CA SER B 270 32.59 30.07 14.01
C SER B 270 33.22 30.40 12.67
N ASP B 271 34.48 30.00 12.50
CA ASP B 271 35.20 30.23 11.26
C ASP B 271 34.93 29.10 10.27
N VAL B 272 34.11 28.13 10.70
CA VAL B 272 33.77 26.99 9.86
C VAL B 272 32.53 27.27 9.02
N PRO B 273 32.62 27.07 7.70
CA PRO B 273 31.49 27.32 6.81
C PRO B 273 30.26 26.51 7.22
N LYS B 274 29.10 27.17 7.25
CA LYS B 274 27.85 26.52 7.63
C LYS B 274 27.55 25.34 6.70
N GLN B 275 27.90 25.49 5.43
CA GLN B 275 27.65 24.44 4.44
C GLN B 275 28.34 23.12 4.77
N LEU B 276 29.26 23.13 5.73
CA LEU B 276 29.97 21.91 6.12
C LEU B 276 29.15 21.06 7.08
N VAL B 277 27.84 21.04 6.88
CA VAL B 277 26.93 20.24 7.70
C VAL B 277 26.02 19.47 6.75
N TYR B 278 25.76 20.06 5.59
CA TYR B 278 24.92 19.41 4.59
C TYR B 278 25.59 18.12 4.14
N GLY B 279 26.87 17.97 4.47
CA GLY B 279 27.60 16.77 4.09
C GLY B 279 27.02 15.50 4.67
N THR B 280 26.41 15.62 5.85
CA THR B 280 25.81 14.47 6.50
C THR B 280 24.45 14.13 5.91
N MET B 281 23.63 15.14 5.62
CA MET B 281 22.32 14.86 5.04
C MET B 281 22.45 14.23 3.67
N VAL B 282 23.49 14.61 2.93
CA VAL B 282 23.70 14.03 1.61
C VAL B 282 24.05 12.55 1.81
N TYR B 283 24.59 12.25 3.00
CA TYR B 283 24.97 10.90 3.34
C TYR B 283 23.74 10.11 3.76
N VAL B 284 22.99 10.65 4.72
CA VAL B 284 21.79 9.98 5.21
C VAL B 284 20.82 9.70 4.06
N ARG B 285 20.69 10.66 3.14
CA ARG B 285 19.81 10.50 2.00
C ARG B 285 20.35 9.48 1.03
N GLN B 286 21.67 9.36 1.00
CA GLN B 286 22.34 8.40 0.12
C GLN B 286 22.08 7.00 0.65
N THR B 287 22.11 6.86 1.97
CA THR B 287 21.86 5.56 2.60
C THR B 287 20.41 5.16 2.36
N ILE B 288 19.50 6.14 2.38
CA ILE B 288 18.08 5.87 2.13
C ILE B 288 17.88 5.34 0.70
N VAL B 289 18.50 6.01 -0.27
CA VAL B 289 18.39 5.57 -1.65
C VAL B 289 18.94 4.14 -1.76
N ALA B 290 20.09 3.91 -1.13
CA ALA B 290 20.71 2.59 -1.18
C ALA B 290 19.77 1.58 -0.53
N ASP B 291 19.08 1.99 0.53
CA ASP B 291 18.15 1.12 1.24
C ASP B 291 16.96 0.74 0.34
N ALA B 292 16.56 1.66 -0.53
CA ALA B 292 15.46 1.40 -1.45
C ALA B 292 15.70 0.15 -2.29
N SER B 293 16.90 0.03 -2.87
CA SER B 293 17.19 -1.15 -3.68
C SER B 293 17.16 -2.40 -2.82
N ASN B 294 17.64 -2.29 -1.58
CA ASN B 294 17.62 -3.43 -0.67
C ASN B 294 16.19 -3.93 -0.47
N ALA B 295 15.30 -3.05 -0.01
CA ALA B 295 13.92 -3.43 0.24
C ALA B 295 13.18 -3.87 -1.02
N LEU B 296 13.37 -3.15 -2.12
CA LEU B 296 12.66 -3.50 -3.35
C LEU B 296 13.07 -4.88 -3.86
N SER B 297 14.37 -5.13 -3.90
CA SER B 297 14.89 -6.42 -4.35
C SER B 297 14.36 -7.56 -3.48
N ARG B 298 14.14 -7.33 -2.18
CA ARG B 298 13.64 -8.41 -1.34
C ARG B 298 12.24 -8.77 -1.79
N ALA B 299 11.38 -7.76 -1.96
CA ALA B 299 10.01 -7.97 -2.38
C ALA B 299 9.94 -8.64 -3.75
N VAL B 300 10.73 -8.13 -4.71
CA VAL B 300 10.76 -8.68 -6.07
C VAL B 300 11.26 -10.15 -6.07
N CYS B 301 12.23 -10.46 -5.21
CA CYS B 301 12.75 -11.83 -5.13
C CYS B 301 11.61 -12.75 -4.72
N ILE B 302 10.82 -12.32 -3.73
CA ILE B 302 9.71 -13.13 -3.24
C ILE B 302 8.65 -13.33 -4.31
N ALA B 303 8.20 -12.23 -4.90
CA ALA B 303 7.16 -12.31 -5.91
C ALA B 303 7.63 -13.06 -7.15
N THR B 304 8.90 -12.89 -7.53
CA THR B 304 9.42 -13.59 -8.72
C THR B 304 9.45 -15.11 -8.49
N ARG B 305 9.99 -15.55 -7.36
CA ARG B 305 10.03 -16.98 -7.11
C ARG B 305 8.63 -17.55 -6.98
N TYR B 306 7.77 -16.90 -6.19
CA TYR B 306 6.42 -17.42 -6.06
C TYR B 306 5.68 -17.43 -7.41
N SER B 307 5.96 -16.47 -8.28
CA SER B 307 5.31 -16.39 -9.59
C SER B 307 5.72 -17.56 -10.48
N ALA B 308 6.91 -18.09 -10.23
CA ALA B 308 7.43 -19.23 -10.99
C ALA B 308 6.89 -20.53 -10.42
N VAL B 309 6.51 -20.52 -9.15
CA VAL B 309 5.97 -21.72 -8.51
C VAL B 309 4.46 -21.81 -8.70
N ARG B 310 3.78 -20.68 -8.50
CA ARG B 310 2.33 -20.65 -8.65
C ARG B 310 1.83 -20.85 -10.07
N ARG B 311 0.93 -21.81 -10.25
CA ARG B 311 0.34 -22.09 -11.55
C ARG B 311 -1.17 -21.89 -11.40
N GLN B 312 -1.78 -21.26 -12.40
CA GLN B 312 -3.22 -21.02 -12.33
C GLN B 312 -3.75 -20.74 -13.73
N PHE B 313 -4.74 -21.51 -14.15
CA PHE B 313 -5.33 -21.37 -15.47
C PHE B 313 -4.33 -21.81 -16.53
N GLY B 314 -4.72 -21.70 -17.79
CA GLY B 314 -3.84 -22.09 -18.87
C GLY B 314 -3.45 -23.57 -18.86
N ALA B 315 -4.37 -24.42 -18.42
CA ALA B 315 -4.08 -25.86 -18.37
C ALA B 315 -4.02 -26.44 -19.77
N HIS B 316 -2.88 -27.03 -20.11
CA HIS B 316 -2.70 -27.60 -21.43
C HIS B 316 -2.70 -29.14 -21.43
N ASN B 317 -1.58 -29.73 -20.99
CA ASN B 317 -1.39 -31.18 -20.96
C ASN B 317 -2.28 -31.90 -19.98
N GLY B 318 -3.58 -31.69 -20.06
CA GLY B 318 -4.49 -32.35 -19.17
C GLY B 318 -4.22 -32.02 -17.72
N GLY B 319 -4.62 -30.81 -17.31
CA GLY B 319 -4.44 -30.40 -15.93
C GLY B 319 -3.21 -29.57 -15.61
N ILE B 320 -2.17 -29.64 -16.45
CA ILE B 320 -0.96 -28.87 -16.17
C ILE B 320 -1.18 -27.37 -16.40
N GLU B 321 -1.39 -26.61 -15.33
CA GLU B 321 -1.60 -25.18 -15.46
C GLU B 321 -0.31 -24.40 -15.65
N THR B 322 -0.44 -23.21 -16.23
CA THR B 322 0.68 -22.32 -16.56
C THR B 322 1.20 -21.51 -15.36
N GLN B 323 2.51 -21.36 -15.27
CA GLN B 323 3.12 -20.56 -14.20
C GLN B 323 2.63 -19.13 -14.39
N VAL B 324 2.17 -18.47 -13.33
CA VAL B 324 1.65 -17.13 -13.49
C VAL B 324 2.69 -16.16 -14.03
N ILE B 325 3.96 -16.46 -13.79
CA ILE B 325 5.03 -15.60 -14.28
C ILE B 325 5.10 -15.58 -15.81
N ASP B 326 4.39 -16.50 -16.46
CA ASP B 326 4.33 -16.59 -17.93
C ASP B 326 3.32 -15.58 -18.51
N TYR B 327 2.43 -15.04 -17.68
CA TYR B 327 1.40 -14.09 -18.14
C TYR B 327 1.96 -12.69 -18.28
N LYS B 328 1.70 -12.05 -19.43
CA LYS B 328 2.20 -10.70 -19.70
C LYS B 328 1.79 -9.65 -18.66
N THR B 329 0.61 -9.79 -18.06
CA THR B 329 0.15 -8.87 -17.02
C THR B 329 1.04 -9.05 -15.78
N GLN B 330 1.39 -10.29 -15.45
CA GLN B 330 2.25 -10.56 -14.30
C GLN B 330 3.63 -9.95 -14.58
N GLN B 331 4.12 -10.11 -15.82
CA GLN B 331 5.44 -9.60 -16.22
C GLN B 331 5.48 -8.06 -16.23
N ASN B 332 4.40 -7.45 -16.71
CA ASN B 332 4.27 -6.00 -16.80
C ASN B 332 4.19 -5.36 -15.41
N ARG B 333 3.79 -6.15 -14.42
CA ARG B 333 3.69 -5.63 -13.05
C ARG B 333 4.97 -5.91 -12.25
N LEU B 334 5.58 -7.06 -12.50
CA LEU B 334 6.78 -7.49 -11.78
C LEU B 334 8.12 -7.08 -12.38
N PHE B 335 8.28 -7.31 -13.69
CA PHE B 335 9.55 -6.99 -14.34
C PHE B 335 9.98 -5.53 -14.23
N PRO B 336 9.02 -4.58 -14.27
CA PRO B 336 9.44 -3.18 -14.14
C PRO B 336 10.03 -2.97 -12.73
N LEU B 337 9.51 -3.70 -11.74
CA LEU B 337 10.02 -3.58 -10.37
C LEU B 337 11.40 -4.24 -10.23
N LEU B 338 11.60 -5.33 -10.95
CA LEU B 338 12.90 -6.01 -10.96
C LEU B 338 13.87 -5.04 -11.62
N ALA B 339 13.47 -4.44 -12.73
CA ALA B 339 14.35 -3.48 -13.41
C ALA B 339 14.68 -2.28 -12.51
N SER B 340 13.68 -1.81 -11.76
CA SER B 340 13.83 -0.67 -10.85
C SER B 340 14.77 -0.99 -9.69
N ALA B 341 14.76 -2.24 -9.24
CA ALA B 341 15.66 -2.62 -8.16
C ALA B 341 17.10 -2.40 -8.63
N TYR B 342 17.45 -2.90 -9.81
CA TYR B 342 18.81 -2.69 -10.31
C TYR B 342 19.05 -1.20 -10.61
N ALA B 343 18.06 -0.55 -11.19
CA ALA B 343 18.17 0.86 -11.50
C ALA B 343 18.50 1.67 -10.24
N PHE B 344 17.80 1.40 -9.14
CA PHE B 344 18.01 2.11 -7.88
C PHE B 344 19.33 1.74 -7.24
N ARG B 345 19.77 0.50 -7.46
CA ARG B 345 21.06 0.04 -6.94
C ARG B 345 22.18 0.87 -7.61
N PHE B 346 22.14 0.97 -8.94
CA PHE B 346 23.16 1.71 -9.69
C PHE B 346 23.11 3.22 -9.41
N VAL B 347 21.91 3.78 -9.28
CA VAL B 347 21.81 5.20 -8.99
C VAL B 347 22.34 5.41 -7.57
N GLY B 348 22.22 4.38 -6.74
CA GLY B 348 22.70 4.46 -5.38
C GLY B 348 24.23 4.45 -5.38
N GLU B 349 24.81 3.71 -6.32
CA GLU B 349 26.27 3.65 -6.42
C GLU B 349 26.78 5.03 -6.79
N TRP B 350 26.10 5.67 -7.75
CA TRP B 350 26.47 7.00 -8.21
C TRP B 350 26.35 8.01 -7.08
N LEU B 351 25.26 7.94 -6.32
CA LEU B 351 25.04 8.84 -5.21
C LEU B 351 26.15 8.73 -4.17
N LYS B 352 26.77 7.56 -4.10
CA LYS B 352 27.86 7.37 -3.15
C LYS B 352 29.04 8.21 -3.65
N TRP B 353 29.36 8.06 -4.93
CA TRP B 353 30.45 8.81 -5.55
C TRP B 353 30.19 10.31 -5.34
N LEU B 354 28.93 10.71 -5.49
CA LEU B 354 28.56 12.10 -5.31
C LEU B 354 28.79 12.55 -3.87
N TYR B 355 28.46 11.69 -2.93
CA TYR B 355 28.65 12.00 -1.52
C TYR B 355 30.10 12.41 -1.27
N THR B 356 31.02 11.58 -1.72
CA THR B 356 32.45 11.83 -1.57
C THR B 356 32.83 13.14 -2.26
N ASP B 357 32.60 13.20 -3.57
CA ASP B 357 32.92 14.39 -4.35
C ASP B 357 32.46 15.67 -3.65
N VAL B 358 31.21 15.71 -3.23
CA VAL B 358 30.65 16.89 -2.56
C VAL B 358 31.39 17.13 -1.24
N THR B 359 31.67 16.06 -0.52
CA THR B 359 32.37 16.16 0.75
C THR B 359 33.79 16.70 0.55
N GLU B 360 34.47 16.20 -0.49
CA GLU B 360 35.82 16.63 -0.80
C GLU B 360 35.85 18.13 -1.06
N ARG B 361 35.21 18.54 -2.14
CA ARG B 361 35.17 19.95 -2.51
C ARG B 361 34.69 20.82 -1.36
N LEU B 362 33.76 20.30 -0.57
CA LEU B 362 33.22 21.03 0.57
C LEU B 362 34.30 21.30 1.61
N ALA B 363 35.30 20.42 1.65
CA ALA B 363 36.40 20.56 2.61
C ALA B 363 37.35 21.66 2.11
N ALA B 364 37.18 22.06 0.86
CA ALA B 364 37.99 23.10 0.24
C ALA B 364 37.14 24.36 0.02
N SER B 365 36.05 24.48 0.77
CA SER B 365 35.14 25.61 0.67
C SER B 365 34.64 25.82 -0.75
N ASP B 366 34.56 24.73 -1.51
CA ASP B 366 34.07 24.78 -2.88
C ASP B 366 32.62 24.32 -2.90
N PHE B 367 31.71 25.28 -2.73
CA PHE B 367 30.27 25.01 -2.70
C PHE B 367 29.59 25.24 -4.04
N ALA B 368 30.36 25.19 -5.12
CA ALA B 368 29.83 25.41 -6.47
C ALA B 368 28.76 24.40 -6.87
N THR B 369 28.95 23.14 -6.49
CA THR B 369 27.98 22.09 -6.85
C THR B 369 27.00 21.74 -5.74
N LEU B 370 27.05 22.47 -4.63
CA LEU B 370 26.16 22.20 -3.50
C LEU B 370 24.67 22.25 -3.88
N PRO B 371 24.24 23.29 -4.61
CA PRO B 371 22.82 23.39 -4.99
C PRO B 371 22.35 22.17 -5.78
N GLU B 372 23.14 21.74 -6.76
CA GLU B 372 22.77 20.59 -7.57
C GLU B 372 22.76 19.30 -6.74
N ALA B 373 23.81 19.12 -5.95
CA ALA B 373 23.95 17.93 -5.10
C ALA B 373 22.73 17.75 -4.21
N HIS B 374 22.26 18.85 -3.65
CA HIS B 374 21.10 18.81 -2.78
C HIS B 374 19.80 18.45 -3.50
N ALA B 375 19.61 19.01 -4.70
CA ALA B 375 18.43 18.74 -5.52
C ALA B 375 18.36 17.27 -5.89
N CYS B 376 19.44 16.75 -6.47
N CYS B 376 19.42 16.75 -6.49
CA CYS B 376 19.50 15.35 -6.87
CA CYS B 376 19.46 15.34 -6.90
C CYS B 376 19.21 14.43 -5.71
C CYS B 376 19.20 14.40 -5.71
N THR B 377 19.92 14.62 -4.61
CA THR B 377 19.75 13.78 -3.43
C THR B 377 18.30 13.83 -2.94
N ALA B 378 17.75 15.03 -2.74
CA ALA B 378 16.38 15.16 -2.26
C ALA B 378 15.37 14.48 -3.19
N GLY B 379 15.52 14.75 -4.49
CA GLY B 379 14.64 14.19 -5.49
C GLY B 379 14.75 12.69 -5.62
N LEU B 380 15.97 12.18 -5.57
CA LEU B 380 16.18 10.74 -5.69
C LEU B 380 15.65 10.02 -4.47
N LYS B 381 15.80 10.64 -3.31
CA LYS B 381 15.31 10.05 -2.06
C LYS B 381 13.79 9.91 -2.20
N SER B 382 13.15 10.95 -2.71
CA SER B 382 11.69 10.96 -2.91
C SER B 382 11.26 9.95 -3.97
N LEU B 383 11.93 9.98 -5.11
CA LEU B 383 11.58 9.09 -6.20
C LEU B 383 11.70 7.61 -5.85
N THR B 384 12.86 7.20 -5.36
CA THR B 384 13.12 5.80 -5.02
C THR B 384 12.27 5.26 -3.88
N THR B 385 12.06 6.06 -2.82
CA THR B 385 11.27 5.58 -1.69
C THR B 385 9.82 5.39 -2.09
N THR B 386 9.29 6.34 -2.85
CA THR B 386 7.91 6.26 -3.31
C THR B 386 7.78 5.03 -4.20
N ALA B 387 8.66 4.89 -5.18
CA ALA B 387 8.57 3.75 -6.10
C ALA B 387 8.73 2.42 -5.37
N THR B 388 9.60 2.39 -4.37
CA THR B 388 9.87 1.15 -3.62
C THR B 388 8.68 0.74 -2.76
N ALA B 389 8.13 1.70 -2.01
CA ALA B 389 6.99 1.43 -1.15
C ALA B 389 5.83 0.87 -1.97
N ASP B 390 5.50 1.55 -3.06
CA ASP B 390 4.41 1.05 -3.90
C ASP B 390 4.79 -0.32 -4.49
N GLY B 391 6.05 -0.47 -4.90
CA GLY B 391 6.51 -1.73 -5.48
C GLY B 391 6.40 -2.92 -4.54
N ILE B 392 6.65 -2.70 -3.25
CA ILE B 392 6.58 -3.76 -2.27
C ILE B 392 5.15 -4.23 -2.09
N GLU B 393 4.20 -3.29 -2.02
CA GLU B 393 2.80 -3.65 -1.87
C GLU B 393 2.30 -4.35 -3.14
N GLU B 394 2.81 -3.92 -4.29
CA GLU B 394 2.40 -4.53 -5.55
C GLU B 394 2.93 -5.97 -5.62
N CYS B 395 4.08 -6.22 -5.02
CA CYS B 395 4.61 -7.58 -5.04
C CYS B 395 3.72 -8.45 -4.18
N ARG B 396 3.12 -7.86 -3.15
CA ARG B 396 2.24 -8.65 -2.29
C ARG B 396 1.01 -9.06 -3.10
N LYS B 397 0.43 -8.13 -3.86
CA LYS B 397 -0.74 -8.43 -4.68
C LYS B 397 -0.40 -9.46 -5.75
N LEU B 398 0.84 -9.44 -6.22
CA LEU B 398 1.28 -10.38 -7.24
C LEU B 398 1.28 -11.81 -6.71
N CYS B 399 1.25 -11.97 -5.38
CA CYS B 399 1.23 -13.30 -4.78
C CYS B 399 -0.20 -13.74 -4.44
N GLY B 400 -1.20 -13.04 -5.00
CA GLY B 400 -2.58 -13.41 -4.76
C GLY B 400 -2.98 -13.54 -3.30
N GLY B 401 -3.92 -14.44 -3.01
CA GLY B 401 -4.38 -14.64 -1.65
C GLY B 401 -3.30 -14.91 -0.61
N HIS B 402 -2.40 -15.85 -0.90
CA HIS B 402 -1.33 -16.21 0.03
C HIS B 402 -0.42 -15.05 0.37
N GLY B 403 -0.35 -14.04 -0.49
CA GLY B 403 0.49 -12.91 -0.17
C GLY B 403 -0.05 -12.14 1.02
N TYR B 404 -1.31 -12.38 1.41
CA TYR B 404 -1.93 -11.69 2.54
C TYR B 404 -1.48 -12.28 3.88
N LEU B 405 -0.91 -13.47 3.85
CA LEU B 405 -0.42 -14.11 5.07
C LEU B 405 0.90 -13.49 5.51
N TRP B 406 1.01 -13.19 6.80
CA TRP B 406 2.24 -12.61 7.32
C TRP B 406 3.51 -13.41 6.93
N CYS B 407 3.41 -14.75 6.93
CA CYS B 407 4.57 -15.58 6.62
C CYS B 407 5.04 -15.43 5.17
N SER B 408 4.33 -14.63 4.37
CA SER B 408 4.80 -14.41 3.00
C SER B 408 5.98 -13.41 3.03
N GLY B 409 6.17 -12.76 4.18
CA GLY B 409 7.25 -11.80 4.33
C GLY B 409 6.98 -10.43 3.76
N LEU B 410 5.94 -10.32 2.94
CA LEU B 410 5.63 -9.05 2.28
C LEU B 410 4.87 -8.02 3.12
N PRO B 411 3.88 -8.46 3.90
CA PRO B 411 3.11 -7.51 4.74
C PRO B 411 4.05 -6.74 5.68
N GLU B 412 4.90 -7.44 6.42
CA GLU B 412 5.80 -6.76 7.32
C GLU B 412 6.81 -5.88 6.57
N LEU B 413 7.32 -6.36 5.44
CA LEU B 413 8.30 -5.59 4.69
C LEU B 413 7.74 -4.23 4.26
N PHE B 414 6.49 -4.20 3.83
CA PHE B 414 5.85 -2.97 3.41
C PHE B 414 5.71 -2.04 4.61
N ALA B 415 5.17 -2.56 5.69
CA ALA B 415 4.97 -1.75 6.89
C ALA B 415 6.29 -1.20 7.43
N VAL B 416 7.33 -2.03 7.47
CA VAL B 416 8.60 -1.56 8.01
C VAL B 416 9.28 -0.57 7.07
N TYR B 417 9.03 -0.69 5.77
CA TYR B 417 9.65 0.21 4.79
C TYR B 417 9.01 1.60 4.61
N VAL B 418 7.67 1.66 4.61
CA VAL B 418 6.92 2.91 4.38
C VAL B 418 7.36 4.18 5.08
N PRO B 419 7.92 4.07 6.27
CA PRO B 419 8.36 5.30 6.94
C PRO B 419 9.38 6.05 6.06
N ALA B 420 10.03 5.33 5.15
CA ALA B 420 11.03 5.92 4.25
C ALA B 420 10.45 7.09 3.44
N CYS B 421 9.15 7.08 3.23
CA CYS B 421 8.53 8.16 2.48
C CYS B 421 8.24 9.39 3.32
N THR B 422 8.48 9.29 4.63
CA THR B 422 8.22 10.45 5.49
C THR B 422 9.43 10.93 6.28
N TYR B 423 10.23 10.01 6.81
CA TYR B 423 11.39 10.44 7.58
C TYR B 423 12.40 11.08 6.65
N GLU B 424 13.17 12.01 7.21
CA GLU B 424 14.18 12.76 6.45
C GLU B 424 13.48 13.70 5.47
N GLY B 425 12.23 14.03 5.75
CA GLY B 425 11.49 14.92 4.89
C GLY B 425 10.41 14.26 4.06
N ASP B 426 9.21 14.82 4.11
CA ASP B 426 8.06 14.32 3.35
C ASP B 426 8.40 14.32 1.86
N ASN B 427 8.11 13.19 1.20
CA ASN B 427 8.41 13.01 -0.21
C ASN B 427 7.91 14.10 -1.16
N VAL B 428 6.72 14.64 -0.89
CA VAL B 428 6.18 15.68 -1.73
C VAL B 428 6.90 17.00 -1.46
N VAL B 429 7.17 17.26 -0.18
CA VAL B 429 7.88 18.46 0.19
C VAL B 429 9.27 18.46 -0.46
N LEU B 430 9.95 17.32 -0.43
CA LEU B 430 11.29 17.23 -1.02
C LEU B 430 11.29 17.50 -2.53
N GLN B 431 10.28 17.02 -3.23
CA GLN B 431 10.20 17.23 -4.67
C GLN B 431 9.91 18.69 -5.00
N LEU B 432 9.29 19.41 -4.07
CA LEU B 432 9.01 20.82 -4.29
C LEU B 432 10.33 21.61 -4.24
N GLN B 433 11.26 21.13 -3.44
CA GLN B 433 12.57 21.78 -3.34
C GLN B 433 13.27 21.61 -4.67
N VAL B 434 13.15 20.43 -5.27
CA VAL B 434 13.79 20.18 -6.56
C VAL B 434 13.16 21.12 -7.59
N ALA B 435 11.84 21.25 -7.55
CA ALA B 435 11.12 22.12 -8.47
C ALA B 435 11.67 23.54 -8.37
N ARG B 436 11.84 24.05 -7.16
CA ARG B 436 12.38 25.41 -7.00
C ARG B 436 13.76 25.48 -7.66
N PHE B 437 14.59 24.47 -7.45
CA PHE B 437 15.93 24.42 -8.04
C PHE B 437 15.84 24.44 -9.57
N LEU B 438 14.89 23.67 -10.11
CA LEU B 438 14.72 23.60 -11.55
C LEU B 438 14.25 24.94 -12.09
N MET B 439 13.34 25.60 -11.37
CA MET B 439 12.83 26.89 -11.79
C MET B 439 13.94 27.93 -11.81
N LYS B 440 14.82 27.91 -10.82
CA LYS B 440 15.93 28.85 -10.78
C LYS B 440 16.90 28.58 -11.93
N THR B 441 17.16 27.30 -12.19
CA THR B 441 18.08 26.92 -13.26
C THR B 441 17.54 27.41 -14.59
N VAL B 442 16.22 27.30 -14.75
CA VAL B 442 15.58 27.75 -15.97
C VAL B 442 15.67 29.27 -16.05
N ALA B 443 15.50 29.93 -14.90
CA ALA B 443 15.58 31.39 -14.82
C ALA B 443 16.92 31.86 -15.34
N GLN B 444 17.96 31.09 -15.02
CA GLN B 444 19.31 31.42 -15.48
C GLN B 444 19.46 30.78 -16.87
N LEU B 445 19.03 31.52 -17.89
CA LEU B 445 19.06 31.05 -19.28
C LEU B 445 20.44 30.78 -19.89
N GLY B 446 21.29 30.02 -19.18
CA GLY B 446 22.62 29.72 -19.70
C GLY B 446 23.38 31.01 -19.96
N SER B 447 22.92 32.09 -19.35
CA SER B 447 23.55 33.39 -19.49
C SER B 447 24.09 33.80 -18.12
N GLY B 448 25.35 33.50 -17.88
CA GLY B 448 26.00 33.82 -16.62
C GLY B 448 26.99 32.71 -16.27
N LYS B 449 26.58 31.49 -16.56
CA LYS B 449 27.37 30.28 -16.31
C LYS B 449 26.45 29.12 -16.74
N VAL B 450 26.92 28.33 -17.69
CA VAL B 450 26.14 27.22 -18.22
C VAL B 450 25.74 26.13 -17.23
N PRO B 451 24.62 25.44 -17.52
CA PRO B 451 24.13 24.36 -16.67
C PRO B 451 25.04 23.14 -16.88
N VAL B 452 25.51 22.56 -15.78
CA VAL B 452 26.39 21.39 -15.83
C VAL B 452 25.75 20.28 -14.98
N GLY B 453 26.53 19.27 -14.64
CA GLY B 453 26.03 18.18 -13.83
C GLY B 453 24.81 17.49 -14.40
N THR B 454 23.82 17.23 -13.55
CA THR B 454 22.60 16.55 -13.97
C THR B 454 21.60 17.45 -14.66
N THR B 455 21.92 18.75 -14.77
CA THR B 455 21.03 19.71 -15.42
C THR B 455 21.67 20.25 -16.71
N ALA B 456 22.79 19.65 -17.10
CA ALA B 456 23.50 20.08 -18.30
C ALA B 456 22.59 20.04 -19.52
N TYR B 457 21.75 19.02 -19.60
CA TYR B 457 20.84 18.88 -20.73
C TYR B 457 19.95 20.10 -20.87
N MET B 458 19.67 20.74 -19.74
CA MET B 458 18.80 21.91 -19.75
C MET B 458 19.45 23.03 -20.55
N GLY B 459 20.72 22.85 -20.91
CA GLY B 459 21.42 23.85 -21.68
C GLY B 459 21.16 23.68 -23.16
N ARG B 460 20.96 22.43 -23.58
CA ARG B 460 20.70 22.12 -24.97
C ARG B 460 19.22 22.21 -25.31
N ALA B 461 18.55 23.20 -24.72
CA ALA B 461 17.12 23.41 -24.95
C ALA B 461 16.82 23.70 -26.43
N ALA B 462 17.88 23.92 -27.20
CA ALA B 462 17.77 24.22 -28.62
C ALA B 462 17.02 23.14 -29.38
N HIS B 463 17.66 22.01 -29.61
CA HIS B 463 17.02 20.91 -30.33
C HIS B 463 16.06 20.14 -29.45
N LEU B 464 16.28 20.19 -28.14
CA LEU B 464 15.42 19.47 -27.20
C LEU B 464 13.98 19.96 -27.25
N LEU B 465 13.77 21.26 -27.05
CA LEU B 465 12.42 21.83 -27.08
C LEU B 465 11.84 21.91 -28.47
N GLN B 466 12.45 21.20 -29.42
CA GLN B 466 11.96 21.20 -30.79
C GLN B 466 12.44 19.97 -31.55
N CYS B 467 12.54 18.83 -30.86
CA CYS B 467 13.00 17.60 -31.49
C CYS B 467 11.93 16.72 -32.09
N ARG B 468 12.39 15.69 -32.78
CA ARG B 468 11.53 14.72 -33.42
C ARG B 468 12.30 13.43 -33.50
N SER B 469 12.07 12.54 -32.54
CA SER B 469 12.74 11.25 -32.50
C SER B 469 12.72 10.59 -33.88
N GLY B 470 13.83 9.95 -34.24
CA GLY B 470 13.92 9.30 -35.54
C GLY B 470 13.39 7.88 -35.52
N VAL B 471 12.85 7.46 -34.38
CA VAL B 471 12.33 6.12 -34.21
C VAL B 471 11.42 5.72 -35.38
N GLN B 472 11.76 4.60 -36.02
CA GLN B 472 10.99 4.09 -37.15
C GLN B 472 10.69 2.62 -36.91
N LYS B 473 11.43 2.01 -35.99
CA LYS B 473 11.26 0.60 -35.66
C LYS B 473 11.42 0.41 -34.16
N ALA B 474 10.71 -0.58 -33.62
CA ALA B 474 10.75 -0.87 -32.19
C ALA B 474 12.18 -0.94 -31.67
N GLU B 475 13.04 -1.60 -32.43
CA GLU B 475 14.44 -1.78 -32.08
C GLU B 475 15.16 -0.46 -31.80
N ASP B 476 14.65 0.63 -32.39
CA ASP B 476 15.29 1.93 -32.18
C ASP B 476 15.20 2.40 -30.73
N TRP B 477 14.25 1.87 -29.97
CA TRP B 477 14.09 2.29 -28.59
C TRP B 477 15.12 1.64 -27.66
N LEU B 478 16.07 0.90 -28.24
CA LEU B 478 17.12 0.26 -27.45
C LEU B 478 18.39 1.09 -27.57
N ASN B 479 18.29 2.19 -28.30
CA ASN B 479 19.44 3.09 -28.47
C ASN B 479 19.47 4.10 -27.32
N PRO B 480 20.60 4.16 -26.59
CA PRO B 480 20.76 5.08 -25.46
C PRO B 480 20.51 6.56 -25.76
N ASP B 481 20.97 7.02 -26.92
CA ASP B 481 20.76 8.42 -27.32
C ASP B 481 19.29 8.72 -27.60
N VAL B 482 18.58 7.73 -28.12
CA VAL B 482 17.17 7.92 -28.43
C VAL B 482 16.37 8.02 -27.12
N VAL B 483 16.75 7.20 -26.15
CA VAL B 483 16.07 7.20 -24.87
C VAL B 483 16.39 8.47 -24.11
N LEU B 484 17.67 8.80 -24.00
CA LEU B 484 18.08 9.98 -23.27
C LEU B 484 17.44 11.24 -23.83
N GLU B 485 17.46 11.37 -25.15
CA GLU B 485 16.86 12.53 -25.81
C GLU B 485 15.40 12.66 -25.43
N ALA B 486 14.68 11.54 -25.50
CA ALA B 486 13.26 11.54 -25.15
C ALA B 486 13.02 12.00 -23.71
N PHE B 487 13.76 11.43 -22.75
CA PHE B 487 13.59 11.80 -21.35
C PHE B 487 14.06 13.23 -21.03
N GLU B 488 15.14 13.68 -21.66
CA GLU B 488 15.64 15.03 -21.42
C GLU B 488 14.64 16.04 -21.95
N ALA B 489 14.16 15.81 -23.17
CA ALA B 489 13.18 16.70 -23.78
C ALA B 489 11.90 16.76 -22.94
N ARG B 490 11.40 15.60 -22.53
CA ARG B 490 10.19 15.54 -21.74
C ARG B 490 10.31 16.31 -20.42
N ALA B 491 11.44 16.16 -19.74
CA ALA B 491 11.69 16.86 -18.48
C ALA B 491 11.86 18.36 -18.69
N LEU B 492 12.72 18.74 -19.64
CA LEU B 492 12.97 20.14 -19.96
C LEU B 492 11.67 20.83 -20.38
N ARG B 493 10.91 20.15 -21.24
CA ARG B 493 9.66 20.69 -21.72
C ARG B 493 8.70 21.00 -20.58
N MET B 494 8.55 20.06 -19.66
CA MET B 494 7.67 20.24 -18.51
C MET B 494 8.15 21.39 -17.63
N ALA B 495 9.45 21.49 -17.42
CA ALA B 495 10.02 22.55 -16.58
C ALA B 495 9.84 23.93 -17.23
N VAL B 496 10.15 24.02 -18.52
CA VAL B 496 10.01 25.28 -19.24
C VAL B 496 8.56 25.74 -19.24
N THR B 497 7.64 24.80 -19.34
CA THR B 497 6.22 25.11 -19.34
C THR B 497 5.81 25.67 -17.97
N CYS B 498 6.32 25.05 -16.90
CA CYS B 498 6.00 25.52 -15.54
C CYS B 498 6.55 26.93 -15.33
N ALA B 499 7.73 27.20 -15.88
CA ALA B 499 8.34 28.51 -15.74
C ALA B 499 7.49 29.59 -16.44
N LYS B 500 7.07 29.30 -17.66
CA LYS B 500 6.24 30.23 -18.40
C LYS B 500 4.93 30.50 -17.68
N ASN B 501 4.28 29.44 -17.22
CA ASN B 501 3.00 29.60 -16.52
C ASN B 501 3.21 30.37 -15.21
N LEU B 502 4.39 30.22 -14.62
CA LEU B 502 4.67 30.96 -13.40
C LEU B 502 4.76 32.44 -13.73
N SER B 503 5.58 32.78 -14.74
CA SER B 503 5.80 34.16 -15.16
C SER B 503 4.53 34.98 -15.41
N LYS B 504 3.38 34.32 -15.58
CA LYS B 504 2.17 35.08 -15.83
C LYS B 504 1.34 35.37 -14.59
N PHE B 505 2.02 35.38 -13.44
CA PHE B 505 1.40 35.68 -12.15
C PHE B 505 2.08 36.93 -11.62
N GLU B 506 1.32 37.80 -10.97
CA GLU B 506 1.90 39.02 -10.41
C GLU B 506 2.83 38.63 -9.26
N ASN B 507 2.32 37.81 -8.35
CA ASN B 507 3.10 37.34 -7.21
C ASN B 507 3.64 35.96 -7.55
N GLN B 508 4.96 35.87 -7.74
CA GLN B 508 5.62 34.61 -8.09
C GLN B 508 5.39 33.47 -7.11
N GLU B 509 5.29 33.78 -5.81
CA GLU B 509 5.06 32.75 -4.82
C GLU B 509 3.62 32.26 -4.93
N GLN B 510 2.71 33.16 -5.28
CA GLN B 510 1.30 32.78 -5.45
C GLN B 510 1.19 31.82 -6.62
N GLY B 511 1.88 32.13 -7.71
CA GLY B 511 1.86 31.27 -8.88
C GLY B 511 2.45 29.91 -8.57
N PHE B 512 3.53 29.89 -7.81
CA PHE B 512 4.21 28.65 -7.43
C PHE B 512 3.23 27.76 -6.67
N GLN B 513 2.48 28.36 -5.74
CA GLN B 513 1.50 27.62 -4.92
C GLN B 513 0.33 27.11 -5.76
N GLU B 514 -0.09 27.90 -6.73
CA GLU B 514 -1.19 27.53 -7.61
C GLU B 514 -0.81 26.32 -8.47
N LEU B 515 0.44 26.30 -8.96
CA LEU B 515 0.89 25.23 -9.83
C LEU B 515 1.71 24.14 -9.13
N LEU B 516 1.54 23.99 -7.83
CA LEU B 516 2.29 22.98 -7.06
C LEU B 516 2.27 21.60 -7.68
N ALA B 517 1.08 21.13 -8.05
CA ALA B 517 0.96 19.80 -8.64
C ALA B 517 1.80 19.69 -9.91
N ASP B 518 1.73 20.70 -10.77
CA ASP B 518 2.50 20.69 -12.01
C ASP B 518 4.01 20.69 -11.73
N LEU B 519 4.40 21.44 -10.72
CA LEU B 519 5.82 21.55 -10.39
C LEU B 519 6.39 20.24 -9.89
N VAL B 520 5.61 19.51 -9.10
CA VAL B 520 6.04 18.22 -8.58
C VAL B 520 6.21 17.21 -9.71
N GLU B 521 5.31 17.27 -10.70
CA GLU B 521 5.39 16.34 -11.84
C GLU B 521 6.67 16.61 -12.65
N ALA B 522 7.03 17.88 -12.83
CA ALA B 522 8.23 18.25 -13.58
C ALA B 522 9.49 17.81 -12.84
N ALA B 523 9.47 17.94 -11.51
CA ALA B 523 10.60 17.55 -10.69
C ALA B 523 10.77 16.03 -10.74
N ILE B 524 9.65 15.31 -10.75
CA ILE B 524 9.70 13.85 -10.84
C ILE B 524 10.28 13.43 -12.17
N ALA B 525 9.88 14.10 -13.25
CA ALA B 525 10.41 13.77 -14.59
C ALA B 525 11.92 13.98 -14.62
N HIS B 526 12.39 15.03 -13.96
CA HIS B 526 13.82 15.32 -13.89
C HIS B 526 14.55 14.18 -13.16
N CYS B 527 14.04 13.79 -12.00
CA CYS B 527 14.64 12.70 -11.22
C CYS B 527 14.65 11.38 -11.99
N GLN B 528 13.61 11.10 -12.77
CA GLN B 528 13.55 9.87 -13.55
C GLN B 528 14.62 9.88 -14.62
N LEU B 529 14.82 11.03 -15.25
CA LEU B 529 15.85 11.18 -16.27
C LEU B 529 17.19 10.80 -15.65
N ILE B 530 17.45 11.31 -14.45
CA ILE B 530 18.71 11.01 -13.76
C ILE B 530 18.89 9.49 -13.56
N VAL B 531 17.85 8.81 -13.11
CA VAL B 531 17.93 7.37 -12.88
C VAL B 531 18.21 6.67 -14.22
N VAL B 532 17.47 7.05 -15.25
CA VAL B 532 17.67 6.43 -16.55
C VAL B 532 19.07 6.65 -17.10
N SER B 533 19.58 7.87 -16.97
CA SER B 533 20.91 8.22 -17.46
C SER B 533 22.02 7.49 -16.71
N LYS B 534 21.83 7.26 -15.42
CA LYS B 534 22.84 6.55 -14.63
C LYS B 534 22.86 5.05 -14.94
N PHE B 535 21.72 4.50 -15.30
CA PHE B 535 21.64 3.08 -15.67
C PHE B 535 22.34 2.90 -17.02
N ILE B 536 22.07 3.80 -17.96
CA ILE B 536 22.69 3.75 -19.28
C ILE B 536 24.21 3.94 -19.13
N ALA B 537 24.62 4.77 -18.17
CA ALA B 537 26.03 5.02 -17.94
C ALA B 537 26.68 3.77 -17.35
N LYS B 538 25.92 3.05 -16.53
CA LYS B 538 26.43 1.85 -15.90
C LYS B 538 26.80 0.81 -16.94
N LEU B 539 26.00 0.73 -18.00
CA LEU B 539 26.23 -0.23 -19.07
C LEU B 539 27.44 0.11 -19.91
N GLU B 540 27.97 1.32 -19.75
CA GLU B 540 29.14 1.75 -20.51
C GLU B 540 30.42 1.26 -19.84
N GLN B 541 30.28 0.77 -18.61
CA GLN B 541 31.41 0.27 -17.85
C GLN B 541 31.74 -1.16 -18.27
N ASP B 542 32.89 -1.66 -17.84
CA ASP B 542 33.29 -3.02 -18.17
C ASP B 542 32.68 -3.95 -17.11
N ILE B 543 31.72 -4.76 -17.53
CA ILE B 543 31.06 -5.69 -16.62
C ILE B 543 31.25 -7.13 -17.12
N GLY B 544 32.08 -7.89 -16.40
CA GLY B 544 32.35 -9.25 -16.81
C GLY B 544 31.24 -10.25 -16.49
N GLY B 545 31.28 -11.40 -17.16
CA GLY B 545 30.30 -12.43 -16.93
C GLY B 545 29.50 -12.78 -18.16
N LYS B 546 29.43 -14.08 -18.48
CA LYS B 546 28.66 -14.50 -19.64
C LYS B 546 27.21 -14.02 -19.56
N GLY B 547 26.82 -13.22 -20.54
CA GLY B 547 25.48 -12.70 -20.63
C GLY B 547 25.03 -11.72 -19.57
N VAL B 548 25.93 -11.35 -18.67
CA VAL B 548 25.62 -10.43 -17.60
C VAL B 548 25.20 -9.04 -18.12
N LYS B 549 26.09 -8.39 -18.86
CA LYS B 549 25.78 -7.07 -19.38
C LYS B 549 24.51 -7.07 -20.23
N LYS B 550 24.29 -8.16 -20.96
CA LYS B 550 23.12 -8.28 -21.81
C LYS B 550 21.83 -8.23 -20.98
N GLN B 551 21.81 -8.94 -19.86
CA GLN B 551 20.62 -8.91 -19.02
C GLN B 551 20.44 -7.55 -18.37
N LEU B 552 21.54 -6.89 -18.00
CA LEU B 552 21.42 -5.55 -17.41
C LEU B 552 20.88 -4.58 -18.46
N ASN B 553 21.25 -4.82 -19.72
CA ASN B 553 20.78 -3.98 -20.83
C ASN B 553 19.28 -4.16 -20.95
N ASN B 554 18.81 -5.40 -20.86
CA ASN B 554 17.37 -5.66 -20.94
C ASN B 554 16.63 -4.87 -19.84
N LEU B 555 17.09 -4.99 -18.61
CA LEU B 555 16.46 -4.30 -17.49
C LEU B 555 16.53 -2.79 -17.66
N CYS B 556 17.69 -2.30 -18.12
CA CYS B 556 17.87 -0.87 -18.32
C CYS B 556 16.77 -0.29 -19.20
N TYR B 557 16.52 -0.93 -20.35
CA TYR B 557 15.51 -0.40 -21.24
C TYR B 557 14.09 -0.72 -20.85
N ILE B 558 13.90 -1.75 -20.02
CA ILE B 558 12.58 -2.09 -19.49
C ILE B 558 12.20 -0.94 -18.55
N TYR B 559 13.13 -0.52 -17.70
CA TYR B 559 12.88 0.58 -16.76
C TYR B 559 12.46 1.84 -17.53
N ALA B 560 13.28 2.24 -18.50
CA ALA B 560 13.02 3.43 -19.30
C ALA B 560 11.72 3.35 -20.11
N LEU B 561 11.55 2.27 -20.86
CA LEU B 561 10.36 2.12 -21.68
C LEU B 561 9.09 1.98 -20.83
N TYR B 562 9.23 1.43 -19.63
CA TYR B 562 8.07 1.30 -18.75
C TYR B 562 7.62 2.67 -18.29
N LEU B 563 8.58 3.52 -17.91
CA LEU B 563 8.25 4.86 -17.44
C LEU B 563 7.71 5.70 -18.61
N LEU B 564 8.27 5.49 -19.80
CA LEU B 564 7.78 6.23 -20.96
C LEU B 564 6.30 5.91 -21.16
N HIS B 565 5.96 4.64 -21.06
CA HIS B 565 4.58 4.21 -21.22
C HIS B 565 3.70 4.73 -20.09
N LYS B 566 4.17 4.60 -18.86
CA LYS B 566 3.42 5.05 -17.69
C LYS B 566 3.15 6.56 -17.73
N HIS B 567 4.10 7.33 -18.24
CA HIS B 567 3.96 8.79 -18.32
C HIS B 567 3.86 9.23 -19.78
N LEU B 568 3.31 8.35 -20.61
CA LEU B 568 3.15 8.60 -22.04
C LEU B 568 2.69 10.03 -22.34
N GLY B 569 1.67 10.49 -21.61
CA GLY B 569 1.15 11.84 -21.80
C GLY B 569 2.22 12.92 -21.80
N ASP B 570 3.22 12.79 -20.92
CA ASP B 570 4.32 13.76 -20.84
C ASP B 570 5.16 13.79 -22.11
N PHE B 571 5.46 12.61 -22.66
CA PHE B 571 6.27 12.53 -23.89
C PHE B 571 5.53 12.97 -25.16
N LEU B 572 4.26 12.58 -25.31
CA LEU B 572 3.48 12.97 -26.48
C LEU B 572 3.22 14.47 -26.56
N SER B 573 3.32 15.16 -25.43
CA SER B 573 3.11 16.61 -25.42
C SER B 573 4.29 17.37 -26.03
N THR B 574 5.45 16.74 -26.10
CA THR B 574 6.65 17.37 -26.64
C THR B 574 6.70 17.39 -28.16
N ASN B 575 5.87 16.56 -28.79
CA ASN B 575 5.83 16.47 -30.25
C ASN B 575 7.14 15.90 -30.80
N CYS B 576 7.99 15.47 -29.89
CA CYS B 576 9.28 14.87 -30.25
C CYS B 576 9.06 13.36 -30.37
N ILE B 577 7.90 12.92 -29.88
CA ILE B 577 7.49 11.51 -29.93
C ILE B 577 6.07 11.45 -30.46
N THR B 578 5.82 10.59 -31.44
CA THR B 578 4.49 10.46 -32.03
C THR B 578 3.79 9.21 -31.48
N PRO B 579 2.46 9.14 -31.61
CA PRO B 579 1.74 7.97 -31.11
C PRO B 579 2.26 6.66 -31.70
N LYS B 580 2.69 6.71 -32.95
CA LYS B 580 3.21 5.52 -33.61
C LYS B 580 4.53 5.07 -32.99
N GLN B 581 5.38 6.04 -32.69
CA GLN B 581 6.67 5.70 -32.09
C GLN B 581 6.43 5.21 -30.66
N ALA B 582 5.33 5.66 -30.06
CA ALA B 582 4.98 5.29 -28.69
C ALA B 582 4.54 3.83 -28.70
N SER B 583 3.84 3.45 -29.76
CA SER B 583 3.36 2.09 -29.91
C SER B 583 4.54 1.16 -30.17
N LEU B 584 5.59 1.69 -30.80
CA LEU B 584 6.80 0.92 -31.07
C LEU B 584 7.57 0.65 -29.77
N ALA B 585 7.52 1.61 -28.87
CA ALA B 585 8.22 1.48 -27.58
C ALA B 585 7.53 0.38 -26.78
N ASN B 586 6.20 0.35 -26.86
CA ASN B 586 5.41 -0.67 -26.17
C ASN B 586 5.72 -2.06 -26.71
N ASP B 587 5.93 -2.18 -28.02
CA ASP B 587 6.27 -3.48 -28.63
C ASP B 587 7.64 -3.91 -28.13
N GLN B 588 8.57 -2.97 -28.06
CA GLN B 588 9.91 -3.28 -27.57
C GLN B 588 9.85 -3.71 -26.12
N LEU B 589 9.03 -3.03 -25.32
CA LEU B 589 8.88 -3.35 -23.92
C LEU B 589 8.37 -4.79 -23.79
N ARG B 590 7.36 -5.14 -24.58
CA ARG B 590 6.77 -6.49 -24.58
C ARG B 590 7.85 -7.54 -24.88
N SER B 591 8.60 -7.32 -25.95
CA SER B 591 9.66 -8.21 -26.34
C SER B 591 10.70 -8.36 -25.22
N LEU B 592 11.05 -7.26 -24.55
CA LEU B 592 12.03 -7.32 -23.45
C LEU B 592 11.50 -8.17 -22.29
N TYR B 593 10.19 -8.18 -22.09
CA TYR B 593 9.63 -9.00 -21.03
C TYR B 593 9.89 -10.47 -21.38
N THR B 594 9.54 -10.86 -22.61
CA THR B 594 9.74 -12.22 -23.09
C THR B 594 11.20 -12.64 -22.98
N GLN B 595 12.12 -11.69 -23.19
CA GLN B 595 13.53 -12.00 -23.09
C GLN B 595 13.98 -12.18 -21.65
N VAL B 596 13.40 -11.40 -20.74
CA VAL B 596 13.78 -11.47 -19.34
C VAL B 596 13.13 -12.66 -18.62
N ARG B 597 11.97 -13.08 -19.10
CA ARG B 597 11.23 -14.20 -18.50
C ARG B 597 12.06 -15.40 -18.06
N PRO B 598 12.88 -15.97 -18.98
CA PRO B 598 13.69 -17.13 -18.61
C PRO B 598 14.81 -16.81 -17.64
N ASN B 599 15.15 -15.53 -17.54
CA ASN B 599 16.20 -15.07 -16.65
C ASN B 599 15.71 -14.57 -15.30
N ALA B 600 14.38 -14.43 -15.16
CA ALA B 600 13.77 -13.87 -13.94
C ALA B 600 14.27 -14.44 -12.62
N VAL B 601 14.06 -15.73 -12.40
CA VAL B 601 14.47 -16.33 -11.16
C VAL B 601 15.95 -16.13 -10.87
N ALA B 602 16.81 -16.33 -11.86
CA ALA B 602 18.25 -16.14 -11.68
C ALA B 602 18.55 -14.67 -11.35
N LEU B 603 17.80 -13.74 -11.96
CA LEU B 603 18.05 -12.33 -11.69
C LEU B 603 17.77 -11.96 -10.22
N VAL B 604 16.88 -12.69 -9.54
CA VAL B 604 16.64 -12.38 -8.14
C VAL B 604 17.57 -13.20 -7.24
N ASP B 605 18.09 -14.31 -7.77
CA ASP B 605 19.02 -15.13 -6.99
C ASP B 605 20.31 -14.33 -6.86
N ALA B 606 20.55 -13.45 -7.83
CA ALA B 606 21.76 -12.62 -7.81
C ALA B 606 21.84 -11.78 -6.53
N PHE B 607 20.70 -11.57 -5.88
CA PHE B 607 20.65 -10.77 -4.64
C PHE B 607 21.37 -11.54 -3.53
N ASN B 608 21.43 -12.86 -3.70
CA ASN B 608 22.12 -13.71 -2.74
C ASN B 608 21.52 -13.69 -1.33
N TYR B 609 20.21 -13.55 -1.23
CA TYR B 609 19.53 -13.50 0.06
C TYR B 609 19.32 -14.88 0.65
N THR B 610 19.52 -15.01 1.96
CA THR B 610 19.31 -16.29 2.64
C THR B 610 17.81 -16.38 2.95
N ASP B 611 17.30 -17.58 3.19
CA ASP B 611 15.88 -17.73 3.50
C ASP B 611 15.60 -17.04 4.83
N HIS B 612 16.58 -17.07 5.72
CA HIS B 612 16.42 -16.45 7.02
C HIS B 612 16.16 -14.95 6.86
N TYR B 613 16.93 -14.30 5.99
CA TYR B 613 16.78 -12.87 5.78
C TYR B 613 15.47 -12.53 5.07
N LEU B 614 15.14 -13.30 4.04
CA LEU B 614 13.90 -13.09 3.29
C LEU B 614 12.69 -13.34 4.16
N ASN B 615 12.81 -14.31 5.06
CA ASN B 615 11.72 -14.66 5.99
C ASN B 615 10.41 -14.79 5.24
N SER B 616 10.42 -15.58 4.17
CA SER B 616 9.26 -15.75 3.31
C SER B 616 9.04 -17.17 2.87
N VAL B 617 7.84 -17.66 3.09
CA VAL B 617 7.49 -19.02 2.70
C VAL B 617 7.24 -19.04 1.18
N LEU B 618 6.64 -17.99 0.65
CA LEU B 618 6.35 -17.95 -0.77
C LEU B 618 7.63 -17.76 -1.59
N GLY B 619 8.61 -17.10 -0.97
CA GLY B 619 9.86 -16.82 -1.64
C GLY B 619 11.05 -17.69 -1.33
N ARG B 620 10.79 -18.85 -0.71
CA ARG B 620 11.86 -19.77 -0.35
C ARG B 620 12.71 -20.08 -1.57
N TYR B 621 14.01 -20.18 -1.35
CA TYR B 621 14.96 -20.50 -2.40
C TYR B 621 14.57 -21.79 -3.14
N ASP B 622 14.19 -22.82 -2.40
CA ASP B 622 13.85 -24.10 -3.03
C ASP B 622 12.46 -24.23 -3.62
N GLY B 623 11.66 -23.18 -3.50
CA GLY B 623 10.32 -23.21 -4.05
C GLY B 623 9.36 -24.21 -3.41
N ASN B 624 9.69 -24.71 -2.22
CA ASN B 624 8.82 -25.68 -1.53
C ASN B 624 7.79 -24.90 -0.71
N VAL B 625 6.94 -24.16 -1.43
CA VAL B 625 5.94 -23.29 -0.82
C VAL B 625 4.77 -23.92 -0.05
N TYR B 626 3.96 -24.69 -0.74
CA TYR B 626 2.77 -25.23 -0.12
C TYR B 626 3.02 -26.02 1.15
N PRO B 627 3.97 -26.95 1.13
CA PRO B 627 4.22 -27.71 2.35
C PRO B 627 4.64 -26.79 3.49
N LYS B 628 5.44 -25.78 3.19
CA LYS B 628 5.92 -24.85 4.21
C LYS B 628 4.84 -23.91 4.73
N LEU B 629 3.83 -23.66 3.91
CA LEU B 629 2.73 -22.80 4.34
C LEU B 629 1.97 -23.53 5.43
N PHE B 630 1.74 -24.83 5.22
CA PHE B 630 1.03 -25.66 6.17
C PHE B 630 1.83 -25.72 7.46
N GLU B 631 3.13 -25.96 7.34
CA GLU B 631 4.02 -26.02 8.50
C GLU B 631 3.93 -24.75 9.35
N GLU B 632 3.93 -23.60 8.70
CA GLU B 632 3.86 -22.35 9.44
C GLU B 632 2.53 -22.14 10.13
N ALA B 633 1.44 -22.50 9.45
CA ALA B 633 0.11 -22.33 10.02
C ALA B 633 0.00 -23.01 11.38
N LEU B 634 0.58 -24.20 11.48
CA LEU B 634 0.54 -24.96 12.73
C LEU B 634 1.20 -24.24 13.91
N LYS B 635 2.12 -23.32 13.61
CA LYS B 635 2.83 -22.58 14.67
C LYS B 635 2.00 -21.47 15.29
N ASP B 636 0.91 -21.07 14.63
CA ASP B 636 0.08 -20.00 15.18
C ASP B 636 -0.52 -20.44 16.51
N PRO B 637 -0.51 -19.55 17.52
CA PRO B 637 -1.05 -19.84 18.85
C PRO B 637 -2.52 -20.25 18.82
N LEU B 638 -3.27 -19.78 17.82
CA LEU B 638 -4.68 -20.12 17.67
C LEU B 638 -4.83 -21.64 17.42
N ASN B 639 -3.74 -22.27 16.99
CA ASN B 639 -3.80 -23.72 16.77
C ASN B 639 -3.29 -24.51 17.95
N ASP B 640 -3.26 -23.89 19.13
CA ASP B 640 -2.80 -24.59 20.33
C ASP B 640 -3.86 -25.60 20.75
N SER B 641 -5.05 -25.49 20.17
CA SER B 641 -6.16 -26.40 20.47
C SER B 641 -7.20 -26.32 19.36
N VAL B 642 -7.83 -27.46 19.05
CA VAL B 642 -8.85 -27.53 18.01
C VAL B 642 -10.10 -26.81 18.44
N VAL B 643 -10.37 -26.81 19.74
CA VAL B 643 -11.52 -26.12 20.30
C VAL B 643 -11.01 -24.79 20.86
N PRO B 644 -11.43 -23.67 20.26
CA PRO B 644 -11.03 -22.33 20.67
C PRO B 644 -11.48 -21.90 22.06
N ASP B 645 -10.63 -21.13 22.74
CA ASP B 645 -10.97 -20.62 24.06
C ASP B 645 -12.03 -19.56 23.81
N GLY B 646 -13.17 -19.71 24.49
CA GLY B 646 -14.27 -18.78 24.31
C GLY B 646 -15.46 -19.56 23.76
N TYR B 647 -15.19 -20.77 23.31
CA TYR B 647 -16.22 -21.65 22.76
C TYR B 647 -17.35 -21.88 23.77
N GLN B 648 -16.99 -22.27 24.99
CA GLN B 648 -17.93 -22.56 26.06
C GLN B 648 -18.82 -21.38 26.43
N GLU B 649 -18.24 -20.17 26.41
CA GLU B 649 -18.99 -18.98 26.77
C GLU B 649 -19.70 -18.29 25.60
N TYR B 650 -19.06 -18.25 24.44
CA TYR B 650 -19.65 -17.51 23.33
C TYR B 650 -20.13 -18.28 22.11
N LEU B 651 -19.82 -19.58 22.04
CA LEU B 651 -20.26 -20.38 20.91
C LEU B 651 -21.33 -21.40 21.30
N ARG B 652 -21.08 -22.16 22.37
CA ARG B 652 -22.04 -23.18 22.81
C ARG B 652 -23.41 -22.58 23.10
N PRO B 653 -23.48 -21.46 23.84
CA PRO B 653 -24.76 -20.83 24.16
C PRO B 653 -25.58 -20.44 22.94
N VAL B 654 -24.89 -20.05 21.88
CA VAL B 654 -25.55 -19.64 20.64
C VAL B 654 -26.13 -20.86 19.93
N LEU B 655 -25.31 -21.89 19.82
CA LEU B 655 -25.70 -23.14 19.17
C LEU B 655 -26.80 -23.87 19.92
N GLN B 656 -27.10 -23.43 21.15
CA GLN B 656 -28.15 -24.08 21.94
C GLN B 656 -29.33 -23.17 22.25
N GLN B 657 -29.39 -22.04 21.55
CA GLN B 657 -30.47 -21.07 21.72
C GLN B 657 -30.65 -20.73 23.20
N GLN B 658 -29.55 -20.37 23.86
CA GLN B 658 -29.60 -20.04 25.28
C GLN B 658 -29.18 -18.60 25.54
N LEU B 659 -29.19 -17.78 24.50
CA LEU B 659 -28.81 -16.38 24.63
C LEU B 659 -29.77 -15.62 25.53
#